data_5G60
#
_entry.id   5G60
#
_cell.length_a   71.030
_cell.length_b   129.740
_cell.length_c   120.280
_cell.angle_alpha   90.00
_cell.angle_beta   96.34
_cell.angle_gamma   90.00
#
_symmetry.space_group_name_H-M   'P 1 21 1'
#
loop_
_entity.id
_entity.type
_entity.pdbx_description
1 polymer 'ABC TRANSPORTER, SUBSTRATE-BINDING PROTEIN'
2 branched beta-D-fructofuranose-(2-1)-beta-D-fructofuranose-(2-1)-beta-D-fructofuranose-(2-1)-alpha-D-glucopyranose
3 non-polymer 'CALCIUM ION'
4 non-polymer GLYCEROL
5 non-polymer 'CHLORIDE ION'
6 water water
#
_entity_poly.entity_id   1
_entity_poly.type   'polypeptide(L)'
_entity_poly.pdbx_seq_one_letter_code
;GPKTLKFMTASSPLSPKDPNEKLILQRLEKETGVHIDWTNYQSDFAEKRNLDISSGDLPDAIHNDGASDVDLMNWAKKGV
IIPVEDLIDKYMPNLKKILDEKPEYKALMTAPDGHIYSFPWIEELGDGKESIHSVNDMAWINKDWLKKLGLEMPKTTDDL
IKVLEAFKNGDPNGNGEADEIPFSFISGNGNEDFKFLFAAFGIGDNDDHLVVGNDGKVDFTADNDNYKEGVKFIRQLQEK
GLIDKEAFEHDWNSYIAKGHDQKFGVYFTWDKNNVTGSNESYDVLPVLAGPSGQKHVARTNGMGFARDKMVITSVNKNLE
LTAKWIDAQYAPLQSVQNNWGTYGDDKQQNIFELDQASNSLKHLPLNGTAPAELRQKTEVGGPLAILDSYYGKVTTMPDD
AKWRLDLIKEYYVPYMSNVNNYPRVFMTQEDLDKIAHIEADMNDYIYRKRAEWIVNGNIDTEWDDYKKELEKYGLSDYLA
IKQKYYDQYQANKN
;
_entity_poly.pdbx_strand_id   A,B,C,D
#
loop_
_chem_comp.id
_chem_comp.type
_chem_comp.name
_chem_comp.formula
CA non-polymer 'CALCIUM ION' 'Ca 2'
CL non-polymer 'CHLORIDE ION' 'Cl -1'
FRU D-saccharide, beta linking beta-D-fructofuranose 'C6 H12 O6'
GLC D-saccharide, alpha linking alpha-D-glucopyranose 'C6 H12 O6'
GOL non-polymer GLYCEROL 'C3 H8 O3'
#
# COMPACT_ATOMS: atom_id res chain seq x y z
N THR A 4 -43.33 -30.68 -38.62
CA THR A 4 -42.14 -31.11 -39.45
C THR A 4 -41.35 -30.00 -40.17
N LEU A 5 -40.08 -29.79 -39.81
CA LEU A 5 -39.18 -28.88 -40.54
C LEU A 5 -37.89 -29.59 -41.06
N LYS A 6 -37.31 -29.08 -42.15
CA LYS A 6 -36.04 -29.64 -42.71
C LYS A 6 -34.84 -28.74 -42.31
N PHE A 7 -33.97 -29.25 -41.42
CA PHE A 7 -32.75 -28.55 -41.08
C PHE A 7 -31.46 -29.24 -41.59
N MET A 8 -30.63 -28.46 -42.30
CA MET A 8 -29.19 -28.76 -42.41
C MET A 8 -28.51 -28.48 -41.08
N THR A 9 -27.58 -29.35 -40.71
CA THR A 9 -26.75 -29.12 -39.51
C THR A 9 -25.30 -29.66 -39.68
N ALA A 10 -24.46 -29.32 -38.68
CA ALA A 10 -23.07 -29.77 -38.62
C ALA A 10 -22.93 -30.47 -37.32
N SER A 11 -22.31 -31.64 -37.35
CA SER A 11 -22.02 -32.37 -36.11
C SER A 11 -20.71 -33.15 -36.22
N SER A 12 -20.31 -33.68 -35.08
CA SER A 12 -19.07 -34.45 -35.00
C SER A 12 -19.29 -35.81 -35.63
N PRO A 13 -18.25 -36.35 -36.30
CA PRO A 13 -18.28 -37.75 -36.78
C PRO A 13 -18.48 -38.79 -35.68
N LEU A 14 -18.19 -38.44 -34.43
CA LEU A 14 -18.50 -39.33 -33.35
C LEU A 14 -19.99 -39.42 -32.97
N SER A 15 -20.81 -38.52 -33.46
CA SER A 15 -22.19 -38.43 -33.06
C SER A 15 -23.01 -39.25 -34.07
N PRO A 16 -24.29 -39.59 -33.74
CA PRO A 16 -25.11 -40.40 -34.68
C PRO A 16 -25.36 -39.67 -36.00
N LYS A 17 -25.31 -40.42 -37.11
CA LYS A 17 -25.56 -39.86 -38.44
C LYS A 17 -26.92 -39.15 -38.54
N ASP A 18 -27.90 -39.64 -37.81
CA ASP A 18 -29.17 -38.98 -37.75
C ASP A 18 -29.19 -38.29 -36.37
N PRO A 19 -29.18 -36.94 -36.38
CA PRO A 19 -29.21 -36.19 -35.10
C PRO A 19 -30.36 -36.58 -34.13
N ASN A 20 -31.46 -37.07 -34.66
CA ASN A 20 -32.61 -37.52 -33.83
C ASN A 20 -32.31 -38.70 -32.93
N GLU A 21 -31.20 -39.38 -33.17
CA GLU A 21 -30.74 -40.35 -32.20
C GLU A 21 -30.18 -39.75 -30.93
N LYS A 22 -29.83 -38.47 -30.95
CA LYS A 22 -29.43 -37.78 -29.76
C LYS A 22 -30.60 -37.63 -28.75
N LEU A 23 -30.32 -37.97 -27.51
CA LEU A 23 -31.32 -37.96 -26.48
C LEU A 23 -31.97 -36.61 -26.33
N ILE A 24 -31.13 -35.57 -26.39
CA ILE A 24 -31.62 -34.21 -26.32
C ILE A 24 -32.72 -33.97 -27.37
N LEU A 25 -32.47 -34.38 -28.59
CA LEU A 25 -33.42 -34.05 -29.66
C LEU A 25 -34.70 -34.88 -29.58
N GLN A 26 -34.61 -36.03 -28.95
CA GLN A 26 -35.76 -36.86 -28.68
C GLN A 26 -36.69 -36.13 -27.72
N ARG A 27 -36.17 -35.87 -26.51
CA ARG A 27 -36.88 -35.03 -25.53
C ARG A 27 -37.47 -33.73 -26.13
N LEU A 28 -36.74 -33.15 -27.06
CA LEU A 28 -37.12 -31.88 -27.66
C LEU A 28 -38.33 -32.02 -28.57
N GLU A 29 -38.29 -33.04 -29.42
CA GLU A 29 -39.44 -33.38 -30.24
C GLU A 29 -40.72 -33.64 -29.37
N LYS A 30 -40.59 -34.33 -28.24
CA LYS A 30 -41.70 -34.52 -27.30
C LYS A 30 -42.19 -33.16 -26.84
N GLU A 31 -41.26 -32.31 -26.32
CA GLU A 31 -41.61 -30.99 -25.82
C GLU A 31 -42.20 -30.09 -26.87
N THR A 32 -41.58 -30.00 -28.04
CA THR A 32 -42.04 -29.01 -29.03
C THR A 32 -43.16 -29.54 -29.87
N GLY A 33 -43.27 -30.87 -29.98
CA GLY A 33 -44.03 -31.48 -31.04
C GLY A 33 -43.59 -31.24 -32.47
N VAL A 34 -42.37 -30.71 -32.69
CA VAL A 34 -41.79 -30.62 -34.03
C VAL A 34 -40.76 -31.73 -34.26
N HIS A 35 -40.89 -32.38 -35.40
CA HIS A 35 -39.97 -33.35 -35.91
C HIS A 35 -39.13 -32.64 -36.92
N ILE A 36 -37.84 -32.72 -36.71
CA ILE A 36 -36.89 -32.24 -37.70
C ILE A 36 -36.36 -33.38 -38.59
N ASP A 37 -36.44 -33.14 -39.88
CA ASP A 37 -35.73 -33.93 -40.83
C ASP A 37 -34.33 -33.28 -41.05
N TRP A 38 -33.29 -33.95 -40.58
CA TRP A 38 -31.94 -33.42 -40.65
C TRP A 38 -31.20 -33.84 -41.93
N THR A 39 -30.52 -32.88 -42.57
CA THR A 39 -29.38 -33.18 -43.45
C THR A 39 -28.11 -32.85 -42.63
N ASN A 40 -27.41 -33.89 -42.17
CA ASN A 40 -26.36 -33.80 -41.19
C ASN A 40 -24.98 -34.05 -41.83
N TYR A 41 -24.18 -33.01 -42.05
CA TYR A 41 -22.81 -33.19 -42.55
C TYR A 41 -21.84 -33.30 -41.39
N GLN A 42 -21.04 -34.37 -41.36
CA GLN A 42 -20.09 -34.54 -40.27
C GLN A 42 -18.61 -34.38 -40.60
N SER A 43 -18.32 -34.09 -41.85
CA SER A 43 -17.00 -33.65 -42.29
C SER A 43 -17.25 -32.60 -43.39
N ASP A 44 -16.39 -31.59 -43.51
CA ASP A 44 -16.46 -30.63 -44.61
C ASP A 44 -17.84 -29.97 -44.73
N PHE A 45 -18.43 -29.64 -43.57
CA PHE A 45 -19.77 -29.08 -43.59
C PHE A 45 -19.85 -27.84 -44.49
N ALA A 46 -18.88 -26.94 -44.31
CA ALA A 46 -18.96 -25.66 -44.98
C ALA A 46 -19.01 -25.87 -46.49
N GLU A 47 -18.15 -26.74 -47.00
CA GLU A 47 -18.10 -26.99 -48.46
C GLU A 47 -19.39 -27.67 -48.96
N LYS A 48 -19.84 -28.68 -48.23
CA LYS A 48 -21.06 -29.41 -48.61
C LYS A 48 -22.29 -28.48 -48.53
N ARG A 49 -22.37 -27.64 -47.49
CA ARG A 49 -23.43 -26.62 -47.38
C ARG A 49 -23.45 -25.71 -48.57
N ASN A 50 -22.28 -25.24 -48.95
CA ASN A 50 -22.18 -24.32 -50.08
C ASN A 50 -22.61 -24.94 -51.39
N LEU A 51 -22.37 -26.24 -51.56
CA LEU A 51 -22.81 -26.93 -52.80
C LEU A 51 -24.34 -27.00 -52.83
N ASP A 52 -24.93 -27.37 -51.70
CA ASP A 52 -26.40 -27.31 -51.53
C ASP A 52 -26.96 -25.95 -51.85
N ILE A 53 -26.32 -24.89 -51.34
CA ILE A 53 -26.75 -23.53 -51.63
C ILE A 53 -26.58 -23.18 -53.09
N SER A 54 -25.42 -23.55 -53.66
CA SER A 54 -25.16 -23.24 -55.06
C SER A 54 -26.10 -23.95 -56.03
N SER A 55 -26.61 -25.12 -55.63
CA SER A 55 -27.50 -25.91 -56.46
C SER A 55 -28.95 -25.59 -56.21
N GLY A 56 -29.24 -24.67 -55.28
CA GLY A 56 -30.60 -24.28 -54.95
C GLY A 56 -31.36 -25.30 -54.13
N ASP A 57 -30.64 -26.15 -53.41
CA ASP A 57 -31.18 -27.30 -52.71
C ASP A 57 -31.22 -26.98 -51.19
N LEU A 58 -32.08 -26.01 -50.84
CA LEU A 58 -32.01 -25.36 -49.52
C LEU A 58 -32.92 -26.06 -48.55
N PRO A 59 -32.48 -26.22 -47.30
CA PRO A 59 -33.41 -26.67 -46.26
C PRO A 59 -34.32 -25.50 -45.84
N ASP A 60 -35.08 -25.70 -44.78
CA ASP A 60 -35.85 -24.59 -44.15
C ASP A 60 -34.94 -23.63 -43.36
N ALA A 61 -33.87 -24.17 -42.81
CA ALA A 61 -32.93 -23.38 -42.04
C ALA A 61 -31.64 -24.19 -41.93
N ILE A 62 -30.51 -23.50 -41.74
CA ILE A 62 -29.22 -24.14 -41.52
C ILE A 62 -28.85 -23.93 -40.07
N HIS A 63 -28.83 -25.05 -39.34
CA HIS A 63 -28.58 -25.13 -37.92
C HIS A 63 -27.08 -25.35 -37.67
N ASN A 64 -26.56 -24.76 -36.58
CA ASN A 64 -25.12 -24.90 -36.23
C ASN A 64 -24.15 -24.52 -37.37
N ASP A 65 -24.54 -23.47 -38.07
CA ASP A 65 -23.95 -23.10 -39.33
C ASP A 65 -22.53 -22.54 -39.21
N GLY A 66 -22.35 -21.52 -38.38
CA GLY A 66 -21.05 -20.89 -38.26
C GLY A 66 -20.58 -20.20 -39.54
N ALA A 67 -21.46 -19.63 -40.32
CA ALA A 67 -21.00 -18.92 -41.49
C ALA A 67 -20.16 -17.64 -41.14
N SER A 68 -19.23 -17.31 -42.01
CA SER A 68 -18.51 -16.05 -41.98
C SER A 68 -19.48 -14.93 -42.25
N ASP A 69 -19.06 -13.75 -41.85
CA ASP A 69 -19.84 -12.53 -42.14
C ASP A 69 -20.04 -12.28 -43.63
N VAL A 70 -19.00 -12.45 -44.44
CA VAL A 70 -19.14 -12.26 -45.90
C VAL A 70 -20.17 -13.23 -46.49
N ASP A 71 -20.15 -14.49 -46.05
CA ASP A 71 -21.16 -15.47 -46.48
C ASP A 71 -22.56 -15.02 -46.13
N LEU A 72 -22.72 -14.58 -44.90
CA LEU A 72 -24.00 -14.18 -44.37
C LEU A 72 -24.59 -13.01 -45.18
N MET A 73 -23.81 -11.97 -45.40
CA MET A 73 -24.25 -10.86 -46.21
C MET A 73 -24.47 -11.22 -47.68
N ASN A 74 -23.59 -12.02 -48.29
CA ASN A 74 -23.81 -12.47 -49.66
C ASN A 74 -25.14 -13.20 -49.80
N TRP A 75 -25.40 -14.13 -48.89
CA TRP A 75 -26.64 -14.87 -48.87
C TRP A 75 -27.88 -13.97 -48.69
N ALA A 76 -27.77 -12.95 -47.82
CA ALA A 76 -28.87 -12.01 -47.60
C ALA A 76 -29.11 -11.24 -48.87
N LYS A 77 -28.04 -10.72 -49.48
CA LYS A 77 -28.19 -9.95 -50.73
C LYS A 77 -28.80 -10.78 -51.87
N LYS A 78 -28.44 -12.06 -51.96
CA LYS A 78 -29.01 -12.91 -52.99
C LYS A 78 -30.33 -13.55 -52.58
N GLY A 79 -30.80 -13.30 -51.37
CA GLY A 79 -32.11 -13.82 -50.94
C GLY A 79 -32.12 -15.29 -50.61
N VAL A 80 -30.96 -15.81 -50.18
CA VAL A 80 -30.83 -17.19 -49.81
C VAL A 80 -31.42 -17.31 -48.44
N ILE A 81 -31.09 -16.35 -47.57
CA ILE A 81 -31.61 -16.30 -46.20
C ILE A 81 -32.43 -15.02 -46.03
N ILE A 82 -33.20 -14.97 -44.96
CA ILE A 82 -34.06 -13.85 -44.65
C ILE A 82 -33.64 -13.10 -43.39
N PRO A 83 -34.04 -11.81 -43.30
CA PRO A 83 -33.86 -11.11 -42.04
C PRO A 83 -34.90 -11.62 -41.05
N VAL A 84 -34.50 -11.69 -39.79
CA VAL A 84 -35.28 -12.37 -38.77
C VAL A 84 -35.74 -11.45 -37.64
N GLU A 85 -35.40 -10.16 -37.66
CA GLU A 85 -35.68 -9.30 -36.48
C GLU A 85 -37.16 -9.21 -36.10
N ASP A 86 -38.03 -9.15 -37.10
CA ASP A 86 -39.50 -9.17 -36.87
C ASP A 86 -39.91 -10.48 -36.20
N LEU A 87 -39.28 -11.59 -36.61
CA LEU A 87 -39.58 -12.90 -35.98
C LEU A 87 -39.17 -12.98 -34.53
N ILE A 88 -38.11 -12.27 -34.17
CA ILE A 88 -37.70 -12.25 -32.77
C ILE A 88 -38.73 -11.51 -31.93
N ASP A 89 -39.14 -10.33 -32.42
CA ASP A 89 -40.12 -9.43 -31.76
C ASP A 89 -41.45 -10.13 -31.56
N LYS A 90 -41.96 -10.73 -32.63
CA LYS A 90 -43.26 -11.40 -32.62
C LYS A 90 -43.29 -12.73 -31.91
N TYR A 91 -42.26 -13.58 -32.00
CA TYR A 91 -42.40 -15.01 -31.53
C TYR A 91 -41.40 -15.58 -30.57
N MET A 92 -40.45 -14.79 -30.11
CA MET A 92 -39.31 -15.34 -29.39
C MET A 92 -39.07 -14.69 -28.04
N PRO A 93 -39.92 -15.01 -27.03
CA PRO A 93 -39.81 -14.38 -25.72
C PRO A 93 -38.54 -14.76 -24.95
N ASN A 94 -38.06 -15.99 -25.09
CA ASN A 94 -36.79 -16.37 -24.45
C ASN A 94 -35.64 -15.51 -24.92
N LEU A 95 -35.56 -15.31 -26.23
CA LEU A 95 -34.48 -14.53 -26.81
C LEU A 95 -34.56 -13.03 -26.44
N LYS A 96 -35.78 -12.50 -26.50
CA LYS A 96 -36.07 -11.11 -26.06
C LYS A 96 -35.61 -10.89 -24.64
N LYS A 97 -35.93 -11.81 -23.76
CA LYS A 97 -35.46 -11.73 -22.37
C LYS A 97 -33.94 -11.52 -22.32
N ILE A 98 -33.23 -12.41 -23.03
CA ILE A 98 -31.75 -12.41 -23.05
C ILE A 98 -31.25 -11.08 -23.54
N LEU A 99 -31.80 -10.62 -24.65
CA LEU A 99 -31.36 -9.38 -25.26
C LEU A 99 -31.68 -8.15 -24.41
N ASP A 100 -32.80 -8.18 -23.68
CA ASP A 100 -33.12 -7.12 -22.70
C ASP A 100 -32.14 -7.13 -21.55
N GLU A 101 -31.82 -8.30 -20.97
CA GLU A 101 -30.79 -8.33 -19.90
C GLU A 101 -29.39 -7.96 -20.39
N LYS A 102 -29.06 -8.27 -21.65
CA LYS A 102 -27.69 -8.07 -22.17
C LYS A 102 -27.81 -7.49 -23.59
N PRO A 103 -28.12 -6.17 -23.65
CA PRO A 103 -28.40 -5.56 -24.91
C PRO A 103 -27.23 -5.51 -25.84
N GLU A 104 -26.02 -5.61 -25.32
CA GLU A 104 -24.83 -5.64 -26.19
C GLU A 104 -24.91 -6.80 -27.24
N TYR A 105 -25.53 -7.94 -26.90
CA TYR A 105 -25.64 -9.00 -27.91
C TYR A 105 -26.53 -8.59 -29.08
N LYS A 106 -27.57 -7.80 -28.81
CA LYS A 106 -28.39 -7.29 -29.93
C LYS A 106 -27.59 -6.42 -30.93
N ALA A 107 -26.76 -5.55 -30.39
CA ALA A 107 -25.82 -4.79 -31.22
C ALA A 107 -24.97 -5.78 -32.06
N LEU A 108 -24.37 -6.77 -31.40
CA LEU A 108 -23.53 -7.76 -32.08
C LEU A 108 -24.26 -8.57 -33.17
N MET A 109 -25.59 -8.69 -33.06
CA MET A 109 -26.41 -9.45 -34.01
C MET A 109 -26.83 -8.67 -35.24
N THR A 110 -26.67 -7.36 -35.19
CA THR A 110 -27.30 -6.51 -36.14
C THR A 110 -26.27 -6.09 -37.16
N ALA A 111 -26.62 -6.22 -38.43
CA ALA A 111 -25.75 -5.88 -39.53
C ALA A 111 -25.88 -4.39 -39.75
N PRO A 112 -24.92 -3.78 -40.42
CA PRO A 112 -25.04 -2.33 -40.59
C PRO A 112 -26.24 -1.84 -41.46
N ASP A 113 -26.87 -2.71 -42.26
CA ASP A 113 -28.13 -2.35 -42.96
C ASP A 113 -29.34 -2.30 -42.00
N GLY A 114 -29.16 -2.66 -40.73
CA GLY A 114 -30.21 -2.59 -39.76
C GLY A 114 -30.87 -3.91 -39.51
N HIS A 115 -30.65 -4.92 -40.35
CA HIS A 115 -31.28 -6.22 -40.15
C HIS A 115 -30.50 -7.18 -39.21
N ILE A 116 -31.19 -8.17 -38.66
CA ILE A 116 -30.54 -9.29 -38.04
C ILE A 116 -30.76 -10.48 -38.97
N TYR A 117 -29.68 -11.21 -39.25
CA TYR A 117 -29.72 -12.33 -40.24
C TYR A 117 -29.47 -13.71 -39.66
N SER A 118 -29.20 -13.79 -38.36
CA SER A 118 -28.74 -15.02 -37.77
C SER A 118 -28.97 -15.05 -36.30
N PHE A 119 -29.09 -16.27 -35.72
CA PHE A 119 -29.27 -16.47 -34.28
C PHE A 119 -27.96 -16.90 -33.68
N PRO A 120 -27.51 -16.24 -32.59
CA PRO A 120 -26.15 -16.51 -32.08
C PRO A 120 -26.03 -17.59 -31.04
N TRP A 121 -24.77 -17.92 -30.76
CA TRP A 121 -24.31 -18.72 -29.67
C TRP A 121 -23.65 -17.74 -28.72
N ILE A 122 -23.99 -17.82 -27.44
CA ILE A 122 -23.48 -16.94 -26.43
C ILE A 122 -23.12 -17.86 -25.30
N GLU A 123 -21.89 -17.74 -24.84
CA GLU A 123 -21.41 -18.48 -23.71
C GLU A 123 -20.46 -17.57 -22.93
N GLU A 124 -20.89 -17.15 -21.75
CA GLU A 124 -20.13 -16.27 -20.88
C GLU A 124 -19.25 -17.10 -19.96
N LEU A 125 -17.95 -16.96 -20.18
CA LEU A 125 -16.90 -17.62 -19.41
C LEU A 125 -15.69 -16.67 -19.44
N GLY A 126 -15.57 -15.85 -18.40
CA GLY A 126 -14.50 -14.84 -18.30
C GLY A 126 -14.82 -13.62 -19.09
N ASP A 127 -14.18 -12.54 -18.72
CA ASP A 127 -14.39 -11.25 -19.39
C ASP A 127 -13.03 -10.62 -19.66
N GLY A 128 -12.92 -9.93 -20.79
CA GLY A 128 -11.70 -9.26 -21.21
C GLY A 128 -10.51 -10.17 -21.36
N LYS A 129 -9.41 -9.79 -20.73
CA LYS A 129 -8.22 -10.63 -20.68
C LYS A 129 -8.48 -12.00 -20.10
N GLU A 130 -9.37 -12.04 -19.11
CA GLU A 130 -9.75 -13.28 -18.46
C GLU A 130 -10.70 -14.19 -19.28
N SER A 131 -11.19 -13.71 -20.41
CA SER A 131 -11.92 -14.60 -21.31
C SER A 131 -11.23 -15.95 -21.45
N ILE A 132 -12.02 -17.03 -21.41
CA ILE A 132 -11.50 -18.38 -21.67
C ILE A 132 -10.90 -18.49 -23.09
N HIS A 133 -11.35 -17.62 -24.00
CA HIS A 133 -10.87 -17.55 -25.37
C HIS A 133 -9.54 -16.80 -25.61
N SER A 134 -9.03 -16.14 -24.57
CA SER A 134 -7.87 -15.25 -24.69
C SER A 134 -6.66 -15.98 -25.25
N VAL A 135 -6.47 -17.22 -24.80
CA VAL A 135 -5.48 -18.12 -25.38
C VAL A 135 -6.19 -19.39 -25.81
N ASN A 136 -5.99 -19.81 -27.05
CA ASN A 136 -6.53 -21.11 -27.61
C ASN A 136 -5.50 -22.25 -27.60
N ASP A 137 -4.36 -22.03 -28.25
CA ASP A 137 -3.30 -23.01 -28.35
C ASP A 137 -2.30 -22.97 -27.19
N MET A 138 -2.77 -23.37 -26.01
CA MET A 138 -1.88 -23.39 -24.84
C MET A 138 -0.77 -24.38 -25.01
N ALA A 139 0.40 -24.08 -24.41
CA ALA A 139 1.54 -25.01 -24.46
C ALA A 139 1.61 -25.85 -23.20
N TRP A 140 1.85 -27.15 -23.40
CA TRP A 140 1.87 -28.14 -22.36
C TRP A 140 3.24 -28.82 -22.38
N ILE A 141 3.74 -29.18 -21.19
CA ILE A 141 5.07 -29.77 -21.02
C ILE A 141 5.05 -30.99 -20.11
N ASN A 142 5.88 -31.98 -20.47
CA ASN A 142 5.93 -33.22 -19.71
C ASN A 142 6.81 -32.99 -18.50
N LYS A 143 6.15 -32.78 -17.40
CA LYS A 143 6.81 -32.54 -16.14
C LYS A 143 7.42 -33.81 -15.60
N ASP A 144 6.84 -34.98 -15.91
CA ASP A 144 7.46 -36.26 -15.54
C ASP A 144 8.86 -36.31 -16.08
N TRP A 145 9.04 -36.01 -17.36
CA TRP A 145 10.35 -36.02 -17.94
C TRP A 145 11.30 -35.07 -17.29
N LEU A 146 10.81 -33.87 -16.97
CA LEU A 146 11.67 -32.87 -16.36
C LEU A 146 12.20 -33.43 -15.04
N LYS A 147 11.27 -33.91 -14.20
CA LYS A 147 11.56 -34.40 -12.85
C LYS A 147 12.53 -35.59 -12.98
N LYS A 148 12.24 -36.52 -13.90
CA LYS A 148 13.13 -37.63 -14.26
C LYS A 148 14.56 -37.24 -14.68
N LEU A 149 14.72 -36.18 -15.49
CA LEU A 149 16.04 -35.75 -15.96
C LEU A 149 16.74 -34.72 -15.04
N GLY A 150 16.15 -34.41 -13.90
CA GLY A 150 16.68 -33.38 -13.00
C GLY A 150 16.66 -31.97 -13.55
N LEU A 151 15.63 -31.65 -14.33
CA LEU A 151 15.61 -30.35 -15.04
C LEU A 151 14.60 -29.44 -14.41
N GLU A 152 14.91 -28.16 -14.32
CA GLU A 152 13.90 -27.21 -13.92
C GLU A 152 13.05 -26.80 -15.10
N MET A 153 11.84 -26.34 -14.78
CA MET A 153 10.90 -25.82 -15.76
C MET A 153 11.64 -24.73 -16.46
N PRO A 154 11.65 -24.74 -17.80
CA PRO A 154 12.34 -23.68 -18.53
C PRO A 154 11.74 -22.28 -18.31
N LYS A 155 12.59 -21.27 -18.17
CA LYS A 155 12.08 -19.89 -18.05
C LYS A 155 12.22 -19.03 -19.28
N THR A 156 13.06 -19.46 -20.24
CA THR A 156 13.42 -18.70 -21.41
C THR A 156 13.37 -19.61 -22.66
N THR A 157 13.31 -18.99 -23.82
CA THR A 157 13.42 -19.75 -25.08
C THR A 157 14.72 -20.59 -25.16
N ASP A 158 15.81 -20.06 -24.63
CA ASP A 158 17.07 -20.80 -24.57
C ASP A 158 16.98 -22.02 -23.68
N ASP A 159 16.39 -21.86 -22.48
CA ASP A 159 16.15 -22.99 -21.62
C ASP A 159 15.29 -24.05 -22.36
N LEU A 160 14.25 -23.60 -23.06
CA LEU A 160 13.38 -24.52 -23.76
C LEU A 160 14.19 -25.39 -24.73
N ILE A 161 15.12 -24.81 -25.48
CA ILE A 161 15.93 -25.56 -26.44
C ILE A 161 16.72 -26.67 -25.73
N LYS A 162 17.30 -26.35 -24.58
CA LYS A 162 18.10 -27.29 -23.80
C LYS A 162 17.23 -28.40 -23.28
N VAL A 163 16.08 -28.06 -22.71
CA VAL A 163 15.14 -29.06 -22.21
C VAL A 163 14.75 -30.05 -23.35
N LEU A 164 14.49 -29.51 -24.54
CA LEU A 164 14.01 -30.31 -25.64
C LEU A 164 15.11 -31.22 -26.13
N GLU A 165 16.35 -30.73 -26.05
CA GLU A 165 17.54 -31.51 -26.40
C GLU A 165 17.69 -32.66 -25.44
N ALA A 166 17.48 -32.39 -24.16
CA ALA A 166 17.54 -33.44 -23.16
C ALA A 166 16.42 -34.45 -23.35
N PHE A 167 15.24 -33.98 -23.76
CA PHE A 167 14.15 -34.90 -24.07
C PHE A 167 14.55 -35.79 -25.24
N LYS A 168 15.07 -35.17 -26.29
CA LYS A 168 15.46 -35.92 -27.45
C LYS A 168 16.45 -37.07 -27.16
N ASN A 169 17.49 -36.74 -26.41
CA ASN A 169 18.66 -37.60 -26.25
C ASN A 169 18.71 -38.31 -24.91
N GLY A 170 17.98 -37.82 -23.91
CA GLY A 170 18.14 -38.25 -22.55
C GLY A 170 17.29 -39.44 -22.16
N ASP A 171 16.46 -39.98 -23.07
CA ASP A 171 15.57 -41.11 -22.73
C ASP A 171 14.82 -40.90 -21.42
N PRO A 172 14.02 -39.84 -21.33
CA PRO A 172 13.35 -39.62 -20.07
C PRO A 172 12.30 -40.64 -19.72
N ASN A 173 11.62 -41.22 -20.70
CA ASN A 173 10.68 -42.30 -20.36
C ASN A 173 11.38 -43.66 -20.05
N GLY A 174 12.68 -43.77 -20.27
CA GLY A 174 13.47 -44.86 -19.74
C GLY A 174 13.15 -46.23 -20.33
N ASN A 175 13.05 -46.28 -21.64
CA ASN A 175 12.82 -47.55 -22.33
C ASN A 175 13.96 -47.90 -23.33
N GLY A 176 15.10 -47.25 -23.17
CA GLY A 176 16.24 -47.35 -24.08
C GLY A 176 15.98 -47.04 -25.54
N GLU A 177 14.84 -46.38 -25.85
CA GLU A 177 14.47 -46.01 -27.23
C GLU A 177 14.40 -44.50 -27.37
N ALA A 178 14.74 -44.01 -28.55
CA ALA A 178 14.65 -42.60 -28.91
C ALA A 178 13.24 -42.36 -29.39
N ASP A 179 12.26 -42.66 -28.55
CA ASP A 179 10.87 -42.56 -28.94
C ASP A 179 10.31 -41.16 -28.55
N GLU A 180 11.08 -40.36 -27.81
CA GLU A 180 10.60 -39.06 -27.34
C GLU A 180 10.47 -38.12 -28.52
N ILE A 181 9.27 -37.54 -28.69
CA ILE A 181 9.04 -36.47 -29.67
C ILE A 181 9.12 -35.14 -28.88
N PRO A 182 10.25 -34.41 -28.98
CA PRO A 182 10.41 -33.29 -28.05
C PRO A 182 9.31 -32.20 -28.17
N PHE A 183 8.98 -31.85 -29.41
CA PHE A 183 8.10 -30.72 -29.73
C PHE A 183 7.14 -31.15 -30.82
N SER A 184 5.84 -30.95 -30.64
CA SER A 184 4.84 -31.23 -31.67
C SER A 184 3.70 -30.26 -31.70
N PHE A 185 2.96 -30.32 -32.79
CA PHE A 185 1.90 -29.37 -33.07
C PHE A 185 1.21 -29.82 -34.32
N ILE A 186 0.05 -29.18 -34.59
CA ILE A 186 -0.66 -29.30 -35.83
C ILE A 186 -0.70 -27.91 -36.40
N SER A 187 -0.07 -27.75 -37.55
CA SER A 187 0.27 -26.45 -38.06
C SER A 187 -0.92 -25.79 -38.72
N GLY A 188 -1.20 -24.52 -38.40
CA GLY A 188 -2.28 -23.79 -39.08
C GLY A 188 -3.04 -22.98 -38.04
N ASN A 189 -4.29 -22.66 -38.32
CA ASN A 189 -5.20 -22.12 -37.33
C ASN A 189 -5.47 -23.17 -36.25
N GLY A 190 -6.05 -22.77 -35.14
CA GLY A 190 -6.57 -23.78 -34.17
C GLY A 190 -5.70 -24.03 -32.96
N ASN A 191 -6.19 -24.90 -32.12
CA ASN A 191 -5.72 -25.08 -30.80
C ASN A 191 -4.46 -25.82 -30.69
N GLU A 192 -4.03 -26.46 -31.77
CA GLU A 192 -2.81 -27.28 -31.72
C GLU A 192 -1.62 -26.62 -32.44
N ASP A 193 -1.78 -25.41 -32.94
CA ASP A 193 -0.71 -24.72 -33.56
C ASP A 193 0.32 -24.18 -32.55
N PHE A 194 1.54 -23.93 -33.05
CA PHE A 194 2.63 -23.41 -32.23
C PHE A 194 2.77 -21.86 -32.09
N LYS A 195 1.93 -21.07 -32.78
CA LYS A 195 2.08 -19.64 -32.82
C LYS A 195 2.05 -18.94 -31.46
N PHE A 196 1.52 -19.59 -30.43
CA PHE A 196 1.57 -19.10 -29.05
C PHE A 196 2.95 -18.67 -28.59
N LEU A 197 3.98 -19.42 -28.99
CA LEU A 197 5.36 -19.09 -28.65
C LEU A 197 5.91 -17.82 -29.34
N PHE A 198 5.26 -17.34 -30.41
CA PHE A 198 5.80 -16.22 -31.14
C PHE A 198 5.92 -14.95 -30.28
N ALA A 199 5.05 -14.82 -29.29
CA ALA A 199 5.06 -13.71 -28.38
C ALA A 199 6.30 -13.58 -27.49
N ALA A 200 6.98 -14.70 -27.24
CA ALA A 200 8.28 -14.70 -26.58
C ALA A 200 9.34 -13.88 -27.32
N PHE A 201 9.03 -13.43 -28.55
CA PHE A 201 9.87 -12.59 -29.34
C PHE A 201 9.26 -11.20 -29.52
N GLY A 202 8.16 -10.96 -28.81
CA GLY A 202 7.45 -9.73 -28.78
C GLY A 202 6.29 -9.84 -29.74
N ILE A 203 5.18 -9.16 -29.38
CA ILE A 203 3.96 -9.06 -30.17
C ILE A 203 3.23 -10.39 -30.41
N GLY A 204 3.91 -11.35 -31.04
CA GLY A 204 3.36 -12.69 -31.23
C GLY A 204 2.36 -12.64 -32.37
N ASP A 205 1.36 -13.50 -32.30
CA ASP A 205 0.51 -13.84 -33.47
C ASP A 205 -0.78 -14.52 -32.97
N ASN A 206 -1.81 -14.43 -33.79
CA ASN A 206 -3.02 -15.18 -33.59
C ASN A 206 -3.61 -15.61 -34.92
N ASP A 207 -4.75 -16.32 -34.89
CA ASP A 207 -5.36 -16.86 -36.10
C ASP A 207 -5.84 -15.81 -37.06
N ASP A 208 -6.07 -14.60 -36.57
CA ASP A 208 -6.38 -13.46 -37.43
C ASP A 208 -5.12 -12.78 -37.93
N HIS A 209 -3.95 -13.08 -37.34
CA HIS A 209 -2.72 -12.34 -37.56
C HIS A 209 -2.93 -10.82 -37.31
N LEU A 210 -3.69 -10.49 -36.26
CA LEU A 210 -4.15 -9.11 -36.07
C LEU A 210 -4.24 -8.88 -34.60
N VAL A 211 -3.43 -7.97 -34.10
CA VAL A 211 -3.53 -7.47 -32.76
C VAL A 211 -3.79 -5.96 -32.75
N VAL A 212 -4.11 -5.41 -31.57
CA VAL A 212 -4.36 -3.98 -31.40
C VAL A 212 -3.33 -3.45 -30.45
N GLY A 213 -2.47 -2.54 -30.96
CA GLY A 213 -1.51 -1.86 -30.11
C GLY A 213 -2.13 -0.93 -29.10
N ASN A 214 -1.37 -0.69 -28.04
CA ASN A 214 -1.73 0.28 -26.99
C ASN A 214 -1.72 1.73 -27.44
N ASP A 215 -1.20 1.94 -28.63
CA ASP A 215 -1.40 3.15 -29.43
C ASP A 215 -2.74 3.24 -30.22
N GLY A 216 -3.67 2.28 -30.04
CA GLY A 216 -4.87 2.20 -30.86
C GLY A 216 -4.68 1.81 -32.34
N LYS A 217 -3.46 1.43 -32.75
CA LYS A 217 -3.20 1.01 -34.17
C LYS A 217 -3.30 -0.51 -34.27
N VAL A 218 -4.09 -0.94 -35.25
CA VAL A 218 -4.22 -2.38 -35.61
C VAL A 218 -2.89 -2.86 -36.20
N ASP A 219 -2.34 -3.99 -35.77
CA ASP A 219 -0.99 -4.34 -36.21
C ASP A 219 -0.94 -5.57 -37.11
N PHE A 220 0.03 -5.67 -38.14
CA PHE A 220 -0.29 -6.89 -38.85
C PHE A 220 0.96 -7.56 -38.41
N THR A 221 0.49 -8.71 -37.80
CA THR A 221 1.45 -9.60 -37.09
C THR A 221 2.44 -10.33 -37.99
N ALA A 222 1.93 -10.83 -39.11
CA ALA A 222 2.70 -11.78 -39.93
C ALA A 222 3.72 -11.09 -40.89
N ASP A 223 3.81 -9.76 -40.80
CA ASP A 223 4.90 -8.98 -41.38
C ASP A 223 5.88 -8.37 -40.37
N ASN A 224 5.82 -8.78 -39.10
CA ASN A 224 6.68 -8.06 -38.13
C ASN A 224 8.04 -8.71 -38.01
N ASP A 225 9.09 -7.94 -37.81
CA ASP A 225 10.37 -8.58 -37.50
C ASP A 225 10.24 -9.61 -36.37
N ASN A 226 9.44 -9.29 -35.39
CA ASN A 226 9.18 -10.23 -34.29
C ASN A 226 8.68 -11.57 -34.79
N TYR A 227 7.81 -11.53 -35.79
CA TYR A 227 7.26 -12.75 -36.36
C TYR A 227 8.36 -13.55 -37.10
N LYS A 228 9.20 -12.79 -37.81
CA LYS A 228 10.42 -13.35 -38.41
C LYS A 228 11.25 -14.10 -37.40
N GLU A 229 11.51 -13.47 -36.26
CA GLU A 229 12.29 -14.13 -35.21
C GLU A 229 11.60 -15.40 -34.70
N GLY A 230 10.28 -15.37 -34.54
CA GLY A 230 9.55 -16.54 -34.05
C GLY A 230 9.72 -17.69 -35.02
N VAL A 231 9.61 -17.41 -36.32
CA VAL A 231 9.82 -18.45 -37.36
C VAL A 231 11.24 -19.00 -37.24
N LYS A 232 12.22 -18.12 -36.99
CA LYS A 232 13.61 -18.56 -36.87
C LYS A 232 13.89 -19.50 -35.69
N PHE A 233 13.15 -19.25 -34.62
CA PHE A 233 13.20 -20.05 -33.48
C PHE A 233 12.68 -21.48 -33.80
N ILE A 234 11.53 -21.56 -34.45
CA ILE A 234 10.98 -22.87 -34.79
C ILE A 234 11.90 -23.55 -35.80
N ARG A 235 12.51 -22.78 -36.70
CA ARG A 235 13.53 -23.32 -37.58
C ARG A 235 14.70 -23.94 -36.82
N GLN A 236 15.19 -23.28 -35.77
CA GLN A 236 16.25 -23.87 -34.92
C GLN A 236 15.87 -25.23 -34.35
N LEU A 237 14.61 -25.34 -33.95
CA LEU A 237 14.08 -26.54 -33.41
C LEU A 237 14.08 -27.61 -34.49
N GLN A 238 13.70 -27.23 -35.69
CA GLN A 238 13.72 -28.13 -36.79
C GLN A 238 15.15 -28.63 -37.08
N GLU A 239 16.07 -27.69 -37.31
CA GLU A 239 17.47 -27.99 -37.63
C GLU A 239 18.12 -28.89 -36.60
N LYS A 240 17.71 -28.78 -35.33
CA LYS A 240 18.20 -29.60 -34.25
C LYS A 240 17.44 -30.91 -34.09
N GLY A 241 16.45 -31.22 -34.94
CA GLY A 241 15.79 -32.55 -34.87
C GLY A 241 14.83 -32.67 -33.70
N LEU A 242 14.29 -31.54 -33.24
CA LEU A 242 13.45 -31.54 -32.05
C LEU A 242 11.94 -31.53 -32.37
N ILE A 243 11.59 -31.31 -33.63
CA ILE A 243 10.23 -31.29 -34.06
C ILE A 243 9.80 -32.71 -34.51
N ASP A 244 8.60 -33.13 -34.06
CA ASP A 244 7.86 -34.28 -34.62
C ASP A 244 8.07 -34.35 -36.13
N LYS A 245 8.67 -35.45 -36.60
CA LYS A 245 8.94 -35.66 -38.02
C LYS A 245 7.70 -35.62 -38.91
N GLU A 246 6.50 -35.80 -38.37
CA GLU A 246 5.27 -35.67 -39.14
C GLU A 246 4.39 -34.50 -38.77
N ALA A 247 5.00 -33.46 -38.16
CA ALA A 247 4.23 -32.29 -37.70
C ALA A 247 3.43 -31.62 -38.79
N PHE A 248 4.00 -31.54 -39.99
CA PHE A 248 3.31 -30.88 -41.11
C PHE A 248 2.43 -31.83 -41.90
N GLU A 249 2.32 -33.09 -41.47
CA GLU A 249 1.52 -34.10 -42.18
C GLU A 249 0.37 -34.73 -41.37
N HIS A 250 0.55 -34.88 -40.08
CA HIS A 250 -0.38 -35.67 -39.30
C HIS A 250 -1.68 -35.02 -39.03
N ASP A 251 -2.59 -35.76 -38.43
CA ASP A 251 -3.90 -35.22 -38.07
C ASP A 251 -4.21 -35.33 -36.60
N TRP A 252 -5.34 -34.79 -36.22
CA TRP A 252 -5.79 -34.87 -34.85
C TRP A 252 -5.76 -36.30 -34.29
N ASN A 253 -6.30 -37.24 -35.05
CA ASN A 253 -6.34 -38.62 -34.53
C ASN A 253 -4.94 -39.13 -34.28
N SER A 254 -4.01 -38.87 -35.20
CA SER A 254 -2.63 -39.31 -35.00
C SER A 254 -1.99 -38.53 -33.84
N TYR A 255 -2.23 -37.23 -33.79
CA TYR A 255 -1.71 -36.39 -32.67
C TYR A 255 -2.17 -36.93 -31.31
N ILE A 256 -3.44 -37.28 -31.19
CA ILE A 256 -3.88 -37.78 -29.90
C ILE A 256 -3.42 -39.24 -29.63
N ALA A 257 -3.26 -40.08 -30.63
CA ALA A 257 -2.64 -41.41 -30.42
C ALA A 257 -1.28 -41.25 -29.78
N LYS A 258 -0.43 -40.41 -30.35
CA LYS A 258 0.90 -40.14 -29.70
C LYS A 258 0.77 -39.54 -28.28
N GLY A 259 -0.15 -38.60 -28.19
CA GLY A 259 -0.51 -37.99 -26.93
C GLY A 259 -0.84 -39.00 -25.86
N HIS A 260 -1.81 -39.83 -26.15
CA HIS A 260 -2.22 -40.87 -25.25
C HIS A 260 -1.03 -41.77 -24.85
N ASP A 261 -0.16 -42.13 -25.77
CA ASP A 261 1.12 -42.81 -25.40
C ASP A 261 2.19 -41.93 -24.74
N GLN A 262 1.91 -40.65 -24.57
CA GLN A 262 2.79 -39.76 -23.83
C GLN A 262 4.14 -39.66 -24.47
N LYS A 263 4.14 -39.50 -25.78
CA LYS A 263 5.39 -39.35 -26.53
C LYS A 263 5.88 -37.91 -26.60
N PHE A 264 5.05 -36.93 -26.21
CA PHE A 264 5.34 -35.50 -26.44
C PHE A 264 6.04 -34.87 -25.28
N GLY A 265 7.04 -34.06 -25.59
CA GLY A 265 7.80 -33.33 -24.57
C GLY A 265 6.99 -32.06 -24.35
N VAL A 266 6.79 -31.32 -25.43
CA VAL A 266 6.00 -30.12 -25.40
C VAL A 266 5.08 -30.15 -26.59
N TYR A 267 3.84 -29.76 -26.38
CA TYR A 267 2.84 -29.75 -27.42
C TYR A 267 1.79 -28.73 -27.10
N PHE A 268 0.94 -28.49 -28.09
CA PHE A 268 -0.12 -27.49 -27.99
C PHE A 268 -1.52 -28.11 -28.12
N THR A 269 -2.42 -27.62 -27.30
CA THR A 269 -3.83 -27.97 -27.38
C THR A 269 -4.66 -27.12 -26.42
N TRP A 270 -5.98 -27.20 -26.58
CA TRP A 270 -6.88 -26.42 -25.73
C TRP A 270 -6.82 -26.87 -24.26
N ASP A 271 -6.90 -28.19 -24.08
CA ASP A 271 -6.95 -28.81 -22.78
C ASP A 271 -6.21 -30.15 -22.90
N LYS A 272 -5.15 -30.33 -22.09
CA LYS A 272 -4.35 -31.57 -22.08
C LYS A 272 -5.16 -32.83 -21.97
N ASN A 273 -6.29 -32.75 -21.25
CA ASN A 273 -7.16 -33.91 -21.00
C ASN A 273 -7.63 -34.60 -22.25
N ASN A 274 -7.75 -33.83 -23.34
CA ASN A 274 -8.13 -34.35 -24.63
C ASN A 274 -7.00 -35.07 -25.36
N VAL A 275 -5.73 -34.86 -24.99
CA VAL A 275 -4.61 -35.39 -25.77
C VAL A 275 -3.70 -36.30 -24.90
N THR A 276 -3.13 -35.78 -23.83
CA THR A 276 -2.29 -36.60 -22.96
C THR A 276 -3.11 -37.24 -21.78
N GLY A 277 -4.38 -36.86 -21.65
CA GLY A 277 -5.27 -37.40 -20.62
C GLY A 277 -5.20 -36.75 -19.26
N SER A 278 -5.87 -37.39 -18.34
CA SER A 278 -6.16 -36.80 -17.06
C SER A 278 -5.15 -37.33 -16.06
N ASN A 279 -3.99 -36.69 -16.04
CA ASN A 279 -2.92 -37.08 -15.17
C ASN A 279 -2.12 -35.82 -14.84
N GLU A 280 -1.13 -35.96 -13.98
CA GLU A 280 -0.32 -34.84 -13.58
C GLU A 280 1.04 -34.91 -14.25
N SER A 281 1.23 -35.82 -15.21
CA SER A 281 2.47 -35.86 -16.01
C SER A 281 2.77 -34.60 -16.82
N TYR A 282 1.71 -33.96 -17.31
CA TYR A 282 1.78 -32.78 -18.15
C TYR A 282 1.17 -31.59 -17.42
N ASP A 283 1.80 -30.44 -17.55
CA ASP A 283 1.26 -29.25 -16.96
C ASP A 283 1.52 -28.11 -17.94
N VAL A 284 0.96 -26.94 -17.63
CA VAL A 284 1.12 -25.75 -18.40
C VAL A 284 2.61 -25.36 -18.51
N LEU A 285 3.06 -25.08 -19.73
CA LEU A 285 4.36 -24.46 -19.91
C LEU A 285 4.19 -22.97 -19.56
N PRO A 286 4.91 -22.47 -18.53
CA PRO A 286 4.72 -21.05 -18.22
C PRO A 286 5.25 -20.19 -19.32
N VAL A 287 4.75 -18.96 -19.33
CA VAL A 287 5.12 -17.97 -20.30
C VAL A 287 6.63 -17.82 -20.25
N LEU A 288 7.27 -17.88 -21.41
CA LEU A 288 8.75 -17.87 -21.49
C LEU A 288 9.27 -16.49 -21.87
N ALA A 289 10.46 -16.16 -21.38
CA ALA A 289 11.16 -14.96 -21.82
C ALA A 289 12.00 -15.28 -23.07
N GLY A 290 11.85 -14.45 -24.06
CA GLY A 290 12.72 -14.43 -25.20
C GLY A 290 14.15 -14.02 -24.86
N PRO A 291 15.03 -14.04 -25.86
CA PRO A 291 16.46 -13.73 -25.69
C PRO A 291 16.79 -12.31 -25.27
N SER A 292 16.01 -11.33 -25.72
CA SER A 292 16.11 -9.90 -25.28
C SER A 292 15.15 -9.53 -24.11
N GLY A 293 14.58 -10.53 -23.44
CA GLY A 293 13.70 -10.35 -22.28
C GLY A 293 12.21 -10.09 -22.60
N GLN A 294 11.81 -10.22 -23.88
CA GLN A 294 10.40 -10.15 -24.26
C GLN A 294 9.64 -11.23 -23.52
N LYS A 295 8.46 -10.87 -23.05
CA LYS A 295 7.67 -11.77 -22.27
C LYS A 295 6.24 -11.33 -22.35
N HIS A 296 5.51 -12.02 -23.23
CA HIS A 296 4.23 -11.54 -23.69
C HIS A 296 3.33 -12.68 -24.04
N VAL A 297 2.03 -12.45 -23.90
CA VAL A 297 1.01 -13.34 -24.45
C VAL A 297 0.16 -12.52 -25.41
N ALA A 298 0.18 -12.90 -26.69
CA ALA A 298 -0.69 -12.25 -27.65
C ALA A 298 -2.13 -12.69 -27.32
N ARG A 299 -3.04 -11.74 -27.29
CA ARG A 299 -4.45 -12.02 -27.14
C ARG A 299 -5.01 -12.48 -28.45
N THR A 300 -5.80 -13.55 -28.42
CA THR A 300 -6.69 -13.84 -29.56
C THR A 300 -7.76 -12.78 -29.65
N ASN A 301 -8.45 -12.76 -30.77
CA ASN A 301 -9.69 -11.97 -30.88
C ASN A 301 -10.96 -12.78 -30.63
N GLY A 302 -10.84 -13.91 -29.95
CA GLY A 302 -11.96 -14.78 -29.73
C GLY A 302 -12.77 -14.33 -28.54
N MET A 303 -14.06 -14.64 -28.58
CA MET A 303 -14.99 -14.33 -27.51
C MET A 303 -16.07 -15.39 -27.43
N GLY A 304 -16.87 -15.28 -26.38
CA GLY A 304 -17.98 -16.17 -26.11
C GLY A 304 -19.24 -15.82 -26.89
N PHE A 305 -19.07 -15.64 -28.19
CA PHE A 305 -20.13 -15.19 -29.08
C PHE A 305 -19.76 -15.65 -30.48
N ALA A 306 -20.73 -16.21 -31.20
CA ALA A 306 -20.58 -16.50 -32.62
C ALA A 306 -21.84 -15.97 -33.24
N ARG A 307 -21.68 -15.17 -34.28
CA ARG A 307 -22.82 -14.44 -34.82
C ARG A 307 -23.92 -15.37 -35.37
N ASP A 308 -23.49 -16.46 -36.03
CA ASP A 308 -24.41 -17.31 -36.77
C ASP A 308 -24.25 -18.74 -36.35
N LYS A 309 -25.19 -19.22 -35.54
CA LYS A 309 -25.41 -20.66 -35.37
C LYS A 309 -26.77 -21.11 -35.94
N MET A 310 -27.46 -20.23 -36.65
CA MET A 310 -28.65 -20.60 -37.41
C MET A 310 -29.11 -19.48 -38.30
N VAL A 311 -29.49 -19.82 -39.51
CA VAL A 311 -30.11 -18.91 -40.42
C VAL A 311 -31.36 -19.61 -40.99
N ILE A 312 -32.27 -18.79 -41.52
CA ILE A 312 -33.53 -19.23 -42.08
C ILE A 312 -33.50 -18.86 -43.52
N THR A 313 -33.79 -19.83 -44.39
CA THR A 313 -33.77 -19.65 -45.82
C THR A 313 -35.09 -19.01 -46.28
N SER A 314 -35.04 -18.43 -47.47
CA SER A 314 -36.20 -17.83 -48.13
C SER A 314 -37.19 -18.85 -48.72
N VAL A 315 -36.90 -20.15 -48.60
CA VAL A 315 -37.88 -21.17 -48.96
C VAL A 315 -38.63 -21.65 -47.72
N ASN A 316 -38.27 -21.18 -46.53
CA ASN A 316 -38.85 -21.71 -45.31
C ASN A 316 -40.37 -21.64 -45.37
N LYS A 317 -40.95 -22.72 -44.87
CA LYS A 317 -42.34 -23.03 -45.02
C LYS A 317 -43.10 -22.19 -44.02
N ASN A 318 -42.70 -22.33 -42.77
CA ASN A 318 -43.47 -21.88 -41.65
C ASN A 318 -42.59 -21.05 -40.74
N LEU A 319 -42.57 -19.75 -41.02
CA LEU A 319 -41.68 -18.86 -40.32
C LEU A 319 -42.02 -18.81 -38.86
N GLU A 320 -43.30 -18.81 -38.54
CA GLU A 320 -43.69 -18.72 -37.11
C GLU A 320 -43.27 -19.96 -36.35
N LEU A 321 -43.39 -21.12 -36.98
CA LEU A 321 -43.03 -22.39 -36.33
C LEU A 321 -41.53 -22.53 -36.09
N THR A 322 -40.76 -22.21 -37.14
CA THR A 322 -39.32 -22.13 -37.08
C THR A 322 -38.92 -21.20 -35.91
N ALA A 323 -39.45 -19.98 -35.93
CA ALA A 323 -39.04 -19.01 -34.93
C ALA A 323 -39.32 -19.50 -33.51
N LYS A 324 -40.46 -20.13 -33.29
CA LYS A 324 -40.75 -20.71 -31.96
C LYS A 324 -39.86 -21.91 -31.60
N TRP A 325 -39.51 -22.73 -32.57
CA TRP A 325 -38.59 -23.84 -32.34
C TRP A 325 -37.20 -23.34 -31.87
N ILE A 326 -36.66 -22.40 -32.63
CA ILE A 326 -35.43 -21.70 -32.26
C ILE A 326 -35.54 -21.10 -30.85
N ASP A 327 -36.62 -20.39 -30.55
CA ASP A 327 -36.70 -19.79 -29.23
C ASP A 327 -36.69 -20.80 -28.09
N ALA A 328 -37.25 -21.99 -28.32
CA ALA A 328 -37.07 -23.09 -27.33
C ALA A 328 -35.58 -23.40 -27.02
N GLN A 329 -34.68 -23.10 -27.97
CA GLN A 329 -33.27 -23.41 -27.75
C GLN A 329 -32.68 -22.42 -26.75
N TYR A 330 -33.29 -21.23 -26.66
CA TYR A 330 -32.78 -20.17 -25.77
C TYR A 330 -33.33 -20.26 -24.34
N ALA A 331 -34.24 -21.20 -24.03
CA ALA A 331 -34.61 -21.40 -22.62
C ALA A 331 -33.34 -21.90 -21.90
N PRO A 332 -33.03 -21.36 -20.70
CA PRO A 332 -31.78 -21.72 -20.02
C PRO A 332 -31.41 -23.17 -19.95
N LEU A 333 -32.35 -24.06 -19.66
CA LEU A 333 -31.99 -25.46 -19.44
C LEU A 333 -31.64 -26.13 -20.74
N GLN A 334 -32.33 -25.69 -21.78
CA GLN A 334 -32.14 -26.17 -23.09
C GLN A 334 -30.78 -25.70 -23.67
N SER A 335 -30.51 -24.39 -23.54
CA SER A 335 -29.25 -23.78 -23.92
C SER A 335 -28.03 -24.48 -23.30
N VAL A 336 -28.07 -24.68 -21.99
CA VAL A 336 -27.01 -25.38 -21.31
C VAL A 336 -26.75 -26.79 -21.89
N GLN A 337 -27.83 -27.55 -22.07
CA GLN A 337 -27.74 -28.88 -22.66
C GLN A 337 -27.32 -28.97 -24.12
N ASN A 338 -28.00 -28.24 -24.96
CA ASN A 338 -27.59 -28.07 -26.32
C ASN A 338 -26.07 -27.80 -26.45
N ASN A 339 -25.55 -27.01 -25.51
CA ASN A 339 -24.16 -26.68 -25.53
C ASN A 339 -23.27 -27.78 -25.07
N TRP A 340 -23.61 -28.36 -23.93
CA TRP A 340 -22.63 -29.21 -23.22
C TRP A 340 -22.96 -30.71 -23.13
N GLY A 341 -24.21 -31.09 -23.39
CA GLY A 341 -24.65 -32.47 -23.18
C GLY A 341 -25.87 -32.60 -22.29
N THR A 342 -26.03 -33.77 -21.69
CA THR A 342 -27.30 -34.06 -21.05
C THR A 342 -27.20 -35.03 -19.91
N TYR A 343 -28.38 -35.33 -19.36
CA TYR A 343 -28.54 -36.15 -18.17
C TYR A 343 -29.37 -37.37 -18.52
N GLY A 344 -29.23 -38.39 -17.68
CA GLY A 344 -30.18 -39.48 -17.62
C GLY A 344 -30.24 -40.44 -18.79
N ASP A 345 -29.23 -40.42 -19.66
CA ASP A 345 -29.10 -41.49 -20.64
C ASP A 345 -28.80 -42.74 -19.83
N ASP A 346 -29.75 -43.69 -19.90
CA ASP A 346 -29.61 -45.03 -19.28
C ASP A 346 -28.68 -46.01 -20.01
N LYS A 347 -28.08 -45.60 -21.14
CA LYS A 347 -27.25 -46.47 -22.00
C LYS A 347 -25.85 -45.97 -22.24
N GLN A 348 -25.57 -44.66 -22.10
CA GLN A 348 -24.20 -44.11 -22.18
C GLN A 348 -23.92 -43.03 -21.15
N GLN A 349 -22.65 -42.62 -21.08
CA GLN A 349 -22.20 -41.64 -20.09
C GLN A 349 -22.95 -40.30 -20.25
N ASN A 350 -23.16 -39.63 -19.10
CA ASN A 350 -23.89 -38.36 -19.05
C ASN A 350 -23.01 -37.24 -18.55
N ILE A 351 -23.11 -36.10 -19.20
CA ILE A 351 -22.39 -34.89 -18.74
C ILE A 351 -23.04 -34.32 -17.46
N PHE A 352 -24.38 -34.29 -17.41
CA PHE A 352 -25.11 -33.75 -16.26
C PHE A 352 -25.90 -34.80 -15.49
N GLU A 353 -26.31 -34.41 -14.28
CA GLU A 353 -27.48 -34.98 -13.64
C GLU A 353 -28.45 -33.84 -13.51
N LEU A 354 -29.74 -34.14 -13.64
CA LEU A 354 -30.75 -33.16 -13.35
C LEU A 354 -31.08 -33.31 -11.89
N ASP A 355 -30.87 -32.26 -11.11
CA ASP A 355 -31.42 -32.13 -9.72
C ASP A 355 -32.86 -31.62 -9.80
N GLN A 356 -33.81 -32.50 -9.49
CA GLN A 356 -35.23 -32.16 -9.58
C GLN A 356 -35.68 -31.19 -8.47
N ALA A 357 -35.09 -31.33 -7.29
CA ALA A 357 -35.34 -30.39 -6.17
C ALA A 357 -35.11 -28.91 -6.56
N SER A 358 -34.14 -28.63 -7.44
CA SER A 358 -33.87 -27.26 -7.91
C SER A 358 -34.19 -27.02 -9.40
N ASN A 359 -34.46 -28.07 -10.16
CA ASN A 359 -34.68 -27.95 -11.60
C ASN A 359 -33.46 -27.29 -12.30
N SER A 360 -32.29 -27.67 -11.83
CA SER A 360 -31.05 -27.15 -12.32
C SER A 360 -30.17 -28.30 -12.71
N LEU A 361 -29.19 -28.01 -13.55
CA LEU A 361 -28.26 -29.01 -14.01
C LEU A 361 -26.99 -28.97 -13.17
N LYS A 362 -26.36 -30.14 -12.99
CA LYS A 362 -25.09 -30.29 -12.29
C LYS A 362 -24.17 -31.21 -13.04
N HIS A 363 -22.98 -30.68 -13.37
CA HIS A 363 -21.89 -31.44 -13.98
C HIS A 363 -21.49 -32.68 -13.21
N LEU A 364 -21.48 -33.83 -13.87
CA LEU A 364 -21.00 -35.07 -13.27
C LEU A 364 -19.52 -35.24 -13.45
N PRO A 365 -18.88 -36.00 -12.55
CA PRO A 365 -17.48 -36.29 -12.83
C PRO A 365 -17.38 -37.30 -14.00
N LEU A 366 -16.33 -37.18 -14.82
CA LEU A 366 -16.01 -38.14 -15.90
C LEU A 366 -14.97 -39.13 -15.40
N ASN A 367 -15.12 -40.40 -15.76
CA ASN A 367 -14.24 -41.43 -15.20
C ASN A 367 -12.92 -41.43 -15.94
N GLY A 368 -12.37 -40.25 -16.21
CA GLY A 368 -11.19 -40.06 -17.11
C GLY A 368 -11.48 -39.94 -18.62
N THR A 369 -12.72 -40.09 -19.04
CA THR A 369 -13.16 -39.75 -20.41
C THR A 369 -12.79 -38.30 -20.79
N ALA A 370 -12.30 -38.13 -22.02
CA ALA A 370 -11.92 -36.82 -22.49
C ALA A 370 -13.14 -35.89 -22.45
N PRO A 371 -12.94 -34.63 -21.95
CA PRO A 371 -13.96 -33.59 -22.08
C PRO A 371 -14.64 -33.56 -23.45
N ALA A 372 -13.86 -33.27 -24.47
CA ALA A 372 -14.38 -33.08 -25.83
C ALA A 372 -15.08 -34.33 -26.39
N GLU A 373 -14.68 -35.54 -25.95
CA GLU A 373 -15.23 -36.79 -26.53
C GLU A 373 -16.71 -37.04 -26.27
N LEU A 374 -17.09 -37.09 -25.00
CA LEU A 374 -18.51 -37.24 -24.63
C LEU A 374 -19.42 -36.09 -25.12
N ARG A 375 -18.86 -34.88 -25.06
CA ARG A 375 -19.55 -33.67 -25.50
C ARG A 375 -19.96 -33.76 -26.95
N GLN A 376 -19.00 -34.05 -27.83
CA GLN A 376 -19.28 -34.10 -29.24
C GLN A 376 -20.28 -35.18 -29.65
N LYS A 377 -20.39 -36.23 -28.84
CA LYS A 377 -21.45 -37.24 -28.99
C LYS A 377 -22.83 -36.77 -28.56
N THR A 378 -22.92 -35.93 -27.53
CA THR A 378 -24.17 -35.63 -26.87
C THR A 378 -24.67 -34.17 -26.98
N GLU A 379 -23.80 -33.24 -27.38
CA GLU A 379 -24.21 -31.88 -27.61
C GLU A 379 -25.01 -31.77 -28.91
N VAL A 380 -25.64 -30.62 -29.07
CA VAL A 380 -26.36 -30.26 -30.29
C VAL A 380 -25.75 -29.06 -31.04
N GLY A 381 -25.01 -28.18 -30.37
CA GLY A 381 -24.64 -26.90 -30.97
C GLY A 381 -25.87 -26.01 -31.18
N GLY A 382 -25.87 -25.31 -32.30
CA GLY A 382 -26.92 -24.40 -32.68
C GLY A 382 -26.99 -23.15 -31.82
N PRO A 383 -28.07 -22.38 -31.98
CA PRO A 383 -28.24 -21.12 -31.28
C PRO A 383 -28.65 -21.33 -29.85
N LEU A 384 -28.05 -20.58 -28.94
CA LEU A 384 -28.26 -20.71 -27.48
C LEU A 384 -27.56 -19.58 -26.69
N ALA A 385 -27.87 -19.50 -25.42
CA ALA A 385 -27.20 -18.51 -24.58
C ALA A 385 -26.98 -19.07 -23.20
N ILE A 386 -25.76 -18.90 -22.70
CA ILE A 386 -25.41 -19.24 -21.31
C ILE A 386 -24.79 -17.99 -20.72
N LEU A 387 -25.46 -17.40 -19.72
CA LEU A 387 -25.08 -16.08 -19.17
C LEU A 387 -24.38 -16.32 -17.86
N ASP A 388 -23.53 -15.40 -17.46
CA ASP A 388 -22.77 -15.53 -16.23
C ASP A 388 -23.69 -15.74 -15.02
N SER A 389 -24.89 -15.17 -15.07
CA SER A 389 -25.89 -15.37 -14.00
C SER A 389 -26.53 -16.77 -13.97
N TYR A 390 -26.35 -17.60 -15.00
CA TYR A 390 -26.82 -19.00 -14.93
C TYR A 390 -26.02 -19.86 -13.98
N TYR A 391 -24.76 -19.49 -13.69
CA TYR A 391 -23.90 -20.38 -12.91
C TYR A 391 -24.35 -20.38 -11.45
N GLY A 392 -24.62 -21.58 -10.92
CA GLY A 392 -25.06 -21.76 -9.53
C GLY A 392 -26.57 -21.76 -9.37
N LYS A 393 -27.27 -21.45 -10.46
CA LYS A 393 -28.72 -21.32 -10.45
C LYS A 393 -29.30 -22.26 -11.49
N VAL A 394 -28.96 -22.08 -12.77
CA VAL A 394 -29.39 -23.01 -13.83
C VAL A 394 -28.45 -24.23 -13.94
N THR A 395 -27.15 -24.00 -13.79
CA THR A 395 -26.17 -25.05 -13.98
C THR A 395 -24.94 -24.78 -13.19
N THR A 396 -24.17 -25.82 -12.93
CA THR A 396 -22.82 -25.65 -12.46
C THR A 396 -21.97 -25.07 -13.62
N MET A 397 -20.93 -24.34 -13.27
CA MET A 397 -19.86 -24.07 -14.25
C MET A 397 -19.14 -25.39 -14.50
N PRO A 398 -18.82 -25.71 -15.77
CA PRO A 398 -17.98 -26.88 -15.97
C PRO A 398 -16.68 -26.79 -15.20
N ASP A 399 -16.25 -27.88 -14.58
CA ASP A 399 -14.98 -27.90 -13.87
C ASP A 399 -13.80 -27.68 -14.79
N ASP A 400 -13.85 -28.23 -16.00
CA ASP A 400 -12.75 -28.03 -16.96
C ASP A 400 -12.66 -26.54 -17.39
N ALA A 401 -13.79 -25.87 -17.55
CA ALA A 401 -13.85 -24.41 -17.82
C ALA A 401 -13.28 -23.55 -16.69
N LYS A 402 -13.74 -23.83 -15.48
CA LYS A 402 -13.30 -23.14 -14.29
C LYS A 402 -11.77 -23.25 -14.15
N TRP A 403 -11.30 -24.48 -14.32
CA TRP A 403 -9.89 -24.82 -14.25
C TRP A 403 -9.09 -24.05 -15.30
N ARG A 404 -9.56 -24.05 -16.55
CA ARG A 404 -8.90 -23.27 -17.61
C ARG A 404 -8.91 -21.74 -17.30
N LEU A 405 -10.01 -21.24 -16.76
CA LEU A 405 -10.07 -19.82 -16.46
C LEU A 405 -9.04 -19.49 -15.39
N ASP A 406 -8.87 -20.42 -14.44
CA ASP A 406 -7.88 -20.24 -13.39
C ASP A 406 -6.48 -20.18 -13.96
N LEU A 407 -6.14 -21.18 -14.81
CA LEU A 407 -4.84 -21.22 -15.50
C LEU A 407 -4.58 -19.99 -16.31
N ILE A 408 -5.60 -19.49 -17.01
CA ILE A 408 -5.39 -18.35 -17.85
C ILE A 408 -5.05 -17.13 -16.97
N LYS A 409 -5.75 -17.06 -15.84
CA LYS A 409 -5.60 -15.94 -14.90
C LYS A 409 -4.23 -16.02 -14.24
N GLU A 410 -3.81 -17.22 -13.87
CA GLU A 410 -2.53 -17.49 -13.20
C GLU A 410 -1.31 -17.35 -14.10
N TYR A 411 -1.36 -17.96 -15.28
CA TYR A 411 -0.19 -18.02 -16.14
C TYR A 411 -0.10 -16.91 -17.18
N TYR A 412 -1.21 -16.50 -17.77
CA TYR A 412 -1.13 -15.61 -18.93
C TYR A 412 -1.49 -14.15 -18.71
N VAL A 413 -2.54 -13.88 -17.95
CA VAL A 413 -3.10 -12.48 -17.81
C VAL A 413 -2.00 -11.48 -17.46
N PRO A 414 -1.07 -11.86 -16.57
CA PRO A 414 0.01 -10.93 -16.25
C PRO A 414 0.87 -10.47 -17.39
N TYR A 415 0.89 -11.23 -18.49
CA TYR A 415 1.75 -10.97 -19.61
C TYR A 415 0.96 -10.55 -20.85
N MET A 416 -0.39 -10.49 -20.72
CA MET A 416 -1.26 -9.91 -21.72
C MET A 416 -1.27 -8.40 -21.52
N SER A 417 -0.24 -7.75 -22.07
CA SER A 417 -0.01 -6.32 -21.90
C SER A 417 -0.77 -5.44 -22.92
N ASN A 418 -1.54 -6.04 -23.83
CA ASN A 418 -2.35 -5.29 -24.77
C ASN A 418 -3.67 -5.05 -24.13
N VAL A 419 -3.98 -3.76 -23.92
CA VAL A 419 -5.19 -3.33 -23.27
C VAL A 419 -6.42 -3.81 -24.04
N ASN A 420 -6.32 -3.79 -25.38
CA ASN A 420 -7.43 -4.16 -26.24
C ASN A 420 -7.12 -5.30 -27.19
N ASN A 421 -8.16 -6.02 -27.58
CA ASN A 421 -8.09 -6.90 -28.74
C ASN A 421 -9.04 -6.38 -29.80
N TYR A 422 -9.19 -7.09 -30.91
CA TYR A 422 -10.00 -6.59 -32.01
C TYR A 422 -11.46 -6.95 -31.76
N PRO A 423 -12.36 -5.95 -31.73
CA PRO A 423 -13.78 -6.21 -31.41
C PRO A 423 -14.53 -6.92 -32.56
N ARG A 424 -15.60 -7.65 -32.23
CA ARG A 424 -16.37 -8.38 -33.22
C ARG A 424 -17.31 -7.48 -33.99
N VAL A 425 -16.77 -6.70 -34.91
CA VAL A 425 -17.59 -5.81 -35.68
C VAL A 425 -18.33 -6.53 -36.79
N PHE A 426 -19.33 -5.85 -37.34
CA PHE A 426 -20.06 -6.33 -38.47
C PHE A 426 -19.85 -5.37 -39.63
N MET A 427 -18.94 -5.71 -40.55
CA MET A 427 -18.63 -4.79 -41.61
C MET A 427 -19.73 -4.76 -42.65
N THR A 428 -19.69 -3.73 -43.48
CA THR A 428 -20.63 -3.65 -44.60
C THR A 428 -20.36 -4.78 -45.61
N GLN A 429 -21.32 -5.04 -46.49
CA GLN A 429 -21.14 -6.12 -47.46
C GLN A 429 -19.95 -5.85 -48.36
N GLU A 430 -19.88 -4.60 -48.82
CA GLU A 430 -18.80 -4.12 -49.68
C GLU A 430 -17.40 -4.33 -49.10
N ASP A 431 -17.28 -4.01 -47.81
CA ASP A 431 -16.02 -4.18 -47.06
C ASP A 431 -15.72 -5.62 -46.80
N LEU A 432 -16.75 -6.40 -46.47
CA LEU A 432 -16.54 -7.85 -46.31
C LEU A 432 -16.01 -8.46 -47.59
N ASP A 433 -16.61 -8.09 -48.72
CA ASP A 433 -16.29 -8.66 -50.00
C ASP A 433 -14.87 -8.29 -50.38
N LYS A 434 -14.51 -7.02 -50.19
CA LYS A 434 -13.17 -6.56 -50.38
C LYS A 434 -12.13 -7.34 -49.57
N ILE A 435 -12.37 -7.45 -48.27
CA ILE A 435 -11.53 -8.20 -47.35
C ILE A 435 -11.41 -9.67 -47.72
N ALA A 436 -12.52 -10.26 -48.16
CA ALA A 436 -12.54 -11.69 -48.45
C ALA A 436 -11.69 -11.99 -49.67
N HIS A 437 -11.69 -11.10 -50.66
CA HIS A 437 -10.85 -11.25 -51.84
C HIS A 437 -9.37 -11.25 -51.41
N ILE A 438 -9.03 -10.32 -50.50
CA ILE A 438 -7.63 -10.17 -50.07
C ILE A 438 -7.20 -11.41 -49.31
N GLU A 439 -8.04 -11.87 -48.38
CA GLU A 439 -7.74 -13.06 -47.59
C GLU A 439 -7.66 -14.33 -48.43
N ALA A 440 -8.33 -14.34 -49.57
CA ALA A 440 -8.23 -15.47 -50.45
C ALA A 440 -6.77 -15.70 -50.89
N ASP A 441 -5.99 -14.61 -51.10
CA ASP A 441 -4.57 -14.72 -51.35
C ASP A 441 -3.73 -14.93 -50.09
N MET A 442 -3.96 -14.11 -49.07
CA MET A 442 -3.04 -14.04 -47.93
C MET A 442 -3.02 -15.28 -47.08
N ASN A 443 -4.21 -15.80 -46.80
CA ASN A 443 -4.36 -16.74 -45.73
C ASN A 443 -3.48 -17.96 -45.86
N ASP A 444 -3.67 -18.70 -46.95
CA ASP A 444 -2.86 -19.90 -47.13
C ASP A 444 -1.40 -19.52 -47.44
N TYR A 445 -1.14 -18.39 -48.13
CA TYR A 445 0.21 -17.92 -48.41
C TYR A 445 0.99 -17.77 -47.11
N ILE A 446 0.39 -17.12 -46.10
CA ILE A 446 1.05 -16.92 -44.82
C ILE A 446 1.48 -18.25 -44.20
N TYR A 447 0.59 -19.24 -44.17
CA TYR A 447 0.97 -20.57 -43.63
C TYR A 447 2.00 -21.34 -44.49
N ARG A 448 1.84 -21.22 -45.76
CA ARG A 448 2.67 -21.94 -46.69
C ARG A 448 4.13 -21.45 -46.54
N LYS A 449 4.32 -20.14 -46.42
CA LYS A 449 5.73 -19.62 -46.24
C LYS A 449 6.29 -19.94 -44.89
N ARG A 450 5.47 -19.84 -43.87
CA ARG A 450 5.92 -20.18 -42.54
C ARG A 450 6.49 -21.59 -42.50
N ALA A 451 5.79 -22.53 -43.15
CA ALA A 451 6.17 -23.94 -43.11
C ALA A 451 7.42 -24.18 -43.92
N GLU A 452 7.45 -23.57 -45.12
CA GLU A 452 8.60 -23.58 -46.03
C GLU A 452 9.87 -23.06 -45.34
N TRP A 453 9.78 -21.97 -44.59
CA TRP A 453 10.97 -21.45 -43.89
C TRP A 453 11.47 -22.29 -42.76
N ILE A 454 10.54 -22.94 -42.08
CA ILE A 454 10.91 -23.84 -41.01
C ILE A 454 11.65 -25.05 -41.58
N VAL A 455 11.28 -25.45 -42.78
CA VAL A 455 11.80 -26.67 -43.40
C VAL A 455 13.02 -26.40 -44.24
N ASN A 456 13.10 -25.24 -44.92
CA ASN A 456 14.24 -24.77 -45.77
C ASN A 456 15.19 -23.76 -45.20
N GLY A 457 14.89 -23.11 -44.08
CA GLY A 457 15.85 -22.16 -43.48
C GLY A 457 16.20 -20.90 -44.29
N ASN A 458 15.38 -20.48 -45.25
CA ASN A 458 15.75 -19.30 -46.08
C ASN A 458 14.99 -18.02 -45.81
N ILE A 459 14.47 -17.91 -44.58
CA ILE A 459 13.64 -16.75 -44.30
C ILE A 459 14.40 -15.42 -44.56
N ASP A 460 15.69 -15.35 -44.19
CA ASP A 460 16.42 -14.06 -44.31
C ASP A 460 16.47 -13.58 -45.74
N THR A 461 16.59 -14.48 -46.70
CA THR A 461 16.64 -14.05 -48.07
C THR A 461 15.26 -13.88 -48.71
N GLU A 462 14.19 -14.43 -48.16
CA GLU A 462 12.86 -14.28 -48.78
C GLU A 462 11.93 -13.27 -48.10
N TRP A 463 12.35 -12.72 -46.95
CA TRP A 463 11.44 -11.89 -46.14
C TRP A 463 10.92 -10.61 -46.82
N ASP A 464 11.81 -9.83 -47.42
CA ASP A 464 11.38 -8.62 -48.07
C ASP A 464 10.43 -8.89 -49.21
N ASP A 465 10.73 -9.92 -50.00
CA ASP A 465 9.87 -10.34 -51.09
C ASP A 465 8.51 -10.86 -50.67
N TYR A 466 8.51 -11.56 -49.57
CA TYR A 466 7.23 -11.94 -48.94
C TYR A 466 6.39 -10.74 -48.51
N LYS A 467 7.05 -9.72 -47.93
CA LYS A 467 6.31 -8.51 -47.55
C LYS A 467 5.82 -7.79 -48.76
N LYS A 468 6.62 -7.72 -49.81
CA LYS A 468 6.12 -7.11 -51.04
C LYS A 468 4.92 -7.87 -51.59
N GLU A 469 5.03 -9.19 -51.61
CA GLU A 469 3.91 -10.05 -52.04
C GLU A 469 2.60 -9.76 -51.26
N LEU A 470 2.74 -9.64 -49.94
CA LEU A 470 1.59 -9.30 -49.07
C LEU A 470 1.03 -7.93 -49.44
N GLU A 471 1.92 -6.96 -49.77
CA GLU A 471 1.40 -5.67 -50.25
C GLU A 471 0.68 -5.81 -51.61
N LYS A 472 1.16 -6.65 -52.52
CA LYS A 472 0.50 -6.84 -53.83
C LYS A 472 -0.90 -7.40 -53.64
N TYR A 473 -1.06 -8.34 -52.71
CA TYR A 473 -2.40 -8.84 -52.32
C TYR A 473 -3.36 -7.87 -51.69
N GLY A 474 -2.85 -6.75 -51.22
CA GLY A 474 -3.67 -5.67 -50.70
C GLY A 474 -3.60 -5.49 -49.19
N LEU A 475 -2.54 -5.97 -48.56
CA LEU A 475 -2.40 -5.82 -47.14
C LEU A 475 -2.72 -4.39 -46.62
N SER A 476 -2.27 -3.33 -47.31
CA SER A 476 -2.49 -1.95 -46.84
C SER A 476 -3.94 -1.54 -46.82
N ASP A 477 -4.65 -1.91 -47.90
CA ASP A 477 -6.10 -1.72 -47.97
C ASP A 477 -6.78 -2.51 -46.87
N TYR A 478 -6.30 -3.72 -46.65
CA TYR A 478 -6.84 -4.59 -45.61
C TYR A 478 -6.73 -3.96 -44.24
N LEU A 479 -5.56 -3.44 -43.92
CA LEU A 479 -5.34 -2.82 -42.60
C LEU A 479 -6.15 -1.58 -42.42
N ALA A 480 -6.18 -0.74 -43.46
CA ALA A 480 -7.01 0.48 -43.41
C ALA A 480 -8.47 0.17 -43.10
N ILE A 481 -9.01 -0.83 -43.75
CA ILE A 481 -10.36 -1.28 -43.44
C ILE A 481 -10.46 -1.78 -41.96
N LYS A 482 -9.52 -2.61 -41.53
CA LYS A 482 -9.56 -3.06 -40.17
C LYS A 482 -9.57 -1.91 -39.14
N GLN A 483 -8.66 -0.98 -39.36
CA GLN A 483 -8.47 0.23 -38.54
C GLN A 483 -9.74 1.11 -38.56
N LYS A 484 -10.33 1.25 -39.72
CA LYS A 484 -11.54 2.02 -39.85
C LYS A 484 -12.62 1.52 -38.86
N TYR A 485 -12.92 0.23 -38.91
CA TYR A 485 -13.93 -0.34 -38.05
C TYR A 485 -13.55 -0.32 -36.55
N TYR A 486 -12.28 -0.53 -36.25
CA TYR A 486 -11.80 -0.40 -34.89
C TYR A 486 -12.00 1.05 -34.39
N ASP A 487 -11.63 2.04 -35.19
CA ASP A 487 -11.86 3.44 -34.78
C ASP A 487 -13.33 3.82 -34.56
N GLN A 488 -14.24 3.36 -35.43
CA GLN A 488 -15.68 3.60 -35.27
C GLN A 488 -16.18 2.91 -34.02
N TYR A 489 -15.74 1.69 -33.79
CA TYR A 489 -16.17 0.97 -32.60
C TYR A 489 -15.80 1.75 -31.32
N GLN A 490 -14.56 2.21 -31.24
CA GLN A 490 -14.13 2.97 -30.07
C GLN A 490 -14.86 4.31 -29.87
N ALA A 491 -15.22 4.99 -30.97
CA ALA A 491 -15.88 6.30 -30.91
C ALA A 491 -17.27 6.26 -30.25
N LYS B 3 48.96 7.83 18.59
CA LYS B 3 49.33 7.42 17.17
C LYS B 3 48.48 8.23 16.18
N THR B 4 49.09 8.67 15.07
CA THR B 4 48.47 9.49 14.01
C THR B 4 48.61 8.81 12.62
N LEU B 5 47.57 8.91 11.80
CA LEU B 5 47.62 8.50 10.40
C LEU B 5 46.94 9.60 9.63
N LYS B 6 47.38 9.78 8.38
CA LYS B 6 46.82 10.79 7.48
C LYS B 6 45.96 10.08 6.45
N PHE B 7 44.65 10.36 6.46
CA PHE B 7 43.76 9.72 5.49
C PHE B 7 43.07 10.79 4.66
N MET B 8 43.01 10.55 3.34
CA MET B 8 42.10 11.28 2.47
C MET B 8 40.76 10.59 2.58
N THR B 9 39.69 11.38 2.54
CA THR B 9 38.34 10.81 2.51
C THR B 9 37.41 11.67 1.64
N ALA B 10 36.22 11.11 1.40
CA ALA B 10 35.16 11.75 0.64
C ALA B 10 33.96 11.87 1.57
N SER B 11 33.37 13.05 1.72
CA SER B 11 32.18 13.15 2.57
C SER B 11 31.17 14.12 2.01
N SER B 12 29.96 14.12 2.56
CA SER B 12 28.95 15.07 2.13
C SER B 12 29.32 16.53 2.58
N PRO B 13 28.98 17.54 1.73
CA PRO B 13 29.10 18.92 2.12
C PRO B 13 28.16 19.34 3.25
N LEU B 14 27.12 18.53 3.60
CA LEU B 14 26.36 18.75 4.80
C LEU B 14 27.09 18.32 6.09
N SER B 15 28.13 17.51 5.95
CA SER B 15 28.86 17.00 7.09
C SER B 15 30.00 17.96 7.49
N PRO B 16 30.55 17.79 8.70
CA PRO B 16 31.55 18.75 9.13
C PRO B 16 32.84 18.74 8.26
N LYS B 17 33.40 19.91 8.07
CA LYS B 17 34.63 20.08 7.35
C LYS B 17 35.74 19.22 7.94
N ASP B 18 35.86 19.20 9.26
CA ASP B 18 36.77 18.26 9.89
C ASP B 18 35.94 17.05 10.25
N PRO B 19 36.24 15.89 9.63
CA PRO B 19 35.47 14.69 9.97
C PRO B 19 35.55 14.30 11.45
N ASN B 20 36.62 14.70 12.16
CA ASN B 20 36.71 14.38 13.57
C ASN B 20 35.66 15.04 14.44
N GLU B 21 34.89 15.98 13.89
CA GLU B 21 33.70 16.46 14.58
C GLU B 21 32.60 15.41 14.68
N LYS B 22 32.55 14.45 13.76
CA LYS B 22 31.54 13.41 13.79
C LYS B 22 31.63 12.54 15.04
N LEU B 23 30.47 12.16 15.57
CA LEU B 23 30.40 11.42 16.80
C LEU B 23 30.93 10.05 16.61
N ILE B 24 30.67 9.45 15.45
CA ILE B 24 31.26 8.14 15.15
C ILE B 24 32.76 8.15 15.26
N LEU B 25 33.36 9.22 14.77
CA LEU B 25 34.79 9.33 14.65
C LEU B 25 35.47 9.74 15.95
N GLN B 26 34.79 10.57 16.73
CA GLN B 26 35.28 10.83 18.10
C GLN B 26 35.42 9.53 18.89
N ARG B 27 34.35 8.71 18.86
CA ARG B 27 34.38 7.43 19.53
C ARG B 27 35.42 6.49 18.94
N LEU B 28 35.57 6.49 17.62
CA LEU B 28 36.49 5.57 17.00
C LEU B 28 37.92 5.90 17.40
N GLU B 29 38.25 7.18 17.42
CA GLU B 29 39.55 7.61 17.92
C GLU B 29 39.83 7.05 19.34
N LYS B 30 38.83 7.02 20.20
CA LYS B 30 39.06 6.55 21.58
C LYS B 30 39.19 5.07 21.63
N GLU B 31 38.49 4.36 20.76
CA GLU B 31 38.51 2.92 20.70
C GLU B 31 39.76 2.37 20.00
N THR B 32 40.23 3.03 18.95
CA THR B 32 41.39 2.52 18.22
C THR B 32 42.66 3.02 18.85
N GLY B 33 42.59 4.13 19.59
CA GLY B 33 43.76 4.89 19.99
C GLY B 33 44.50 5.57 18.86
N VAL B 34 43.85 5.85 17.74
CA VAL B 34 44.51 6.47 16.62
C VAL B 34 43.75 7.71 16.21
N HIS B 35 44.46 8.81 16.18
CA HIS B 35 43.96 10.00 15.67
C HIS B 35 44.22 10.03 14.16
N ILE B 36 43.17 10.34 13.40
CA ILE B 36 43.28 10.51 11.96
C ILE B 36 43.31 12.02 11.68
N ASP B 37 44.33 12.42 10.95
CA ASP B 37 44.39 13.73 10.35
C ASP B 37 43.76 13.57 8.96
N TRP B 38 42.60 14.19 8.73
CA TRP B 38 41.85 13.99 7.50
C TRP B 38 42.16 15.04 6.42
N THR B 39 42.29 14.60 5.17
CA THR B 39 42.13 15.52 4.01
C THR B 39 40.76 15.21 3.47
N ASN B 40 39.81 16.12 3.73
CA ASN B 40 38.37 15.86 3.51
C ASN B 40 37.81 16.64 2.33
N TYR B 41 37.53 15.94 1.25
CA TYR B 41 37.00 16.53 0.05
C TYR B 41 35.50 16.26 0.02
N GLN B 42 34.74 17.35 -0.02
CA GLN B 42 33.29 17.31 0.07
C GLN B 42 32.58 17.59 -1.20
N SER B 43 33.34 17.81 -2.26
CA SER B 43 32.82 17.93 -3.60
C SER B 43 34.01 17.57 -4.52
N ASP B 44 33.71 17.02 -5.69
CA ASP B 44 34.71 16.72 -6.72
C ASP B 44 35.84 15.87 -6.20
N PHE B 45 35.49 14.88 -5.40
CA PHE B 45 36.44 14.04 -4.73
C PHE B 45 37.39 13.39 -5.70
N ALA B 46 36.88 12.83 -6.77
CA ALA B 46 37.77 12.07 -7.68
C ALA B 46 38.86 12.94 -8.31
N GLU B 47 38.46 14.12 -8.78
CA GLU B 47 39.38 15.03 -9.43
C GLU B 47 40.45 15.42 -8.46
N LYS B 48 40.01 15.79 -7.26
CA LYS B 48 40.89 16.27 -6.25
C LYS B 48 41.79 15.15 -5.78
N ARG B 49 41.26 13.98 -5.52
CA ARG B 49 42.12 12.81 -5.24
C ARG B 49 43.16 12.59 -6.36
N ASN B 50 42.73 12.63 -7.61
CA ASN B 50 43.68 12.42 -8.70
C ASN B 50 44.78 13.47 -8.75
N LEU B 51 44.46 14.72 -8.42
CA LEU B 51 45.47 15.77 -8.38
C LEU B 51 46.52 15.44 -7.29
N ASP B 52 46.08 14.96 -6.13
CA ASP B 52 47.03 14.59 -5.07
C ASP B 52 47.90 13.41 -5.46
N ILE B 53 47.31 12.39 -6.08
CA ILE B 53 48.09 11.31 -6.64
C ILE B 53 49.11 11.75 -7.72
N SER B 54 48.67 12.49 -8.75
CA SER B 54 49.62 12.94 -9.78
C SER B 54 50.71 13.84 -9.25
N SER B 55 50.41 14.61 -8.19
CA SER B 55 51.40 15.49 -7.59
C SER B 55 52.34 14.77 -6.64
N GLY B 56 52.09 13.51 -6.30
CA GLY B 56 52.88 12.80 -5.30
C GLY B 56 52.55 13.18 -3.86
N ASP B 57 51.45 13.92 -3.61
CA ASP B 57 51.07 14.37 -2.30
C ASP B 57 50.14 13.35 -1.65
N LEU B 58 50.68 12.20 -1.30
CA LEU B 58 49.87 11.06 -0.89
C LEU B 58 49.63 11.01 0.62
N PRO B 59 48.42 10.65 1.02
CA PRO B 59 48.18 10.31 2.40
C PRO B 59 48.66 8.89 2.70
N ASP B 60 48.46 8.44 3.95
CA ASP B 60 48.71 7.05 4.33
C ASP B 60 47.74 6.09 3.66
N ALA B 61 46.53 6.57 3.43
CA ALA B 61 45.48 5.78 2.80
C ALA B 61 44.35 6.69 2.36
N ILE B 62 43.64 6.21 1.33
CA ILE B 62 42.46 6.91 0.81
C ILE B 62 41.23 6.16 1.30
N HIS B 63 40.52 6.79 2.21
CA HIS B 63 39.31 6.29 2.80
C HIS B 63 38.04 6.69 2.01
N ASN B 64 37.08 5.79 1.95
CA ASN B 64 35.80 6.04 1.21
C ASN B 64 36.01 6.35 -0.27
N ASP B 65 37.01 5.68 -0.85
CA ASP B 65 37.63 6.02 -2.11
C ASP B 65 36.72 5.84 -3.32
N GLY B 66 36.21 4.64 -3.54
CA GLY B 66 35.32 4.32 -4.63
C GLY B 66 35.98 4.45 -5.97
N ALA B 67 37.22 4.00 -6.08
CA ALA B 67 37.93 4.07 -7.34
C ALA B 67 37.36 3.07 -8.36
N SER B 68 37.47 3.45 -9.61
CA SER B 68 37.24 2.50 -10.73
C SER B 68 38.29 1.41 -10.70
N ASP B 69 37.95 0.25 -11.25
CA ASP B 69 38.97 -0.77 -11.41
C ASP B 69 40.20 -0.33 -12.22
N VAL B 70 40.01 0.44 -13.31
CA VAL B 70 41.18 0.85 -14.13
C VAL B 70 42.10 1.74 -13.28
N ASP B 71 41.53 2.68 -12.52
CA ASP B 71 42.37 3.49 -11.62
C ASP B 71 43.06 2.64 -10.60
N LEU B 72 42.37 1.67 -9.99
CA LEU B 72 42.99 0.78 -8.99
C LEU B 72 44.20 0.05 -9.53
N MET B 73 44.01 -0.62 -10.66
CA MET B 73 45.08 -1.39 -11.28
C MET B 73 46.17 -0.50 -11.81
N ASN B 74 45.85 0.70 -12.34
CA ASN B 74 46.93 1.61 -12.73
C ASN B 74 47.75 2.01 -11.50
N TRP B 75 47.06 2.28 -10.39
CA TRP B 75 47.76 2.68 -9.17
C TRP B 75 48.65 1.51 -8.68
N ALA B 76 48.11 0.31 -8.78
CA ALA B 76 48.85 -0.87 -8.36
C ALA B 76 50.07 -1.06 -9.26
N LYS B 77 49.90 -0.93 -10.57
CA LYS B 77 51.02 -1.16 -11.52
C LYS B 77 52.13 -0.15 -11.29
N LYS B 78 51.79 1.10 -11.01
CA LYS B 78 52.81 2.10 -10.77
C LYS B 78 53.23 2.34 -9.33
N GLY B 79 52.86 1.41 -8.45
CA GLY B 79 53.24 1.49 -7.04
C GLY B 79 52.70 2.66 -6.20
N VAL B 80 51.53 3.21 -6.57
CA VAL B 80 50.88 4.22 -5.76
C VAL B 80 50.25 3.57 -4.50
N ILE B 81 49.61 2.44 -4.70
CA ILE B 81 49.01 1.65 -3.66
C ILE B 81 49.69 0.30 -3.61
N ILE B 82 49.49 -0.38 -2.48
CA ILE B 82 50.08 -1.70 -2.22
C ILE B 82 49.05 -2.81 -2.19
N PRO B 83 49.48 -4.04 -2.50
CA PRO B 83 48.59 -5.19 -2.23
C PRO B 83 48.45 -5.38 -0.73
N VAL B 84 47.33 -5.90 -0.30
CA VAL B 84 47.00 -5.96 1.13
C VAL B 84 46.66 -7.34 1.65
N GLU B 85 46.65 -8.35 0.79
CA GLU B 85 46.20 -9.70 1.20
C GLU B 85 46.97 -10.23 2.43
N ASP B 86 48.25 -9.94 2.51
CA ASP B 86 49.03 -10.34 3.69
C ASP B 86 48.67 -9.60 4.96
N LEU B 87 48.31 -8.33 4.80
CA LEU B 87 47.85 -7.56 5.93
C LEU B 87 46.51 -8.11 6.52
N ILE B 88 45.60 -8.46 5.62
CA ILE B 88 44.34 -9.13 5.97
C ILE B 88 44.65 -10.38 6.82
N ASP B 89 45.52 -11.22 6.26
CA ASP B 89 45.81 -12.49 6.87
C ASP B 89 46.49 -12.35 8.21
N LYS B 90 47.40 -11.39 8.32
CA LYS B 90 48.12 -11.18 9.52
C LYS B 90 47.39 -10.40 10.62
N TYR B 91 46.57 -9.40 10.30
CA TYR B 91 46.17 -8.42 11.28
C TYR B 91 44.68 -8.09 11.37
N MET B 92 43.84 -8.81 10.65
CA MET B 92 42.47 -8.38 10.40
C MET B 92 41.48 -9.49 10.70
N PRO B 93 41.29 -9.84 12.00
CA PRO B 93 40.40 -10.96 12.33
C PRO B 93 38.91 -10.73 11.95
N ASN B 94 38.38 -9.52 12.16
CA ASN B 94 36.98 -9.25 11.74
C ASN B 94 36.77 -9.51 10.27
N LEU B 95 37.67 -8.95 9.45
CA LEU B 95 37.59 -9.17 8.01
C LEU B 95 37.74 -10.64 7.63
N LYS B 96 38.75 -11.29 8.18
CA LYS B 96 39.01 -12.72 7.85
C LYS B 96 37.79 -13.58 8.20
N LYS B 97 37.13 -13.26 9.31
CA LYS B 97 35.93 -13.98 9.68
C LYS B 97 34.79 -13.78 8.67
N ILE B 98 34.63 -12.54 8.20
CA ILE B 98 33.63 -12.24 7.16
C ILE B 98 33.94 -13.04 5.92
N LEU B 99 35.21 -13.07 5.50
CA LEU B 99 35.59 -13.82 4.29
C LEU B 99 35.51 -15.34 4.46
N ASP B 100 35.59 -15.86 5.69
CA ASP B 100 35.31 -17.31 5.96
C ASP B 100 33.85 -17.64 5.77
N GLU B 101 32.98 -16.83 6.37
CA GLU B 101 31.54 -17.02 6.21
C GLU B 101 31.10 -16.85 4.76
N LYS B 102 31.73 -15.93 4.02
CA LYS B 102 31.24 -15.49 2.69
C LYS B 102 32.41 -15.39 1.71
N PRO B 103 33.05 -16.51 1.38
CA PRO B 103 34.28 -16.46 0.59
C PRO B 103 34.14 -15.90 -0.83
N GLU B 104 32.94 -15.92 -1.38
CA GLU B 104 32.62 -15.21 -2.60
C GLU B 104 33.04 -13.71 -2.61
N TYR B 105 32.93 -13.03 -1.47
CA TYR B 105 33.44 -11.67 -1.39
C TYR B 105 34.96 -11.66 -1.55
N LYS B 106 35.65 -12.67 -1.05
CA LYS B 106 37.09 -12.77 -1.30
C LYS B 106 37.43 -12.90 -2.77
N ALA B 107 36.72 -13.73 -3.53
CA ALA B 107 36.88 -13.79 -5.00
C ALA B 107 36.66 -12.41 -5.63
N LEU B 108 35.62 -11.70 -5.19
CA LEU B 108 35.31 -10.35 -5.69
C LEU B 108 36.39 -9.32 -5.35
N MET B 109 37.14 -9.54 -4.26
CA MET B 109 38.26 -8.67 -3.91
C MET B 109 39.57 -8.92 -4.66
N THR B 110 39.68 -10.05 -5.35
CA THR B 110 41.00 -10.49 -5.81
C THR B 110 41.17 -10.17 -7.29
N ALA B 111 42.23 -9.45 -7.62
CA ALA B 111 42.59 -9.21 -9.02
C ALA B 111 43.02 -10.51 -9.73
N PRO B 112 42.97 -10.51 -11.07
CA PRO B 112 43.50 -11.64 -11.86
C PRO B 112 45.00 -11.95 -11.62
N ASP B 113 45.79 -10.96 -11.18
CA ASP B 113 47.15 -11.23 -10.74
C ASP B 113 47.28 -11.89 -9.38
N GLY B 114 46.18 -12.25 -8.72
CA GLY B 114 46.24 -12.85 -7.40
C GLY B 114 46.24 -11.94 -6.20
N HIS B 115 46.44 -10.67 -6.40
CA HIS B 115 46.48 -9.71 -5.33
C HIS B 115 45.10 -9.09 -5.04
N ILE B 116 44.97 -8.67 -3.78
CA ILE B 116 43.89 -7.84 -3.33
C ILE B 116 44.52 -6.45 -3.15
N TYR B 117 43.87 -5.44 -3.70
CA TYR B 117 44.40 -4.06 -3.66
C TYR B 117 43.53 -3.08 -2.94
N SER B 118 42.38 -3.50 -2.42
CA SER B 118 41.46 -2.56 -1.75
C SER B 118 40.55 -3.29 -0.78
N PHE B 119 39.92 -2.51 0.10
CA PHE B 119 38.99 -3.03 1.10
C PHE B 119 37.59 -2.65 0.72
N PRO B 120 36.68 -3.65 0.61
CA PRO B 120 35.33 -3.36 0.10
C PRO B 120 34.23 -2.86 1.08
N TRP B 121 33.19 -2.30 0.47
CA TRP B 121 31.92 -2.09 1.15
C TRP B 121 31.00 -3.19 0.77
N ILE B 122 30.33 -3.76 1.76
CA ILE B 122 29.48 -4.91 1.52
C ILE B 122 28.20 -4.59 2.23
N GLU B 123 27.08 -4.61 1.54
CA GLU B 123 25.78 -4.36 2.17
C GLU B 123 24.75 -5.28 1.59
N GLU B 124 24.27 -6.26 2.36
CA GLU B 124 23.30 -7.24 1.78
C GLU B 124 21.85 -6.77 2.01
N LEU B 125 21.20 -6.34 0.94
CA LEU B 125 19.81 -5.92 0.96
C LEU B 125 19.15 -6.55 -0.23
N GLY B 126 18.64 -7.76 -0.03
CA GLY B 126 18.00 -8.52 -1.09
C GLY B 126 18.99 -9.22 -1.99
N ASP B 127 18.50 -10.09 -2.84
CA ASP B 127 19.41 -10.85 -3.70
C ASP B 127 18.85 -11.15 -5.09
N GLY B 128 19.73 -11.28 -6.08
CA GLY B 128 19.32 -11.57 -7.45
C GLY B 128 18.43 -10.44 -7.97
N LYS B 129 17.31 -10.80 -8.60
CA LYS B 129 16.32 -9.81 -9.03
C LYS B 129 15.73 -8.91 -7.91
N GLU B 130 15.70 -9.42 -6.67
CA GLU B 130 15.17 -8.69 -5.51
C GLU B 130 16.21 -7.76 -4.83
N SER B 131 17.43 -7.72 -5.31
CA SER B 131 18.41 -6.76 -4.81
C SER B 131 17.81 -5.37 -4.77
N ILE B 132 18.05 -4.65 -3.67
CA ILE B 132 17.65 -3.22 -3.64
C ILE B 132 18.28 -2.38 -4.80
N HIS B 133 19.38 -2.85 -5.39
CA HIS B 133 20.01 -2.16 -6.52
C HIS B 133 19.48 -2.44 -7.91
N SER B 134 18.53 -3.38 -8.02
CA SER B 134 17.96 -3.79 -9.31
C SER B 134 17.42 -2.65 -10.12
N VAL B 135 16.76 -1.71 -9.46
CA VAL B 135 16.30 -0.46 -10.08
C VAL B 135 16.80 0.70 -9.21
N ASN B 136 17.54 1.62 -9.82
CA ASN B 136 17.95 2.85 -9.12
C ASN B 136 17.02 4.03 -9.37
N ASP B 137 16.67 4.32 -10.62
CA ASP B 137 15.88 5.52 -10.93
C ASP B 137 14.38 5.23 -11.06
N MET B 138 13.77 4.95 -9.89
CA MET B 138 12.36 4.61 -9.79
C MET B 138 11.57 5.79 -10.23
N ALA B 139 10.49 5.53 -10.94
CA ALA B 139 9.49 6.59 -11.30
C ALA B 139 8.41 6.71 -10.23
N TRP B 140 8.02 7.95 -9.92
CA TRP B 140 7.03 8.29 -8.94
C TRP B 140 5.99 9.22 -9.59
N ILE B 141 4.74 9.12 -9.14
CA ILE B 141 3.68 9.90 -9.78
C ILE B 141 2.82 10.52 -8.68
N ASN B 142 2.37 11.72 -8.95
CA ASN B 142 1.43 12.40 -8.04
C ASN B 142 0.02 11.81 -8.15
N LYS B 143 -0.32 10.93 -7.23
CA LYS B 143 -1.67 10.36 -7.11
C LYS B 143 -2.76 11.33 -6.70
N ASP B 144 -2.43 12.34 -5.91
CA ASP B 144 -3.43 13.38 -5.62
C ASP B 144 -3.95 14.10 -6.84
N TRP B 145 -3.02 14.42 -7.75
CA TRP B 145 -3.35 15.03 -9.00
C TRP B 145 -4.20 14.10 -9.80
N LEU B 146 -3.83 12.84 -9.87
CA LEU B 146 -4.69 11.89 -10.58
C LEU B 146 -6.14 11.89 -10.07
N LYS B 147 -6.30 11.71 -8.75
CA LYS B 147 -7.61 11.83 -8.08
C LYS B 147 -8.30 13.15 -8.38
N LYS B 148 -7.60 14.28 -8.29
CA LYS B 148 -8.25 15.60 -8.49
C LYS B 148 -8.79 15.76 -9.93
N LEU B 149 -8.01 15.29 -10.87
CA LEU B 149 -8.43 15.30 -12.25
C LEU B 149 -9.39 14.13 -12.68
N GLY B 150 -9.68 13.17 -11.81
CA GLY B 150 -10.60 12.07 -12.16
C GLY B 150 -9.97 11.07 -13.10
N LEU B 151 -8.65 10.87 -13.02
CA LEU B 151 -7.91 9.97 -13.89
C LEU B 151 -7.45 8.74 -13.20
N GLU B 152 -7.38 7.67 -13.95
CA GLU B 152 -6.84 6.42 -13.48
C GLU B 152 -5.34 6.40 -13.60
N MET B 153 -4.69 5.56 -12.80
CA MET B 153 -3.27 5.29 -12.91
C MET B 153 -2.98 4.85 -14.32
N PRO B 154 -1.99 5.49 -14.99
CA PRO B 154 -1.75 5.05 -16.37
C PRO B 154 -1.23 3.63 -16.42
N LYS B 155 -1.64 2.85 -17.44
CA LYS B 155 -1.09 1.51 -17.65
C LYS B 155 -0.16 1.40 -18.87
N THR B 156 -0.22 2.36 -19.79
CA THR B 156 0.57 2.31 -21.01
C THR B 156 1.33 3.60 -21.18
N THR B 157 2.33 3.58 -22.03
CA THR B 157 2.99 4.83 -22.42
C THR B 157 2.04 5.86 -23.06
N ASP B 158 1.02 5.39 -23.78
CA ASP B 158 0.00 6.27 -24.35
C ASP B 158 -0.87 6.96 -23.27
N ASP B 159 -1.31 6.17 -22.28
CA ASP B 159 -1.99 6.67 -21.11
C ASP B 159 -1.09 7.71 -20.41
N LEU B 160 0.19 7.42 -20.23
CA LEU B 160 1.12 8.34 -19.58
C LEU B 160 1.14 9.73 -20.25
N ILE B 161 1.25 9.77 -21.56
CA ILE B 161 1.17 11.04 -22.27
C ILE B 161 -0.14 11.79 -21.93
N LYS B 162 -1.26 11.06 -21.93
CA LYS B 162 -2.57 11.68 -21.72
C LYS B 162 -2.67 12.29 -20.33
N VAL B 163 -2.18 11.54 -19.33
CA VAL B 163 -2.02 12.00 -17.94
C VAL B 163 -1.12 13.25 -17.83
N LEU B 164 0.06 13.16 -18.43
CA LEU B 164 0.96 14.29 -18.43
C LEU B 164 0.34 15.56 -19.04
N GLU B 165 -0.45 15.38 -20.08
CA GLU B 165 -1.20 16.50 -20.66
C GLU B 165 -2.26 17.08 -19.71
N ALA B 166 -2.96 16.20 -18.98
CA ALA B 166 -3.91 16.61 -17.96
C ALA B 166 -3.25 17.39 -16.81
N PHE B 167 -2.14 16.88 -16.31
CA PHE B 167 -1.30 17.57 -15.37
C PHE B 167 -0.87 18.92 -15.84
N LYS B 168 -0.52 19.03 -17.11
CA LYS B 168 -0.08 20.32 -17.64
C LYS B 168 -1.17 21.36 -17.66
N ASN B 169 -2.30 20.97 -18.15
CA ASN B 169 -3.33 21.92 -18.54
C ASN B 169 -4.51 22.01 -17.57
N GLY B 170 -4.61 21.09 -16.62
CA GLY B 170 -5.79 21.03 -15.77
C GLY B 170 -5.63 21.54 -14.34
N ASP B 171 -4.51 22.20 -14.04
CA ASP B 171 -4.30 22.83 -12.74
C ASP B 171 -4.72 21.93 -11.59
N PRO B 172 -4.16 20.69 -11.55
CA PRO B 172 -4.54 19.75 -10.46
C PRO B 172 -4.28 20.28 -9.02
N ASN B 173 -3.33 21.20 -8.85
CA ASN B 173 -3.11 21.76 -7.52
C ASN B 173 -3.99 22.98 -7.17
N GLY B 174 -4.92 23.35 -8.04
CA GLY B 174 -5.96 24.30 -7.73
C GLY B 174 -5.54 25.72 -7.43
N ASN B 175 -4.41 26.19 -7.97
CA ASN B 175 -3.97 27.56 -7.73
C ASN B 175 -4.13 28.50 -8.92
N GLY B 176 -4.80 28.00 -9.95
CA GLY B 176 -5.07 28.77 -11.16
C GLY B 176 -3.84 29.16 -11.93
N GLU B 177 -2.74 28.46 -11.73
CA GLU B 177 -1.46 28.76 -12.38
C GLU B 177 -0.88 27.49 -13.02
N ALA B 178 -0.14 27.72 -14.10
CA ALA B 178 0.47 26.65 -14.87
C ALA B 178 1.86 26.42 -14.29
N ASP B 179 1.90 26.09 -13.01
CA ASP B 179 3.13 25.81 -12.36
C ASP B 179 3.36 24.30 -12.37
N GLU B 180 2.40 23.51 -12.83
CA GLU B 180 2.56 22.06 -12.81
C GLU B 180 3.71 21.70 -13.77
N ILE B 181 4.69 20.95 -13.27
CA ILE B 181 5.76 20.42 -14.08
C ILE B 181 5.43 18.93 -14.33
N PRO B 182 4.90 18.58 -15.52
CA PRO B 182 4.40 17.19 -15.66
C PRO B 182 5.43 16.09 -15.50
N PHE B 183 6.61 16.32 -16.07
CA PHE B 183 7.65 15.31 -16.13
C PHE B 183 8.96 15.93 -15.80
N SER B 184 9.70 15.37 -14.85
CA SER B 184 11.01 15.86 -14.53
C SER B 184 12.01 14.75 -14.20
N PHE B 185 13.29 15.13 -14.32
CA PHE B 185 14.41 14.23 -14.17
C PHE B 185 15.73 15.03 -14.00
N ILE B 186 16.77 14.38 -13.55
CA ILE B 186 18.12 14.91 -13.72
C ILE B 186 18.85 14.00 -14.68
N SER B 187 19.24 14.54 -15.84
CA SER B 187 19.79 13.72 -16.95
C SER B 187 21.19 13.22 -16.76
N GLY B 188 21.41 11.95 -17.07
CA GLY B 188 22.75 11.38 -17.04
C GLY B 188 22.68 10.04 -16.38
N ASN B 189 23.73 9.67 -15.66
CA ASN B 189 23.73 8.49 -14.81
C ASN B 189 22.92 8.82 -13.58
N GLY B 190 22.53 7.78 -12.87
CA GLY B 190 22.10 7.91 -11.49
C GLY B 190 20.61 7.91 -11.30
N ASN B 191 20.24 8.19 -10.04
CA ASN B 191 18.89 7.87 -9.51
C ASN B 191 17.80 8.80 -10.03
N GLU B 192 18.18 9.94 -10.61
CA GLU B 192 17.20 10.89 -11.08
C GLU B 192 16.96 10.88 -12.56
N ASP B 193 17.64 10.03 -13.29
CA ASP B 193 17.48 9.96 -14.75
C ASP B 193 16.15 9.29 -15.12
N PHE B 194 15.71 9.55 -16.35
CA PHE B 194 14.55 8.93 -16.94
C PHE B 194 14.75 7.56 -17.63
N LYS B 195 15.95 6.96 -17.66
CA LYS B 195 16.20 5.82 -18.53
C LYS B 195 15.39 4.56 -18.21
N PHE B 196 14.94 4.47 -16.95
CA PHE B 196 14.01 3.45 -16.50
C PHE B 196 12.83 3.25 -17.41
N LEU B 197 12.30 4.31 -18.02
CA LEU B 197 11.20 4.16 -18.96
C LEU B 197 11.55 3.57 -20.32
N PHE B 198 12.83 3.51 -20.69
CA PHE B 198 13.20 2.96 -22.01
C PHE B 198 12.72 1.51 -22.15
N ALA B 199 12.64 0.79 -21.04
CA ALA B 199 12.27 -0.62 -21.09
C ALA B 199 10.81 -0.86 -21.51
N ALA B 200 9.96 0.17 -21.44
CA ALA B 200 8.61 0.11 -22.03
C ALA B 200 8.60 -0.07 -23.56
N PHE B 201 9.75 0.13 -24.19
CA PHE B 201 9.96 -0.12 -25.62
C PHE B 201 10.77 -1.39 -25.88
N GLY B 202 10.85 -2.21 -24.86
CA GLY B 202 11.69 -3.39 -24.85
C GLY B 202 13.13 -3.12 -24.50
N ILE B 203 13.71 -4.04 -23.75
CA ILE B 203 15.15 -4.07 -23.43
C ILE B 203 15.51 -2.98 -22.40
N GLY B 204 15.38 -1.71 -22.78
CA GLY B 204 15.66 -0.62 -21.88
C GLY B 204 17.13 -0.26 -21.80
N ASP B 205 17.51 0.32 -20.67
CA ASP B 205 18.83 0.88 -20.52
C ASP B 205 19.26 0.84 -19.03
N ASN B 206 20.55 0.95 -18.77
CA ASN B 206 21.03 1.23 -17.44
C ASN B 206 22.29 2.14 -17.61
N ASP B 207 22.92 2.50 -16.50
CA ASP B 207 24.04 3.41 -16.48
C ASP B 207 25.30 2.83 -17.17
N ASP B 208 25.37 1.51 -17.27
CA ASP B 208 26.44 0.83 -18.03
C ASP B 208 26.14 0.73 -19.51
N HIS B 209 24.88 0.96 -19.85
CA HIS B 209 24.30 0.67 -21.16
C HIS B 209 24.52 -0.76 -21.53
N LEU B 210 24.39 -1.66 -20.56
CA LEU B 210 24.78 -3.05 -20.76
C LEU B 210 23.90 -4.01 -19.98
N VAL B 211 23.23 -4.89 -20.72
CA VAL B 211 22.45 -5.95 -20.15
C VAL B 211 22.96 -7.25 -20.73
N VAL B 212 22.38 -8.32 -20.24
CA VAL B 212 22.73 -9.67 -20.62
C VAL B 212 21.49 -10.37 -21.09
N GLY B 213 21.50 -10.76 -22.36
CA GLY B 213 20.38 -11.51 -22.95
C GLY B 213 20.25 -12.88 -22.32
N ASN B 214 19.02 -13.40 -22.39
CA ASN B 214 18.74 -14.80 -22.03
C ASN B 214 19.32 -15.87 -22.96
N ASP B 215 19.87 -15.42 -24.08
CA ASP B 215 20.84 -16.16 -24.89
C ASP B 215 22.31 -16.10 -24.41
N GLY B 216 22.60 -15.39 -23.32
CA GLY B 216 23.96 -15.24 -22.85
C GLY B 216 24.80 -14.22 -23.60
N LYS B 217 24.21 -13.40 -24.47
CA LYS B 217 24.99 -12.43 -25.19
C LYS B 217 24.82 -11.08 -24.52
N VAL B 218 25.94 -10.40 -24.40
CA VAL B 218 25.97 -9.11 -23.74
C VAL B 218 25.44 -8.14 -24.76
N ASP B 219 24.61 -7.20 -24.32
CA ASP B 219 23.98 -6.30 -25.28
C ASP B 219 24.27 -4.86 -24.81
N PHE B 220 24.92 -4.08 -25.65
CA PHE B 220 24.96 -2.60 -25.50
C PHE B 220 23.59 -2.05 -25.85
N THR B 221 22.98 -1.36 -24.90
CA THR B 221 21.59 -0.90 -25.07
C THR B 221 21.40 0.30 -25.95
N ALA B 222 22.44 1.15 -26.01
CA ALA B 222 22.33 2.49 -26.57
C ALA B 222 22.49 2.53 -28.10
N ASP B 223 22.59 1.36 -28.71
CA ASP B 223 22.55 1.24 -30.16
C ASP B 223 21.38 0.39 -30.64
N ASN B 224 20.41 0.14 -29.77
CA ASN B 224 19.25 -0.68 -30.11
C ASN B 224 18.16 0.20 -30.68
N ASP B 225 17.38 -0.36 -31.59
CA ASP B 225 16.16 0.31 -32.08
C ASP B 225 15.19 0.62 -30.98
N ASN B 226 15.19 -0.24 -29.98
CA ASN B 226 14.36 -0.01 -28.80
C ASN B 226 14.70 1.26 -28.06
N TYR B 227 15.99 1.55 -27.99
CA TYR B 227 16.51 2.80 -27.41
C TYR B 227 16.20 4.00 -28.25
N LYS B 228 16.41 3.87 -29.54
CA LYS B 228 15.92 4.89 -30.41
C LYS B 228 14.42 5.23 -30.12
N GLU B 229 13.57 4.20 -29.96
CA GLU B 229 12.16 4.41 -29.68
C GLU B 229 11.94 5.12 -28.31
N GLY B 230 12.73 4.75 -27.33
CA GLY B 230 12.71 5.40 -26.02
C GLY B 230 13.00 6.89 -26.13
N VAL B 231 14.01 7.24 -26.96
CA VAL B 231 14.39 8.64 -27.16
C VAL B 231 13.28 9.35 -27.86
N LYS B 232 12.64 8.68 -28.83
CA LYS B 232 11.51 9.31 -29.53
C LYS B 232 10.34 9.63 -28.61
N PHE B 233 10.12 8.77 -27.63
CA PHE B 233 9.01 8.97 -26.68
C PHE B 233 9.27 10.21 -25.82
N ILE B 234 10.47 10.32 -25.29
CA ILE B 234 10.85 11.49 -24.53
C ILE B 234 10.81 12.75 -25.38
N ARG B 235 11.25 12.65 -26.63
CA ARG B 235 11.07 13.73 -27.58
C ARG B 235 9.61 14.16 -27.71
N GLN B 236 8.70 13.19 -27.83
CA GLN B 236 7.28 13.52 -27.88
C GLN B 236 6.87 14.29 -26.63
N LEU B 237 7.38 13.88 -25.49
CA LEU B 237 7.12 14.67 -24.26
C LEU B 237 7.66 16.09 -24.34
N GLN B 238 8.87 16.25 -24.85
CA GLN B 238 9.44 17.59 -25.04
C GLN B 238 8.56 18.41 -26.00
N GLU B 239 8.17 17.82 -27.12
CA GLU B 239 7.37 18.54 -28.15
C GLU B 239 6.05 19.06 -27.65
N LYS B 240 5.43 18.28 -26.79
CA LYS B 240 4.16 18.65 -26.19
C LYS B 240 4.29 19.57 -24.94
N GLY B 241 5.48 20.03 -24.64
CA GLY B 241 5.71 20.93 -23.54
C GLY B 241 5.55 20.25 -22.20
N LEU B 242 5.84 18.95 -22.11
CA LEU B 242 5.62 18.21 -20.89
C LEU B 242 6.80 18.08 -19.94
N ILE B 243 7.99 18.41 -20.41
CA ILE B 243 9.22 18.18 -19.66
C ILE B 243 9.51 19.51 -19.00
N ASP B 244 9.88 19.43 -17.73
CA ASP B 244 10.51 20.51 -16.97
C ASP B 244 11.48 21.31 -17.86
N LYS B 245 11.23 22.62 -18.01
CA LYS B 245 12.10 23.51 -18.83
C LYS B 245 13.55 23.47 -18.46
N GLU B 246 13.84 23.12 -17.22
CA GLU B 246 15.14 23.23 -16.61
C GLU B 246 15.78 21.85 -16.54
N ALA B 247 15.13 20.83 -17.14
CA ALA B 247 15.51 19.45 -16.89
C ALA B 247 16.96 19.14 -17.23
N PHE B 248 17.47 19.75 -18.30
CA PHE B 248 18.84 19.50 -18.74
C PHE B 248 19.87 20.49 -18.12
N GLU B 249 19.43 21.42 -17.27
CA GLU B 249 20.36 22.32 -16.58
C GLU B 249 20.35 22.31 -15.03
N HIS B 250 19.26 21.91 -14.40
CA HIS B 250 19.15 22.03 -12.94
C HIS B 250 20.01 21.02 -12.20
N ASP B 251 20.11 21.19 -10.90
CA ASP B 251 20.90 20.30 -10.05
C ASP B 251 19.99 19.68 -9.01
N TRP B 252 20.58 18.85 -8.14
CA TRP B 252 19.86 18.16 -7.10
C TRP B 252 19.11 19.11 -6.15
N ASN B 253 19.77 20.18 -5.71
CA ASN B 253 19.15 21.15 -4.80
C ASN B 253 17.92 21.82 -5.39
N SER B 254 18.00 22.27 -6.62
CA SER B 254 16.84 22.77 -7.33
C SER B 254 15.69 21.67 -7.52
N TYR B 255 16.10 20.45 -7.84
CA TYR B 255 15.17 19.34 -8.02
C TYR B 255 14.38 19.11 -6.74
N ILE B 256 15.06 19.08 -5.60
CA ILE B 256 14.37 18.84 -4.33
C ILE B 256 13.59 20.05 -3.89
N ALA B 257 14.04 21.22 -4.24
CA ALA B 257 13.23 22.39 -3.91
C ALA B 257 11.83 22.33 -4.63
N LYS B 258 11.84 22.01 -5.92
CA LYS B 258 10.57 21.87 -6.65
C LYS B 258 9.79 20.66 -6.17
N GLY B 259 10.50 19.61 -5.82
CA GLY B 259 9.87 18.46 -5.18
C GLY B 259 9.22 18.76 -3.83
N HIS B 260 9.91 19.52 -3.02
CA HIS B 260 9.34 19.91 -1.73
C HIS B 260 8.03 20.70 -1.94
N ASP B 261 7.97 21.55 -2.96
CA ASP B 261 6.73 22.26 -3.33
C ASP B 261 5.69 21.44 -4.14
N GLN B 262 5.98 20.17 -4.36
CA GLN B 262 5.03 19.23 -4.95
C GLN B 262 4.67 19.70 -6.35
N LYS B 263 5.69 20.12 -7.07
CA LYS B 263 5.51 20.67 -8.41
C LYS B 263 5.49 19.60 -9.54
N PHE B 264 5.86 18.35 -9.23
CA PHE B 264 6.10 17.28 -10.22
C PHE B 264 4.92 16.37 -10.34
N GLY B 265 4.55 16.08 -11.59
CA GLY B 265 3.60 15.06 -11.92
C GLY B 265 4.22 13.69 -11.85
N VAL B 266 5.25 13.50 -12.66
CA VAL B 266 6.08 12.28 -12.64
C VAL B 266 7.54 12.66 -12.56
N TYR B 267 8.28 12.02 -11.66
CA TYR B 267 9.70 12.25 -11.55
C TYR B 267 10.39 10.97 -11.12
N PHE B 268 11.72 10.99 -11.18
CA PHE B 268 12.55 9.84 -10.85
C PHE B 268 13.48 10.11 -9.68
N THR B 269 13.63 9.14 -8.81
CA THR B 269 14.59 9.23 -7.70
C THR B 269 14.69 7.88 -7.02
N TRP B 270 15.71 7.68 -6.19
CA TRP B 270 15.82 6.46 -5.44
C TRP B 270 14.65 6.25 -4.44
N ASP B 271 14.29 7.30 -3.73
CA ASP B 271 13.27 7.22 -2.68
C ASP B 271 12.54 8.56 -2.64
N LYS B 272 11.25 8.55 -2.93
CA LYS B 272 10.46 9.80 -2.93
C LYS B 272 10.63 10.71 -1.67
N ASN B 273 10.88 10.08 -0.53
CA ASN B 273 11.08 10.76 0.77
C ASN B 273 12.14 11.83 0.76
N ASN B 274 13.12 11.72 -0.14
CA ASN B 274 14.14 12.75 -0.37
C ASN B 274 13.71 13.91 -1.23
N VAL B 275 12.58 13.81 -1.94
CA VAL B 275 12.28 14.80 -2.95
C VAL B 275 10.94 15.44 -2.72
N THR B 276 9.88 14.66 -2.80
CA THR B 276 8.56 15.12 -2.50
C THR B 276 8.16 14.92 -1.05
N GLY B 277 8.91 14.13 -0.31
CA GLY B 277 8.74 14.03 1.15
C GLY B 277 7.94 12.85 1.62
N SER B 278 7.65 12.89 2.90
CA SER B 278 7.00 11.82 3.58
C SER B 278 5.52 12.11 3.62
N ASN B 279 4.84 11.64 2.58
CA ASN B 279 3.42 11.83 2.42
C ASN B 279 2.89 10.81 1.42
N GLU B 280 1.58 10.75 1.34
CA GLU B 280 0.95 9.85 0.44
C GLU B 280 0.56 10.49 -0.89
N SER B 281 1.02 11.70 -1.20
CA SER B 281 0.66 12.32 -2.48
C SER B 281 1.34 11.65 -3.67
N TYR B 282 2.52 11.10 -3.46
CA TYR B 282 3.26 10.45 -4.50
C TYR B 282 3.38 8.99 -4.21
N ASP B 283 3.37 8.20 -5.29
CA ASP B 283 3.56 6.77 -5.18
C ASP B 283 4.28 6.22 -6.40
N VAL B 284 4.57 4.93 -6.36
CA VAL B 284 5.25 4.29 -7.46
C VAL B 284 4.41 4.33 -8.74
N LEU B 285 4.98 4.83 -9.82
CA LEU B 285 4.38 4.66 -11.12
C LEU B 285 4.56 3.19 -11.53
N PRO B 286 3.46 2.44 -11.67
CA PRO B 286 3.65 1.00 -12.06
C PRO B 286 4.31 0.83 -13.44
N VAL B 287 4.82 -0.37 -13.73
CA VAL B 287 5.57 -0.63 -14.96
C VAL B 287 4.57 -0.46 -16.11
N LEU B 288 4.90 0.32 -17.13
CA LEU B 288 3.95 0.64 -18.21
C LEU B 288 4.14 -0.34 -19.35
N ALA B 289 3.07 -0.59 -20.11
CA ALA B 289 3.20 -1.24 -21.44
C ALA B 289 3.40 -0.24 -22.52
N GLY B 290 4.32 -0.59 -23.44
CA GLY B 290 4.57 0.18 -24.61
C GLY B 290 3.53 -0.01 -25.70
N PRO B 291 3.71 0.69 -26.81
CA PRO B 291 2.76 0.68 -27.91
C PRO B 291 2.49 -0.74 -28.50
N SER B 292 3.47 -1.65 -28.42
CA SER B 292 3.34 -3.01 -28.95
C SER B 292 3.22 -4.04 -27.87
N GLY B 293 3.00 -3.61 -26.63
CA GLY B 293 2.81 -4.54 -25.53
C GLY B 293 4.09 -4.85 -24.76
N GLN B 294 5.19 -4.21 -25.11
CA GLN B 294 6.47 -4.38 -24.40
C GLN B 294 6.25 -3.96 -22.94
N LYS B 295 6.67 -4.79 -22.01
CA LYS B 295 6.48 -4.49 -20.63
C LYS B 295 7.60 -5.17 -19.88
N HIS B 296 8.56 -4.34 -19.48
CA HIS B 296 9.86 -4.85 -19.07
C HIS B 296 10.49 -3.87 -18.07
N VAL B 297 11.34 -4.42 -17.22
CA VAL B 297 12.19 -3.64 -16.35
C VAL B 297 13.59 -4.11 -16.66
N ALA B 298 14.45 -3.20 -17.16
CA ALA B 298 15.86 -3.54 -17.32
C ALA B 298 16.53 -3.60 -15.98
N ARG B 299 17.39 -4.59 -15.80
CA ARG B 299 18.16 -4.71 -14.62
C ARG B 299 19.42 -3.83 -14.71
N THR B 300 19.68 -3.04 -13.67
CA THR B 300 21.03 -2.48 -13.45
C THR B 300 22.00 -3.62 -13.20
N ASN B 301 23.27 -3.26 -13.18
CA ASN B 301 24.36 -4.19 -12.81
C ASN B 301 24.91 -3.88 -11.41
N GLY B 302 24.11 -3.19 -10.61
CA GLY B 302 24.50 -2.81 -9.26
C GLY B 302 24.29 -3.97 -8.33
N MET B 303 24.93 -3.87 -7.17
CA MET B 303 24.87 -4.89 -6.15
C MET B 303 25.34 -4.30 -4.85
N GLY B 304 25.04 -5.00 -3.76
CA GLY B 304 25.51 -4.63 -2.43
C GLY B 304 27.02 -4.80 -2.22
N PHE B 305 27.84 -4.29 -3.12
CA PHE B 305 29.29 -4.53 -3.06
C PHE B 305 30.00 -3.46 -3.86
N ALA B 306 31.03 -2.90 -3.26
CA ALA B 306 31.92 -1.96 -3.94
C ALA B 306 33.32 -2.41 -3.62
N ARG B 307 34.06 -2.70 -4.67
CA ARG B 307 35.41 -3.26 -4.56
C ARG B 307 36.36 -2.47 -3.65
N ASP B 308 36.34 -1.15 -3.81
CA ASP B 308 37.29 -0.23 -3.18
C ASP B 308 36.58 0.85 -2.38
N LYS B 309 36.57 0.73 -1.07
CA LYS B 309 36.28 1.86 -0.24
C LYS B 309 37.41 2.19 0.70
N MET B 310 38.57 1.58 0.47
CA MET B 310 39.79 2.06 1.07
C MET B 310 40.98 1.44 0.35
N VAL B 311 42.04 2.23 0.14
CA VAL B 311 43.30 1.74 -0.37
C VAL B 311 44.42 2.26 0.49
N ILE B 312 45.48 1.45 0.59
CA ILE B 312 46.67 1.80 1.33
C ILE B 312 47.76 2.24 0.35
N THR B 313 48.41 3.37 0.62
CA THR B 313 49.39 3.91 -0.30
C THR B 313 50.79 3.36 -0.01
N SER B 314 51.71 3.51 -0.98
CA SER B 314 53.11 3.05 -0.82
C SER B 314 53.90 3.90 0.16
N VAL B 315 53.42 5.05 0.53
CA VAL B 315 54.11 5.90 1.51
C VAL B 315 53.59 5.68 2.94
N ASN B 316 52.72 4.72 3.17
CA ASN B 316 52.11 4.51 4.44
C ASN B 316 53.18 4.25 5.52
N LYS B 317 53.06 4.99 6.61
CA LYS B 317 54.10 5.03 7.64
C LYS B 317 54.01 3.86 8.64
N ASN B 318 52.92 3.08 8.59
CA ASN B 318 52.67 2.02 9.60
C ASN B 318 51.57 1.11 9.13
N LEU B 319 51.99 0.12 8.35
CA LEU B 319 51.07 -0.82 7.74
C LEU B 319 50.25 -1.65 8.72
N GLU B 320 50.90 -2.07 9.80
CA GLU B 320 50.19 -2.83 10.83
C GLU B 320 49.10 -1.97 11.52
N LEU B 321 49.46 -0.78 12.01
CA LEU B 321 48.49 0.15 12.62
C LEU B 321 47.33 0.40 11.62
N THR B 322 47.67 0.66 10.36
CA THR B 322 46.65 0.90 9.33
C THR B 322 45.70 -0.30 9.16
N ALA B 323 46.28 -1.52 9.11
CA ALA B 323 45.47 -2.71 8.93
C ALA B 323 44.51 -2.95 10.10
N LYS B 324 44.93 -2.65 11.30
CA LYS B 324 44.12 -2.89 12.45
C LYS B 324 43.04 -1.84 12.51
N TRP B 325 43.35 -0.59 12.16
CA TRP B 325 42.33 0.44 12.13
C TRP B 325 41.24 0.05 11.20
N ILE B 326 41.63 -0.40 10.01
CA ILE B 326 40.70 -0.83 9.03
C ILE B 326 39.89 -1.98 9.57
N ASP B 327 40.53 -2.96 10.19
CA ASP B 327 39.77 -4.11 10.64
C ASP B 327 38.70 -3.75 11.65
N ALA B 328 38.95 -2.72 12.48
CA ALA B 328 37.94 -2.20 13.43
C ALA B 328 36.66 -1.67 12.75
N GLN B 329 36.76 -1.31 11.47
CA GLN B 329 35.57 -0.90 10.69
C GLN B 329 34.70 -2.08 10.31
N TYR B 330 35.27 -3.27 10.30
CA TYR B 330 34.53 -4.46 9.99
C TYR B 330 33.99 -5.14 11.23
N ALA B 331 34.14 -4.52 12.40
CA ALA B 331 33.39 -4.99 13.57
C ALA B 331 31.94 -4.71 13.28
N PRO B 332 31.06 -5.73 13.43
CA PRO B 332 29.63 -5.53 13.07
C PRO B 332 28.94 -4.20 13.52
N LEU B 333 29.02 -3.83 14.80
CA LEU B 333 28.39 -2.57 15.24
C LEU B 333 29.03 -1.31 14.60
N GLN B 334 30.35 -1.37 14.39
CA GLN B 334 31.10 -0.31 13.70
C GLN B 334 30.67 -0.21 12.26
N SER B 335 30.55 -1.34 11.57
CA SER B 335 30.14 -1.36 10.19
C SER B 335 28.77 -0.77 10.00
N VAL B 336 27.83 -1.20 10.84
CA VAL B 336 26.50 -0.64 10.80
C VAL B 336 26.46 0.89 10.94
N GLN B 337 27.16 1.41 11.92
CA GLN B 337 27.14 2.84 12.15
C GLN B 337 27.88 3.58 11.04
N ASN B 338 29.07 3.16 10.72
CA ASN B 338 29.81 3.80 9.65
C ASN B 338 28.92 3.95 8.40
N ASN B 339 28.18 2.91 8.09
CA ASN B 339 27.31 2.97 6.94
C ASN B 339 26.11 3.91 7.09
N TRP B 340 25.49 3.93 8.29
CA TRP B 340 24.14 4.47 8.41
C TRP B 340 23.92 5.60 9.39
N GLY B 341 24.86 5.77 10.33
CA GLY B 341 24.75 6.86 11.30
C GLY B 341 24.92 6.32 12.69
N THR B 342 24.56 7.11 13.70
CA THR B 342 24.84 6.69 15.10
C THR B 342 23.72 7.04 16.11
N TYR B 343 24.10 6.92 17.39
CA TYR B 343 23.25 7.13 18.56
C TYR B 343 23.92 8.14 19.49
N GLY B 344 23.10 8.71 20.38
CA GLY B 344 23.61 9.39 21.57
C GLY B 344 24.04 10.82 21.42
N ASP B 345 23.78 11.43 20.28
CA ASP B 345 24.04 12.84 20.17
C ASP B 345 22.89 13.56 20.89
N ASP B 346 23.21 14.53 21.73
CA ASP B 346 22.17 15.32 22.38
C ASP B 346 21.99 16.67 21.70
N LYS B 347 22.69 16.92 20.60
CA LYS B 347 22.52 18.18 19.89
C LYS B 347 22.10 18.02 18.44
N GLN B 348 21.90 16.78 18.00
CA GLN B 348 21.52 16.47 16.63
C GLN B 348 20.63 15.25 16.70
N GLN B 349 19.77 15.08 15.71
CA GLN B 349 19.01 13.88 15.57
C GLN B 349 19.88 12.65 15.39
N ASN B 350 19.38 11.49 15.79
CA ASN B 350 20.09 10.23 15.73
C ASN B 350 19.34 9.20 14.92
N ILE B 351 20.07 8.54 14.04
CA ILE B 351 19.55 7.42 13.25
C ILE B 351 19.27 6.22 14.12
N PHE B 352 19.99 6.10 15.23
CA PHE B 352 19.92 4.94 16.04
C PHE B 352 19.77 5.26 17.50
N GLU B 353 19.26 4.28 18.21
CA GLU B 353 19.54 4.18 19.61
C GLU B 353 20.28 2.87 19.83
N LEU B 354 21.10 2.87 20.88
CA LEU B 354 21.84 1.68 21.26
C LEU B 354 21.05 0.95 22.36
N ASP B 355 20.68 -0.31 22.13
CA ASP B 355 20.06 -1.11 23.16
C ASP B 355 21.17 -1.72 23.99
N GLN B 356 21.36 -1.18 25.19
CA GLN B 356 22.46 -1.54 26.08
C GLN B 356 22.30 -3.01 26.54
N ALA B 357 21.05 -3.47 26.68
CA ALA B 357 20.77 -4.87 27.07
C ALA B 357 21.17 -5.91 25.99
N SER B 358 20.78 -5.68 24.73
CA SER B 358 21.19 -6.57 23.63
C SER B 358 22.57 -6.22 23.08
N ASN B 359 23.10 -5.03 23.35
CA ASN B 359 24.31 -4.55 22.66
C ASN B 359 24.12 -4.50 21.11
N SER B 360 23.00 -3.91 20.70
CA SER B 360 22.58 -3.85 19.32
C SER B 360 21.87 -2.54 19.04
N LEU B 361 21.80 -2.25 17.75
CA LEU B 361 21.29 -0.98 17.29
C LEU B 361 19.87 -1.12 16.84
N LYS B 362 19.10 -0.06 17.06
CA LYS B 362 17.73 0.03 16.63
C LYS B 362 17.50 1.38 15.97
N HIS B 363 17.03 1.34 14.74
CA HIS B 363 16.66 2.55 14.01
C HIS B 363 15.57 3.30 14.77
N LEU B 364 15.75 4.61 14.88
CA LEU B 364 14.77 5.53 15.41
C LEU B 364 13.90 6.10 14.30
N PRO B 365 12.63 6.43 14.60
CA PRO B 365 11.79 7.08 13.57
C PRO B 365 12.32 8.45 13.16
N LEU B 366 12.30 8.73 11.87
CA LEU B 366 12.93 9.95 11.35
C LEU B 366 12.12 11.25 11.63
N ASN B 367 10.85 11.11 12.02
CA ASN B 367 9.89 12.23 12.01
C ASN B 367 9.72 12.75 10.56
N GLY B 368 9.88 14.03 10.31
CA GLY B 368 9.94 14.47 8.92
C GLY B 368 11.31 14.53 8.25
N THR B 369 12.39 14.12 8.90
CA THR B 369 13.72 14.30 8.35
C THR B 369 13.90 13.31 7.26
N ALA B 370 14.34 13.78 6.11
CA ALA B 370 14.66 12.90 4.97
C ALA B 370 15.78 11.92 5.41
N PRO B 371 15.70 10.64 4.99
CA PRO B 371 16.73 9.64 5.39
C PRO B 371 18.14 10.06 4.99
N ALA B 372 18.28 10.42 3.74
CA ALA B 372 19.53 10.76 3.18
C ALA B 372 20.16 11.98 3.86
N GLU B 373 19.34 12.92 4.37
CA GLU B 373 19.88 14.16 4.96
C GLU B 373 20.62 13.86 6.24
N LEU B 374 19.99 13.14 7.14
CA LEU B 374 20.64 12.86 8.41
C LEU B 374 21.80 11.87 8.26
N ARG B 375 21.62 10.90 7.35
CA ARG B 375 22.63 9.89 7.11
C ARG B 375 23.89 10.60 6.62
N GLN B 376 23.73 11.53 5.66
CA GLN B 376 24.94 12.11 5.10
C GLN B 376 25.68 13.00 6.07
N LYS B 377 25.02 13.42 7.15
CA LYS B 377 25.69 14.26 8.18
C LYS B 377 26.44 13.41 9.15
N THR B 378 25.98 12.19 9.32
CA THR B 378 26.49 11.34 10.38
C THR B 378 27.12 10.04 10.02
N GLU B 379 26.89 9.51 8.84
CA GLU B 379 27.62 8.31 8.39
C GLU B 379 29.07 8.67 8.22
N VAL B 380 29.86 7.65 8.00
CA VAL B 380 31.27 7.81 7.68
C VAL B 380 31.64 7.24 6.29
N GLY B 381 30.88 6.28 5.79
CA GLY B 381 31.32 5.47 4.67
C GLY B 381 32.53 4.62 4.99
N GLY B 382 33.35 4.39 3.96
CA GLY B 382 34.56 3.63 4.03
C GLY B 382 34.31 2.16 3.95
N PRO B 383 35.37 1.38 4.24
CA PRO B 383 35.28 -0.06 4.19
C PRO B 383 34.42 -0.66 5.34
N LEU B 384 33.52 -1.56 5.01
CA LEU B 384 32.57 -2.15 6.00
C LEU B 384 31.77 -3.30 5.39
N ALA B 385 31.13 -4.10 6.25
CA ALA B 385 30.23 -5.17 5.85
C ALA B 385 29.02 -5.20 6.75
N ILE B 386 27.85 -5.17 6.11
CA ILE B 386 26.63 -5.52 6.78
C ILE B 386 26.07 -6.76 6.08
N LEU B 387 26.01 -7.86 6.81
CA LEU B 387 25.60 -9.12 6.25
C LEU B 387 24.14 -9.41 6.60
N ASP B 388 23.52 -10.21 5.76
CA ASP B 388 22.13 -10.66 5.99
C ASP B 388 21.83 -11.12 7.40
N SER B 389 22.76 -11.89 7.94
CA SER B 389 22.71 -12.44 9.25
C SER B 389 22.69 -11.40 10.36
N TYR B 390 22.90 -10.13 10.03
CA TYR B 390 22.98 -9.10 11.07
C TYR B 390 21.64 -8.57 11.44
N TYR B 391 20.72 -8.52 10.46
CA TYR B 391 19.39 -7.96 10.69
C TYR B 391 18.65 -8.78 11.76
N GLY B 392 18.14 -8.11 12.79
CA GLY B 392 17.51 -8.79 13.91
C GLY B 392 18.48 -9.21 15.02
N LYS B 393 19.78 -8.98 14.85
CA LYS B 393 20.82 -9.37 15.83
C LYS B 393 21.75 -8.23 16.20
N VAL B 394 22.44 -7.65 15.21
CA VAL B 394 23.32 -6.48 15.41
C VAL B 394 22.51 -5.20 15.25
N THR B 395 21.56 -5.23 14.32
CA THR B 395 20.82 -4.05 13.96
C THR B 395 19.44 -4.39 13.43
N THR B 396 18.50 -3.46 13.60
CA THR B 396 17.30 -3.42 12.74
C THR B 396 17.68 -3.20 11.26
N MET B 397 16.97 -3.87 10.34
CA MET B 397 16.96 -3.45 8.99
C MET B 397 16.33 -2.05 8.92
N PRO B 398 16.94 -1.15 8.16
CA PRO B 398 16.28 0.15 8.10
C PRO B 398 14.86 0.03 7.47
N ASP B 399 13.88 0.77 8.00
CA ASP B 399 12.55 0.77 7.44
C ASP B 399 12.51 1.20 5.98
N ASP B 400 13.29 2.20 5.60
CA ASP B 400 13.21 2.70 4.22
C ASP B 400 13.78 1.64 3.25
N ALA B 401 14.73 0.84 3.72
CA ALA B 401 15.32 -0.22 2.94
C ALA B 401 14.33 -1.35 2.73
N LYS B 402 13.67 -1.71 3.81
CA LYS B 402 12.67 -2.76 3.82
C LYS B 402 11.53 -2.43 2.88
N TRP B 403 11.05 -1.22 3.02
CA TRP B 403 10.04 -0.67 2.19
C TRP B 403 10.45 -0.72 0.70
N ARG B 404 11.67 -0.34 0.37
CA ARG B 404 12.10 -0.27 -1.02
C ARG B 404 12.20 -1.65 -1.61
N LEU B 405 12.71 -2.59 -0.81
CA LEU B 405 12.76 -3.98 -1.22
C LEU B 405 11.36 -4.55 -1.54
N ASP B 406 10.36 -4.17 -0.73
CA ASP B 406 9.00 -4.63 -0.95
C ASP B 406 8.45 -4.04 -2.22
N LEU B 407 8.72 -2.77 -2.48
CA LEU B 407 8.24 -2.11 -3.73
C LEU B 407 8.84 -2.77 -4.92
N ILE B 408 10.11 -3.16 -4.84
CA ILE B 408 10.80 -3.77 -6.00
C ILE B 408 10.22 -5.15 -6.31
N LYS B 409 9.96 -5.92 -5.26
CA LYS B 409 9.24 -7.21 -5.34
C LYS B 409 7.88 -7.02 -5.88
N GLU B 410 7.19 -6.03 -5.33
CA GLU B 410 5.82 -5.80 -5.70
C GLU B 410 5.66 -5.30 -7.14
N TYR B 411 6.42 -4.29 -7.57
CA TYR B 411 6.17 -3.71 -8.86
C TYR B 411 7.08 -4.17 -9.98
N TYR B 412 8.34 -4.53 -9.69
CA TYR B 412 9.35 -4.67 -10.75
C TYR B 412 9.80 -6.10 -11.06
N VAL B 413 9.99 -6.93 -10.02
CA VAL B 413 10.45 -8.29 -10.23
C VAL B 413 9.64 -9.09 -11.25
N PRO B 414 8.30 -8.99 -11.23
CA PRO B 414 7.55 -9.68 -12.28
C PRO B 414 7.91 -9.37 -13.73
N TYR B 415 8.56 -8.21 -13.98
CA TYR B 415 8.84 -7.75 -15.32
C TYR B 415 10.33 -7.72 -15.63
N MET B 416 11.13 -8.21 -14.69
CA MET B 416 12.56 -8.41 -14.82
C MET B 416 12.78 -9.80 -15.43
N SER B 417 12.59 -9.89 -16.71
CA SER B 417 12.66 -11.15 -17.45
C SER B 417 14.06 -11.60 -17.90
N ASN B 418 15.07 -10.77 -17.63
CA ASN B 418 16.46 -11.12 -17.77
C ASN B 418 16.90 -11.94 -16.58
N VAL B 419 17.20 -13.22 -16.87
CA VAL B 419 17.67 -14.15 -15.86
C VAL B 419 18.96 -13.62 -15.22
N ASN B 420 19.83 -13.00 -16.05
CA ASN B 420 21.14 -12.53 -15.63
C ASN B 420 21.29 -11.04 -15.82
N ASN B 421 22.14 -10.44 -14.97
CA ASN B 421 22.75 -9.12 -15.22
C ASN B 421 24.25 -9.28 -15.30
N TYR B 422 25.01 -8.21 -15.42
CA TYR B 422 26.42 -8.37 -15.75
C TYR B 422 27.16 -8.51 -14.43
N PRO B 423 28.02 -9.54 -14.31
CA PRO B 423 28.70 -9.77 -13.05
C PRO B 423 29.83 -8.76 -12.74
N ARG B 424 30.16 -8.57 -11.47
CA ARG B 424 31.29 -7.73 -11.06
C ARG B 424 32.63 -8.47 -11.23
N VAL B 425 33.00 -8.69 -12.48
CA VAL B 425 34.28 -9.28 -12.84
C VAL B 425 35.42 -8.31 -12.54
N PHE B 426 36.63 -8.80 -12.37
CA PHE B 426 37.81 -7.98 -12.18
C PHE B 426 38.68 -8.22 -13.41
N MET B 427 38.67 -7.30 -14.37
CA MET B 427 39.47 -7.44 -15.58
C MET B 427 40.95 -7.22 -15.32
N THR B 428 41.77 -7.66 -16.28
CA THR B 428 43.19 -7.42 -16.25
C THR B 428 43.47 -5.92 -16.50
N GLN B 429 44.61 -5.48 -16.01
CA GLN B 429 45.02 -4.11 -16.28
C GLN B 429 44.93 -3.71 -17.78
N GLU B 430 45.40 -4.60 -18.65
CA GLU B 430 45.36 -4.32 -20.11
C GLU B 430 43.90 -4.18 -20.64
N ASP B 431 43.00 -5.05 -20.22
CA ASP B 431 41.60 -4.92 -20.64
C ASP B 431 40.98 -3.68 -20.06
N LEU B 432 41.29 -3.39 -18.81
CA LEU B 432 40.79 -2.17 -18.15
C LEU B 432 41.21 -0.94 -18.92
N ASP B 433 42.49 -0.89 -19.28
CA ASP B 433 42.98 0.30 -20.00
C ASP B 433 42.40 0.43 -21.38
N LYS B 434 42.14 -0.70 -22.03
CA LYS B 434 41.48 -0.63 -23.33
C LYS B 434 40.08 -0.09 -23.22
N ILE B 435 39.32 -0.72 -22.33
CA ILE B 435 37.98 -0.32 -22.05
C ILE B 435 37.87 1.17 -21.69
N ALA B 436 38.74 1.63 -20.82
CA ALA B 436 38.73 3.02 -20.37
C ALA B 436 38.98 4.02 -21.52
N HIS B 437 39.86 3.65 -22.45
CA HIS B 437 40.08 4.47 -23.60
C HIS B 437 38.81 4.59 -24.42
N ILE B 438 38.09 3.48 -24.57
CA ILE B 438 36.86 3.51 -25.34
C ILE B 438 35.80 4.33 -24.62
N GLU B 439 35.65 4.10 -23.33
CA GLU B 439 34.70 4.85 -22.50
C GLU B 439 34.95 6.35 -22.48
N ALA B 440 36.21 6.74 -22.62
CA ALA B 440 36.57 8.13 -22.62
C ALA B 440 35.86 8.87 -23.76
N ASP B 441 35.63 8.19 -24.91
CA ASP B 441 34.78 8.77 -25.98
C ASP B 441 33.28 8.47 -25.81
N MET B 442 32.95 7.24 -25.48
CA MET B 442 31.55 6.81 -25.52
C MET B 442 30.66 7.47 -24.46
N ASN B 443 31.17 7.60 -23.26
CA ASN B 443 30.32 7.90 -22.10
C ASN B 443 29.50 9.15 -22.27
N ASP B 444 30.22 10.26 -22.45
CA ASP B 444 29.62 11.59 -22.65
C ASP B 444 28.87 11.73 -24.01
N TYR B 445 29.41 11.14 -25.08
CA TYR B 445 28.79 11.16 -26.41
C TYR B 445 27.34 10.62 -26.37
N ILE B 446 27.18 9.47 -25.74
CA ILE B 446 25.83 8.83 -25.61
C ILE B 446 24.81 9.80 -25.01
N TYR B 447 25.18 10.45 -23.91
CA TYR B 447 24.20 11.35 -23.22
C TYR B 447 24.06 12.67 -23.97
N ARG B 448 25.13 13.15 -24.58
CA ARG B 448 25.03 14.40 -25.37
C ARG B 448 24.12 14.21 -26.59
N LYS B 449 24.21 13.06 -27.26
CA LYS B 449 23.32 12.79 -28.38
C LYS B 449 21.85 12.60 -27.96
N ARG B 450 21.66 11.86 -26.88
CA ARG B 450 20.32 11.69 -26.29
C ARG B 450 19.61 13.04 -25.99
N ALA B 451 20.31 13.94 -25.28
CA ALA B 451 19.82 15.27 -24.97
C ALA B 451 19.51 16.08 -26.20
N GLU B 452 20.43 16.05 -27.16
CA GLU B 452 20.26 16.75 -28.42
C GLU B 452 19.01 16.30 -29.19
N TRP B 453 18.85 14.98 -29.36
CA TRP B 453 17.66 14.45 -30.02
C TRP B 453 16.34 14.77 -29.32
N ILE B 454 16.37 14.86 -27.99
CA ILE B 454 15.18 15.25 -27.25
C ILE B 454 14.85 16.74 -27.49
N VAL B 455 15.86 17.62 -27.55
CA VAL B 455 15.53 19.03 -27.81
C VAL B 455 15.41 19.35 -29.30
N ASN B 456 16.13 18.66 -30.20
CA ASN B 456 16.09 18.93 -31.67
C ASN B 456 15.15 18.07 -32.52
N GLY B 457 14.88 16.83 -32.15
CA GLY B 457 14.00 15.98 -32.94
C GLY B 457 14.50 15.39 -34.26
N ASN B 458 15.81 15.27 -34.46
CA ASN B 458 16.35 14.72 -35.70
C ASN B 458 16.98 13.36 -35.53
N ILE B 459 16.56 12.58 -34.55
CA ILE B 459 17.15 11.25 -34.34
C ILE B 459 17.09 10.35 -35.64
N ASP B 460 16.01 10.44 -36.42
CA ASP B 460 15.87 9.54 -37.57
C ASP B 460 16.97 9.80 -38.64
N THR B 461 17.38 11.05 -38.83
CA THR B 461 18.39 11.35 -39.80
C THR B 461 19.78 11.14 -39.21
N GLU B 462 19.92 11.11 -37.89
CA GLU B 462 21.29 10.99 -37.32
C GLU B 462 21.62 9.63 -36.74
N TRP B 463 20.63 8.76 -36.52
CA TRP B 463 20.84 7.47 -35.84
C TRP B 463 21.99 6.60 -36.43
N ASP B 464 21.98 6.46 -37.75
CA ASP B 464 22.94 5.61 -38.47
C ASP B 464 24.35 6.10 -38.29
N ASP B 465 24.57 7.38 -38.47
CA ASP B 465 25.86 7.99 -38.22
C ASP B 465 26.30 7.92 -36.76
N TYR B 466 25.36 8.05 -35.80
CA TYR B 466 25.66 7.83 -34.37
C TYR B 466 26.22 6.44 -34.14
N LYS B 467 25.53 5.45 -34.68
CA LYS B 467 26.01 4.06 -34.56
C LYS B 467 27.38 3.85 -35.19
N LYS B 468 27.60 4.42 -36.36
CA LYS B 468 28.94 4.35 -36.99
C LYS B 468 29.96 5.05 -36.07
N GLU B 469 29.59 6.19 -35.45
CA GLU B 469 30.53 6.87 -34.49
C GLU B 469 30.89 5.96 -33.29
N LEU B 470 29.88 5.31 -32.71
CA LEU B 470 30.12 4.36 -31.66
C LEU B 470 31.11 3.27 -32.11
N GLU B 471 30.91 2.78 -33.33
CA GLU B 471 31.80 1.76 -33.90
C GLU B 471 33.20 2.30 -34.10
N LYS B 472 33.33 3.53 -34.51
CA LYS B 472 34.64 4.15 -34.58
C LYS B 472 35.31 4.28 -33.22
N TYR B 473 34.55 4.49 -32.18
CA TYR B 473 35.10 4.55 -30.88
C TYR B 473 35.55 3.20 -30.32
N GLY B 474 35.18 2.08 -30.94
CA GLY B 474 35.59 0.73 -30.50
C GLY B 474 34.50 -0.12 -29.84
N LEU B 475 33.24 0.22 -30.10
CA LEU B 475 32.15 -0.45 -29.49
C LEU B 475 32.28 -1.95 -29.69
N SER B 476 32.76 -2.35 -30.84
CA SER B 476 32.83 -3.76 -31.10
C SER B 476 33.89 -4.46 -30.25
N ASP B 477 35.06 -3.86 -30.10
CA ASP B 477 36.08 -4.40 -29.17
C ASP B 477 35.61 -4.39 -27.70
N TYR B 478 34.91 -3.33 -27.37
CA TYR B 478 34.33 -3.11 -26.04
C TYR B 478 33.46 -4.29 -25.69
N LEU B 479 32.48 -4.55 -26.55
CA LEU B 479 31.56 -5.69 -26.36
C LEU B 479 32.22 -7.04 -26.33
N ALA B 480 33.23 -7.23 -27.18
CA ALA B 480 33.97 -8.50 -27.18
C ALA B 480 34.66 -8.72 -25.85
N ILE B 481 35.26 -7.68 -25.31
CA ILE B 481 35.90 -7.80 -24.01
C ILE B 481 34.86 -8.03 -22.91
N LYS B 482 33.79 -7.25 -22.88
CA LYS B 482 32.73 -7.56 -21.90
C LYS B 482 32.21 -9.01 -22.02
N GLN B 483 32.04 -9.49 -23.27
CA GLN B 483 31.51 -10.90 -23.51
C GLN B 483 32.48 -11.96 -23.04
N LYS B 484 33.76 -11.69 -23.28
CA LYS B 484 34.81 -12.58 -22.85
C LYS B 484 34.73 -12.78 -21.34
N TYR B 485 34.65 -11.71 -20.55
CA TYR B 485 34.64 -11.90 -19.11
C TYR B 485 33.32 -12.47 -18.63
N TYR B 486 32.23 -12.19 -19.34
CA TYR B 486 30.96 -12.82 -18.97
C TYR B 486 31.03 -14.38 -19.16
N ASP B 487 31.48 -14.83 -20.32
CA ASP B 487 31.67 -16.27 -20.58
C ASP B 487 32.57 -16.91 -19.52
N GLN B 488 33.73 -16.32 -19.28
CA GLN B 488 34.64 -16.89 -18.30
C GLN B 488 33.90 -17.02 -17.00
N TYR B 489 33.24 -15.95 -16.58
CA TYR B 489 32.59 -15.97 -15.27
C TYR B 489 31.63 -17.17 -15.16
N GLN B 490 30.85 -17.36 -16.20
CA GLN B 490 29.90 -18.44 -16.28
C GLN B 490 30.60 -19.84 -16.23
N ALA B 491 31.64 -20.08 -17.03
CA ALA B 491 32.34 -21.37 -17.01
C ALA B 491 32.87 -21.81 -15.63
N LYS C 3 -5.17 64.63 -2.96
CA LYS C 3 -6.23 63.58 -2.97
C LYS C 3 -6.20 62.93 -1.58
N THR C 4 -7.33 62.99 -0.89
CA THR C 4 -7.47 62.53 0.48
C THR C 4 -8.75 61.70 0.64
N LEU C 5 -8.65 60.67 1.48
CA LEU C 5 -9.81 59.88 1.90
C LEU C 5 -9.76 59.79 3.42
N LYS C 6 -10.92 59.53 4.02
CA LYS C 6 -11.06 59.40 5.47
C LYS C 6 -11.30 57.96 5.88
N PHE C 7 -10.36 57.32 6.57
CA PHE C 7 -10.56 55.92 6.93
C PHE C 7 -10.56 55.76 8.43
N MET C 8 -11.54 54.99 8.93
CA MET C 8 -11.49 54.49 10.30
C MET C 8 -10.60 53.25 10.29
N THR C 9 -9.83 53.00 11.34
CA THR C 9 -9.02 51.78 11.44
C THR C 9 -8.86 51.34 12.88
N ALA C 10 -8.31 50.13 13.05
CA ALA C 10 -7.98 49.51 14.35
C ALA C 10 -6.49 49.23 14.31
N SER C 11 -5.77 49.55 15.36
CA SER C 11 -4.38 49.20 15.46
C SER C 11 -3.96 48.87 16.88
N SER C 12 -2.77 48.33 17.01
CA SER C 12 -2.26 48.07 18.36
C SER C 12 -2.01 49.35 19.17
N PRO C 13 -2.35 49.32 20.46
CA PRO C 13 -1.94 50.45 21.30
C PRO C 13 -0.39 50.65 21.40
N LEU C 14 0.41 49.66 20.98
CA LEU C 14 1.84 49.85 20.89
C LEU C 14 2.22 50.63 19.65
N SER C 15 1.32 50.78 18.67
CA SER C 15 1.68 51.49 17.45
C SER C 15 1.38 52.95 17.60
N PRO C 16 1.92 53.79 16.70
CA PRO C 16 1.59 55.23 16.82
C PRO C 16 0.08 55.58 16.71
N LYS C 17 -0.32 56.59 17.47
CA LYS C 17 -1.62 57.17 17.40
C LYS C 17 -2.04 57.54 16.00
N ASP C 18 -1.14 58.16 15.25
CA ASP C 18 -1.40 58.50 13.88
C ASP C 18 -0.77 57.41 13.01
N PRO C 19 -1.61 56.60 12.33
CA PRO C 19 -1.06 55.54 11.51
C PRO C 19 -0.10 56.05 10.45
N ASN C 20 -0.18 57.33 10.06
CA ASN C 20 0.72 57.90 9.03
C ASN C 20 2.15 58.04 9.46
N GLU C 21 2.40 57.85 10.75
CA GLU C 21 3.75 57.72 11.29
C GLU C 21 4.38 56.41 10.93
N LYS C 22 3.59 55.38 10.69
CA LYS C 22 4.17 54.10 10.28
C LYS C 22 4.83 54.28 8.92
N LEU C 23 6.00 53.65 8.81
CA LEU C 23 6.81 53.72 7.60
C LEU C 23 6.10 53.11 6.41
N ILE C 24 5.35 52.02 6.60
CA ILE C 24 4.62 51.46 5.47
C ILE C 24 3.70 52.50 4.85
N LEU C 25 2.99 53.26 5.70
CA LEU C 25 1.96 54.15 5.20
C LEU C 25 2.54 55.45 4.62
N GLN C 26 3.68 55.88 5.13
CA GLN C 26 4.49 56.96 4.52
C GLN C 26 4.86 56.61 3.10
N ARG C 27 5.49 55.46 2.93
CA ARG C 27 5.82 55.01 1.55
C ARG C 27 4.57 54.79 0.71
N LEU C 28 3.49 54.31 1.32
CA LEU C 28 2.26 54.09 0.57
C LEU C 28 1.71 55.37 0.02
N GLU C 29 1.77 56.45 0.77
CA GLU C 29 1.26 57.72 0.28
C GLU C 29 2.02 58.25 -0.96
N LYS C 30 3.35 58.13 -0.95
CA LYS C 30 4.17 58.51 -2.11
C LYS C 30 3.83 57.70 -3.34
N GLU C 31 3.66 56.40 -3.15
CA GLU C 31 3.28 55.48 -4.20
C GLU C 31 1.87 55.67 -4.73
N THR C 32 0.87 55.84 -3.86
CA THR C 32 -0.49 56.02 -4.35
C THR C 32 -0.84 57.46 -4.70
N GLY C 33 -0.07 58.40 -4.18
CA GLY C 33 -0.46 59.79 -4.15
C GLY C 33 -1.74 60.10 -3.36
N VAL C 34 -2.24 59.19 -2.53
CA VAL C 34 -3.43 59.47 -1.70
C VAL C 34 -3.01 59.61 -0.27
N HIS C 35 -3.48 60.67 0.36
CA HIS C 35 -3.25 60.88 1.77
C HIS C 35 -4.46 60.37 2.53
N ILE C 36 -4.22 59.54 3.55
CA ILE C 36 -5.32 59.10 4.43
C ILE C 36 -5.34 59.92 5.73
N ASP C 37 -6.54 60.40 6.07
CA ASP C 37 -6.83 61.00 7.32
C ASP C 37 -7.52 59.88 8.11
N TRP C 38 -6.88 59.44 9.20
CA TRP C 38 -7.26 58.26 9.94
C TRP C 38 -8.02 58.58 11.22
N THR C 39 -9.04 57.80 11.53
CA THR C 39 -9.59 57.78 12.89
C THR C 39 -9.13 56.41 13.38
N ASN C 40 -8.18 56.42 14.28
CA ASN C 40 -7.46 55.23 14.65
C ASN C 40 -7.91 54.83 16.07
N TYR C 41 -8.62 53.71 16.20
CA TYR C 41 -9.05 53.26 17.54
C TYR C 41 -8.12 52.14 17.94
N GLN C 42 -7.46 52.33 19.06
CA GLN C 42 -6.47 51.38 19.51
C GLN C 42 -6.91 50.53 20.69
N SER C 43 -8.16 50.73 21.12
CA SER C 43 -8.77 49.87 22.13
C SER C 43 -10.26 49.97 21.91
N ASP C 44 -10.93 48.85 22.15
CA ASP C 44 -12.38 48.75 22.00
C ASP C 44 -12.81 49.28 20.65
N PHE C 45 -12.13 48.85 19.60
CA PHE C 45 -12.46 49.30 18.27
C PHE C 45 -13.92 49.05 17.87
N ALA C 46 -14.38 47.83 18.07
CA ALA C 46 -15.76 47.46 17.69
C ALA C 46 -16.80 48.44 18.28
N GLU C 47 -16.67 48.73 19.58
CA GLU C 47 -17.64 49.54 20.28
C GLU C 47 -17.63 50.96 19.76
N LYS C 48 -16.41 51.47 19.56
CA LYS C 48 -16.28 52.83 19.12
C LYS C 48 -16.74 52.98 17.67
N ARG C 49 -16.35 52.04 16.81
CA ARG C 49 -16.89 51.96 15.43
C ARG C 49 -18.41 51.93 15.42
N ASN C 50 -19.00 51.09 16.26
CA ASN C 50 -20.47 50.99 16.32
C ASN C 50 -21.14 52.32 16.71
N LEU C 51 -20.56 53.04 17.65
CA LEU C 51 -21.03 54.38 17.97
C LEU C 51 -20.98 55.33 16.79
N ASP C 52 -19.88 55.31 16.05
CA ASP C 52 -19.71 56.19 14.91
C ASP C 52 -20.78 55.86 13.86
N ILE C 53 -20.98 54.57 13.59
CA ILE C 53 -22.07 54.14 12.71
C ILE C 53 -23.46 54.55 13.25
N SER C 54 -23.77 54.25 14.50
CA SER C 54 -25.13 54.65 15.05
C SER C 54 -25.46 56.12 14.99
N SER C 55 -24.45 56.94 15.15
CA SER C 55 -24.57 58.39 15.11
C SER C 55 -24.53 58.99 13.70
N GLY C 56 -24.20 58.20 12.68
CA GLY C 56 -24.15 58.63 11.31
C GLY C 56 -22.82 59.29 10.96
N ASP C 57 -21.80 59.14 11.78
CA ASP C 57 -20.52 59.78 11.60
C ASP C 57 -19.56 58.81 10.89
N LEU C 58 -19.82 58.61 9.61
CA LEU C 58 -19.19 57.60 8.82
C LEU C 58 -17.99 58.16 8.12
N PRO C 59 -16.89 57.40 8.10
CA PRO C 59 -15.77 57.69 7.26
C PRO C 59 -16.12 57.27 5.81
N ASP C 60 -15.18 57.43 4.91
CA ASP C 60 -15.22 56.86 3.53
C ASP C 60 -15.14 55.36 3.54
N ALA C 61 -14.42 54.80 4.50
CA ALA C 61 -14.27 53.36 4.62
C ALA C 61 -13.78 52.99 5.98
N ILE C 62 -13.97 51.72 6.36
CA ILE C 62 -13.49 51.19 7.62
C ILE C 62 -12.46 50.11 7.32
N HIS C 63 -11.22 50.40 7.72
CA HIS C 63 -10.03 49.66 7.40
C HIS C 63 -9.69 48.78 8.59
N ASN C 64 -9.26 47.57 8.29
CA ASN C 64 -8.93 46.58 9.31
C ASN C 64 -10.10 46.24 10.27
N ASP C 65 -11.28 46.12 9.68
CA ASP C 65 -12.54 46.23 10.34
C ASP C 65 -12.84 44.97 11.14
N GLY C 66 -12.76 43.81 10.51
CA GLY C 66 -13.06 42.50 11.20
C GLY C 66 -14.46 42.33 11.78
N ALA C 67 -15.48 42.87 11.12
CA ALA C 67 -16.82 42.79 11.64
C ALA C 67 -17.35 41.35 11.46
N SER C 68 -18.24 40.93 12.37
CA SER C 68 -18.97 39.70 12.24
C SER C 68 -19.83 39.77 10.98
N ASP C 69 -20.18 38.61 10.46
CA ASP C 69 -21.04 38.53 9.30
C ASP C 69 -22.40 39.20 9.53
N VAL C 70 -22.98 39.03 10.72
CA VAL C 70 -24.26 39.67 11.03
C VAL C 70 -24.20 41.23 11.00
N ASP C 71 -23.11 41.81 11.50
CA ASP C 71 -22.86 43.26 11.36
C ASP C 71 -22.78 43.62 9.87
N LEU C 72 -22.00 42.90 9.09
CA LEU C 72 -21.86 43.23 7.68
C LEU C 72 -23.18 43.28 6.96
N MET C 73 -23.96 42.24 7.16
CA MET C 73 -25.25 42.14 6.47
C MET C 73 -26.28 43.11 6.97
N ASN C 74 -26.28 43.40 8.27
CA ASN C 74 -27.14 44.51 8.78
C ASN C 74 -26.70 45.81 8.20
N TRP C 75 -25.39 46.07 8.21
CA TRP C 75 -24.90 47.30 7.55
C TRP C 75 -25.29 47.37 6.08
N ALA C 76 -25.20 46.26 5.35
CA ALA C 76 -25.58 46.29 3.92
C ALA C 76 -27.09 46.55 3.77
N LYS C 77 -27.90 45.85 4.54
CA LYS C 77 -29.34 46.04 4.54
C LYS C 77 -29.74 47.45 4.82
N LYS C 78 -28.99 48.12 5.72
CA LYS C 78 -29.36 49.46 6.14
C LYS C 78 -28.70 50.54 5.33
N GLY C 79 -27.90 50.20 4.33
CA GLY C 79 -27.24 51.21 3.49
C GLY C 79 -26.08 51.94 4.14
N VAL C 80 -25.49 51.31 5.17
CA VAL C 80 -24.29 51.86 5.84
C VAL C 80 -23.05 51.65 4.92
N ILE C 81 -22.96 50.45 4.39
CA ILE C 81 -21.91 50.03 3.46
C ILE C 81 -22.61 49.70 2.12
N ILE C 82 -21.79 49.55 1.10
CA ILE C 82 -22.25 49.32 -0.25
C ILE C 82 -21.67 47.99 -0.75
N PRO C 83 -22.34 47.39 -1.73
CA PRO C 83 -21.75 46.24 -2.50
C PRO C 83 -20.55 46.70 -3.33
N VAL C 84 -19.56 45.84 -3.53
CA VAL C 84 -18.30 46.24 -4.13
C VAL C 84 -17.87 45.41 -5.34
N GLU C 85 -18.66 44.37 -5.69
CA GLU C 85 -18.23 43.46 -6.70
C GLU C 85 -17.84 44.13 -8.05
N ASP C 86 -18.58 45.16 -8.50
CA ASP C 86 -18.24 45.83 -9.76
C ASP C 86 -17.12 46.84 -9.57
N LEU C 87 -16.85 47.28 -8.34
CA LEU C 87 -15.61 48.00 -8.09
C LEU C 87 -14.41 47.12 -8.33
N ILE C 88 -14.50 45.86 -7.91
CA ILE C 88 -13.41 44.89 -8.18
C ILE C 88 -13.18 44.73 -9.70
N ASP C 89 -14.27 44.50 -10.43
CA ASP C 89 -14.16 44.23 -11.88
C ASP C 89 -13.69 45.42 -12.66
N LYS C 90 -14.16 46.58 -12.28
CA LYS C 90 -13.74 47.83 -12.92
C LYS C 90 -12.37 48.42 -12.57
N TYR C 91 -11.93 48.29 -11.31
CA TYR C 91 -10.78 49.04 -10.84
C TYR C 91 -9.64 48.30 -10.13
N MET C 92 -9.71 46.98 -9.96
CA MET C 92 -8.86 46.30 -8.98
C MET C 92 -8.13 45.10 -9.60
N PRO C 93 -7.10 45.36 -10.41
CA PRO C 93 -6.48 44.27 -11.17
C PRO C 93 -5.75 43.25 -10.27
N ASN C 94 -5.16 43.72 -9.18
CA ASN C 94 -4.43 42.83 -8.27
C ASN C 94 -5.37 41.82 -7.66
N LEU C 95 -6.45 42.34 -7.08
CA LEU C 95 -7.46 41.48 -6.43
C LEU C 95 -8.12 40.62 -7.47
N LYS C 96 -8.41 41.24 -8.61
CA LYS C 96 -9.07 40.47 -9.70
C LYS C 96 -8.24 39.27 -10.15
N LYS C 97 -6.95 39.46 -10.31
CA LYS C 97 -6.12 38.36 -10.68
C LYS C 97 -6.17 37.24 -9.59
N ILE C 98 -6.06 37.63 -8.32
CA ILE C 98 -6.17 36.65 -7.24
C ILE C 98 -7.50 35.87 -7.31
N LEU C 99 -8.59 36.61 -7.51
CA LEU C 99 -9.89 35.98 -7.51
C LEU C 99 -10.14 35.07 -8.72
N ASP C 100 -9.55 35.40 -9.87
CA ASP C 100 -9.65 34.54 -11.07
C ASP C 100 -8.82 33.29 -10.88
N GLU C 101 -7.64 33.42 -10.28
CA GLU C 101 -6.84 32.24 -9.99
C GLU C 101 -7.44 31.35 -8.90
N LYS C 102 -8.01 31.95 -7.86
CA LYS C 102 -8.48 31.17 -6.70
C LYS C 102 -9.94 31.55 -6.40
N PRO C 103 -10.86 31.08 -7.26
CA PRO C 103 -12.26 31.52 -7.16
C PRO C 103 -13.02 31.03 -5.94
N GLU C 104 -12.47 30.07 -5.20
CA GLU C 104 -13.05 29.77 -3.88
C GLU C 104 -13.06 31.02 -3.00
N TYR C 105 -12.02 31.85 -3.10
CA TYR C 105 -11.98 33.12 -2.32
C TYR C 105 -13.13 34.02 -2.69
N LYS C 106 -13.45 34.04 -3.99
CA LYS C 106 -14.55 34.84 -4.41
C LYS C 106 -15.88 34.28 -3.91
N ALA C 107 -16.04 32.96 -3.96
CA ALA C 107 -17.19 32.33 -3.32
C ALA C 107 -17.28 32.74 -1.83
N LEU C 108 -16.16 32.68 -1.13
CA LEU C 108 -16.18 33.02 0.31
C LEU C 108 -16.52 34.49 0.60
N MET C 109 -16.21 35.36 -0.34
CA MET C 109 -16.55 36.79 -0.25
C MET C 109 -17.99 37.13 -0.55
N THR C 110 -18.70 36.22 -1.20
CA THR C 110 -19.99 36.56 -1.81
C THR C 110 -21.13 36.13 -0.89
N ALA C 111 -21.99 37.09 -0.56
CA ALA C 111 -23.17 36.87 0.29
C ALA C 111 -24.24 36.10 -0.50
N PRO C 112 -25.24 35.50 0.21
CA PRO C 112 -26.31 34.77 -0.44
C PRO C 112 -27.11 35.60 -1.40
N ASP C 113 -27.25 36.90 -1.16
CA ASP C 113 -27.91 37.78 -2.11
C ASP C 113 -27.10 38.07 -3.38
N GLY C 114 -25.90 37.50 -3.49
CA GLY C 114 -25.10 37.66 -4.69
C GLY C 114 -24.14 38.85 -4.71
N HIS C 115 -24.12 39.66 -3.65
CA HIS C 115 -23.17 40.75 -3.59
C HIS C 115 -21.93 40.43 -2.73
N ILE C 116 -20.86 41.16 -2.98
CA ILE C 116 -19.67 41.19 -2.10
C ILE C 116 -19.75 42.51 -1.37
N TYR C 117 -19.54 42.47 -0.05
CA TYR C 117 -19.61 43.66 0.80
C TYR C 117 -18.34 44.06 1.49
N SER C 118 -17.30 43.26 1.35
CA SER C 118 -16.09 43.46 2.14
C SER C 118 -14.90 42.91 1.41
N PHE C 119 -13.74 43.46 1.71
CA PHE C 119 -12.49 42.96 1.15
C PHE C 119 -11.72 42.12 2.17
N PRO C 120 -11.27 40.90 1.79
CA PRO C 120 -10.76 39.97 2.82
C PRO C 120 -9.29 40.06 3.12
N TRP C 121 -8.96 39.38 4.21
CA TRP C 121 -7.62 39.04 4.53
C TRP C 121 -7.45 37.59 4.14
N ILE C 122 -6.42 37.29 3.37
CA ILE C 122 -6.10 35.94 2.98
C ILE C 122 -4.65 35.65 3.29
N GLU C 123 -4.39 34.58 4.04
CA GLU C 123 -3.03 34.16 4.35
C GLU C 123 -2.90 32.68 4.30
N GLU C 124 -2.10 32.17 3.34
CA GLU C 124 -1.99 30.70 3.12
C GLU C 124 -0.81 30.10 3.90
N LEU C 125 -1.13 29.46 5.01
CA LEU C 125 -0.17 28.78 5.88
C LEU C 125 -0.79 27.46 6.31
N GLY C 126 -0.64 26.47 5.45
CA GLY C 126 -1.12 25.12 5.70
C GLY C 126 -2.48 24.97 5.11
N ASP C 127 -2.84 23.71 4.82
CA ASP C 127 -4.23 23.42 4.45
C ASP C 127 -4.88 22.28 5.25
N GLY C 128 -6.18 22.36 5.46
CA GLY C 128 -6.93 21.37 6.18
C GLY C 128 -6.46 21.25 7.61
N LYS C 129 -6.12 20.01 8.00
CA LYS C 129 -5.75 19.70 9.39
C LYS C 129 -4.42 20.33 9.74
N GLU C 130 -3.58 20.47 8.72
CA GLU C 130 -2.33 21.15 8.77
C GLU C 130 -2.31 22.68 8.77
N SER C 131 -3.47 23.29 8.59
CA SER C 131 -3.55 24.72 8.72
C SER C 131 -2.86 25.19 9.97
N ILE C 132 -2.18 26.33 9.89
CA ILE C 132 -1.66 26.93 11.12
C ILE C 132 -2.78 27.28 12.18
N HIS C 133 -4.03 27.38 11.73
CA HIS C 133 -5.15 27.74 12.61
C HIS C 133 -5.80 26.57 13.29
N SER C 134 -5.38 25.35 12.94
CA SER C 134 -6.01 24.10 13.44
C SER C 134 -6.13 24.04 14.96
N VAL C 135 -5.06 24.51 15.61
CA VAL C 135 -4.95 24.67 17.08
C VAL C 135 -4.48 26.09 17.38
N ASN C 136 -5.24 26.83 18.19
CA ASN C 136 -4.82 28.19 18.57
C ASN C 136 -4.14 28.22 19.95
N ASP C 137 -4.81 27.68 20.98
CA ASP C 137 -4.29 27.70 22.33
C ASP C 137 -3.41 26.50 22.63
N MET C 138 -2.22 26.48 22.03
CA MET C 138 -1.27 25.42 22.31
C MET C 138 -0.83 25.37 23.78
N ALA C 139 -0.63 24.17 24.32
CA ALA C 139 -0.13 24.06 25.67
C ALA C 139 1.39 23.92 25.65
N TRP C 140 2.06 24.57 26.61
CA TRP C 140 3.52 24.62 26.68
C TRP C 140 3.93 24.17 28.08
N ILE C 141 5.08 23.51 28.16
CA ILE C 141 5.52 23.01 29.46
C ILE C 141 6.98 23.40 29.74
N ASN C 142 7.26 23.67 31.01
CA ASN C 142 8.62 23.94 31.41
C ASN C 142 9.43 22.63 31.52
N LYS C 143 10.25 22.38 30.50
CA LYS C 143 11.01 21.15 30.44
C LYS C 143 12.25 21.18 31.36
N ASP C 144 12.84 22.37 31.59
CA ASP C 144 13.88 22.52 32.61
C ASP C 144 13.39 22.05 33.95
N TRP C 145 12.19 22.44 34.35
CA TRP C 145 11.62 21.93 35.60
C TRP C 145 11.44 20.44 35.62
N LEU C 146 10.97 19.88 34.50
CA LEU C 146 10.91 18.43 34.37
C LEU C 146 12.28 17.76 34.61
N LYS C 147 13.32 18.30 33.99
CA LYS C 147 14.66 17.77 34.09
C LYS C 147 15.15 17.90 35.52
N LYS C 148 14.96 19.08 36.11
CA LYS C 148 15.38 19.30 37.51
C LYS C 148 14.75 18.30 38.46
N LEU C 149 13.46 18.03 38.29
CA LEU C 149 12.77 17.18 39.26
C LEU C 149 12.80 15.71 38.85
N GLY C 150 13.51 15.37 37.79
CA GLY C 150 13.62 13.99 37.35
C GLY C 150 12.27 13.42 36.92
N LEU C 151 11.46 14.23 36.26
CA LEU C 151 10.13 13.86 35.88
C LEU C 151 10.15 13.60 34.39
N GLU C 152 9.46 12.55 33.98
CA GLU C 152 9.18 12.35 32.56
C GLU C 152 8.02 13.21 32.10
N MET C 153 8.12 13.65 30.85
CA MET C 153 7.03 14.32 30.14
C MET C 153 5.76 13.53 30.32
N PRO C 154 4.68 14.16 30.85
CA PRO C 154 3.47 13.39 31.11
C PRO C 154 2.85 12.90 29.82
N LYS C 155 2.20 11.74 29.91
CA LYS C 155 1.51 11.11 28.79
C LYS C 155 -0.01 11.12 28.98
N THR C 156 -0.46 11.24 30.22
CA THR C 156 -1.85 11.14 30.56
C THR C 156 -2.26 12.34 31.42
N THR C 157 -3.57 12.57 31.49
CA THR C 157 -4.09 13.64 32.32
C THR C 157 -3.67 13.40 33.78
N ASP C 158 -3.52 12.12 34.15
CA ASP C 158 -3.17 11.81 35.52
C ASP C 158 -1.71 12.16 35.80
N ASP C 159 -0.82 11.84 34.86
CA ASP C 159 0.58 12.29 34.92
C ASP C 159 0.70 13.81 35.03
N LEU C 160 -0.21 14.53 34.38
CA LEU C 160 -0.18 15.96 34.42
C LEU C 160 -0.46 16.45 35.84
N ILE C 161 -1.47 15.88 36.51
CA ILE C 161 -1.76 16.32 37.89
C ILE C 161 -0.51 16.17 38.75
N LYS C 162 0.22 15.06 38.57
CA LYS C 162 1.41 14.75 39.37
C LYS C 162 2.53 15.70 39.09
N VAL C 163 2.79 15.93 37.82
CA VAL C 163 3.86 16.82 37.47
C VAL C 163 3.56 18.22 38.03
N LEU C 164 2.29 18.66 37.96
CA LEU C 164 1.94 20.00 38.45
C LEU C 164 2.12 20.12 39.95
N GLU C 165 1.78 19.06 40.65
CA GLU C 165 1.95 19.02 42.09
C GLU C 165 3.42 19.09 42.46
N ALA C 166 4.26 18.43 41.66
CA ALA C 166 5.68 18.47 41.86
C ALA C 166 6.20 19.86 41.52
N PHE C 167 5.62 20.51 40.53
CA PHE C 167 5.96 21.89 40.25
C PHE C 167 5.57 22.75 41.45
N LYS C 168 4.40 22.53 42.01
CA LYS C 168 3.96 23.36 43.14
C LYS C 168 4.92 23.34 44.33
N ASN C 169 5.27 22.14 44.72
CA ASN C 169 5.87 21.89 46.01
C ASN C 169 7.34 21.60 45.97
N GLY C 170 7.92 21.42 44.79
CA GLY C 170 9.32 20.97 44.67
C GLY C 170 10.36 22.00 44.33
N ASP C 171 10.01 23.28 44.26
CA ASP C 171 11.03 24.31 43.95
C ASP C 171 11.94 23.95 42.77
N PRO C 172 11.35 23.70 41.59
CA PRO C 172 12.21 23.30 40.48
C PRO C 172 13.21 24.37 40.03
N ASN C 173 12.87 25.67 40.19
CA ASN C 173 13.81 26.77 39.85
C ASN C 173 14.81 27.10 40.92
N GLY C 174 14.68 26.43 42.07
CA GLY C 174 15.76 26.21 43.00
C GLY C 174 16.13 27.46 43.76
N ASN C 175 15.14 28.32 43.98
CA ASN C 175 15.33 29.59 44.68
C ASN C 175 14.81 29.58 46.09
N GLY C 176 14.54 28.41 46.64
CA GLY C 176 14.05 28.31 48.01
C GLY C 176 12.70 28.94 48.24
N GLU C 177 11.97 29.31 47.20
CA GLU C 177 10.64 29.88 47.34
C GLU C 177 9.57 29.14 46.54
N ALA C 178 8.35 29.19 47.05
CA ALA C 178 7.19 28.62 46.38
C ALA C 178 6.67 29.59 45.34
N ASP C 179 7.52 30.05 44.42
CA ASP C 179 7.10 31.07 43.48
C ASP C 179 6.49 30.38 42.21
N GLU C 180 6.66 29.05 42.09
CA GLU C 180 6.23 28.34 40.88
C GLU C 180 4.67 28.44 40.77
N ILE C 181 4.17 28.81 39.59
CA ILE C 181 2.73 28.78 39.26
C ILE C 181 2.51 27.54 38.36
N PRO C 182 1.92 26.43 38.91
CA PRO C 182 1.93 25.22 38.10
C PRO C 182 1.12 25.32 36.80
N PHE C 183 -0.06 25.93 36.84
CA PHE C 183 -0.93 25.94 35.66
C PHE C 183 -1.47 27.33 35.47
N SER C 184 -1.35 27.90 34.28
CA SER C 184 -1.97 29.21 34.02
C SER C 184 -2.56 29.34 32.65
N PHE C 185 -3.40 30.37 32.53
CA PHE C 185 -4.15 30.63 31.33
C PHE C 185 -4.88 31.94 31.45
N ILE C 186 -5.45 32.37 30.34
CA ILE C 186 -6.34 33.50 30.36
C ILE C 186 -7.63 32.99 29.84
N SER C 187 -8.68 33.12 30.63
CA SER C 187 -9.89 32.38 30.39
C SER C 187 -10.82 33.07 29.38
N GLY C 188 -11.39 32.27 28.48
CA GLY C 188 -12.45 32.68 27.57
C GLY C 188 -12.06 32.22 26.18
N ASN C 189 -12.40 33.03 25.16
CA ASN C 189 -11.95 32.77 23.82
C ASN C 189 -10.43 32.98 23.68
N GLY C 190 -9.82 32.40 22.65
CA GLY C 190 -8.50 32.82 22.24
C GLY C 190 -7.34 31.96 22.68
N ASN C 191 -6.14 32.48 22.40
CA ASN C 191 -4.97 31.67 22.34
C ASN C 191 -4.45 31.25 23.70
N GLU C 192 -4.88 31.98 24.73
CA GLU C 192 -4.39 31.72 26.10
C GLU C 192 -5.32 30.92 26.95
N ASP C 193 -6.48 30.49 26.41
CA ASP C 193 -7.42 29.67 27.16
C ASP C 193 -6.95 28.21 27.29
N PHE C 194 -7.56 27.48 28.24
CA PHE C 194 -7.21 26.10 28.55
C PHE C 194 -8.00 25.05 27.82
N LYS C 195 -8.93 25.43 26.95
CA LYS C 195 -9.89 24.46 26.40
C LYS C 195 -9.25 23.35 25.56
N PHE C 196 -8.05 23.58 25.09
CA PHE C 196 -7.30 22.57 24.32
C PHE C 196 -7.26 21.19 25.02
N LEU C 197 -7.23 21.22 26.35
CA LEU C 197 -7.15 20.01 27.14
C LEU C 197 -8.46 19.25 27.27
N PHE C 198 -9.58 19.84 26.84
CA PHE C 198 -10.88 19.21 26.96
C PHE C 198 -10.95 17.95 26.09
N ALA C 199 -10.18 17.94 25.01
CA ALA C 199 -10.14 16.80 24.07
C ALA C 199 -9.57 15.53 24.66
N ALA C 200 -8.88 15.66 25.81
CA ALA C 200 -8.39 14.52 26.51
C ALA C 200 -9.53 13.75 27.19
N PHE C 201 -10.71 14.33 27.23
CA PHE C 201 -11.90 13.62 27.65
C PHE C 201 -12.83 13.23 26.46
N GLY C 202 -12.29 13.22 25.23
CA GLY C 202 -13.05 12.99 24.02
C GLY C 202 -13.71 14.27 23.54
N ILE C 203 -13.72 14.46 22.22
CA ILE C 203 -14.43 15.54 21.51
C ILE C 203 -13.75 16.92 21.68
N GLY C 204 -13.75 17.43 22.91
CA GLY C 204 -13.05 18.66 23.22
C GLY C 204 -13.92 19.85 22.90
N ASP C 205 -13.26 20.96 22.58
CA ASP C 205 -13.88 22.27 22.55
C ASP C 205 -13.07 23.21 21.63
N ASN C 206 -13.74 24.21 21.11
CA ASN C 206 -13.06 25.30 20.39
C ASN C 206 -13.79 26.59 20.71
N ASP C 207 -13.34 27.71 20.14
CA ASP C 207 -13.95 29.01 20.44
C ASP C 207 -15.41 29.14 19.94
N ASP C 208 -15.81 28.31 18.98
CA ASP C 208 -17.18 28.26 18.42
C ASP C 208 -18.05 27.35 19.19
N HIS C 209 -17.44 26.54 20.06
CA HIS C 209 -18.09 25.40 20.74
C HIS C 209 -18.78 24.51 19.74
N LEU C 210 -18.14 24.28 18.62
CA LEU C 210 -18.78 23.58 17.53
C LEU C 210 -17.80 22.74 16.73
N VAL C 211 -18.02 21.43 16.74
CA VAL C 211 -17.23 20.52 15.89
C VAL C 211 -18.13 19.78 14.89
N VAL C 212 -17.51 19.05 13.97
CA VAL C 212 -18.26 18.32 12.96
C VAL C 212 -17.92 16.84 13.11
N GLY C 213 -18.93 16.06 13.50
CA GLY C 213 -18.80 14.60 13.68
C GLY C 213 -18.52 13.90 12.38
N ASN C 214 -17.82 12.77 12.47
CA ASN C 214 -17.57 11.93 11.30
C ASN C 214 -18.85 11.26 10.73
N ASP C 215 -19.96 11.49 11.41
CA ASP C 215 -21.25 11.17 10.89
C ASP C 215 -21.87 12.35 10.09
N GLY C 216 -21.14 13.45 9.90
CA GLY C 216 -21.69 14.65 9.31
C GLY C 216 -22.64 15.43 10.17
N LYS C 217 -22.79 15.13 11.46
CA LYS C 217 -23.61 15.93 12.33
C LYS C 217 -22.74 16.98 13.02
N VAL C 218 -23.22 18.24 12.99
CA VAL C 218 -22.60 19.26 13.85
C VAL C 218 -22.91 18.98 15.34
N ASP C 219 -21.90 19.14 16.21
CA ASP C 219 -22.04 18.94 17.63
C ASP C 219 -21.62 20.20 18.36
N PHE C 220 -22.54 20.68 19.20
CA PHE C 220 -22.25 21.76 20.12
C PHE C 220 -21.55 21.09 21.28
N THR C 221 -20.31 21.52 21.47
CA THR C 221 -19.40 20.85 22.40
C THR C 221 -19.76 21.09 23.84
N ALA C 222 -20.38 22.23 24.11
CA ALA C 222 -20.50 22.72 25.48
C ALA C 222 -21.64 22.11 26.25
N ASP C 223 -22.41 21.19 25.63
CA ASP C 223 -23.42 20.40 26.36
C ASP C 223 -23.09 18.92 26.42
N ASN C 224 -21.86 18.54 26.09
CA ASN C 224 -21.45 17.16 26.10
C ASN C 224 -20.95 16.73 27.47
N ASP C 225 -21.20 15.46 27.79
CA ASP C 225 -20.58 14.87 29.01
C ASP C 225 -19.08 15.03 29.02
N ASN C 226 -18.47 14.89 27.84
CA ASN C 226 -17.02 15.05 27.71
C ASN C 226 -16.58 16.44 28.12
N TYR C 227 -17.40 17.43 27.81
CA TYR C 227 -17.12 18.79 28.25
C TYR C 227 -17.28 18.95 29.77
N LYS C 228 -18.38 18.41 30.31
CA LYS C 228 -18.52 18.31 31.74
C LYS C 228 -17.28 17.68 32.40
N GLU C 229 -16.77 16.60 31.83
CA GLU C 229 -15.55 15.98 32.39
C GLU C 229 -14.33 16.91 32.28
N GLY C 230 -14.18 17.60 31.16
CA GLY C 230 -13.06 18.56 31.03
C GLY C 230 -13.11 19.59 32.13
N VAL C 231 -14.30 20.11 32.40
CA VAL C 231 -14.43 21.13 33.39
C VAL C 231 -14.05 20.56 34.75
N LYS C 232 -14.52 19.35 35.03
CA LYS C 232 -14.20 18.67 36.30
C LYS C 232 -12.72 18.43 36.55
N PHE C 233 -11.96 18.22 35.47
CA PHE C 233 -10.53 18.11 35.55
C PHE C 233 -9.85 19.44 35.91
N ILE C 234 -10.27 20.53 35.28
CA ILE C 234 -9.80 21.86 35.67
C ILE C 234 -10.18 22.22 37.14
N ARG C 235 -11.39 21.89 37.57
CA ARG C 235 -11.78 22.00 38.99
C ARG C 235 -10.83 21.26 39.94
N GLN C 236 -10.45 20.05 39.58
CA GLN C 236 -9.42 19.33 40.33
C GLN C 236 -8.09 20.10 40.49
N LEU C 237 -7.59 20.66 39.39
CA LEU C 237 -6.40 21.51 39.47
C LEU C 237 -6.62 22.67 40.46
N GLN C 238 -7.79 23.25 40.42
CA GLN C 238 -8.09 24.36 41.31
C GLN C 238 -8.09 23.90 42.79
N GLU C 239 -8.87 22.85 43.11
CA GLU C 239 -9.00 22.32 44.45
C GLU C 239 -7.60 21.99 44.97
N LYS C 240 -6.71 21.56 44.09
CA LYS C 240 -5.37 21.18 44.49
C LYS C 240 -4.38 22.32 44.56
N GLY C 241 -4.85 23.55 44.43
CA GLY C 241 -3.99 24.74 44.44
C GLY C 241 -2.94 24.80 43.32
N LEU C 242 -3.25 24.22 42.17
CA LEU C 242 -2.34 24.17 41.09
C LEU C 242 -2.57 25.28 40.06
N ILE C 243 -3.67 26.02 40.16
CA ILE C 243 -3.93 27.01 39.16
C ILE C 243 -3.45 28.35 39.69
N ASP C 244 -2.90 29.17 38.79
CA ASP C 244 -2.60 30.60 39.00
C ASP C 244 -3.75 31.32 39.68
N LYS C 245 -3.47 31.80 40.88
CA LYS C 245 -4.44 32.39 41.77
C LYS C 245 -5.10 33.54 41.06
N GLU C 246 -4.41 34.25 40.14
CA GLU C 246 -5.13 35.33 39.44
C GLU C 246 -5.62 34.95 38.04
N ALA C 247 -5.84 33.66 37.77
CA ALA C 247 -6.09 33.23 36.42
C ALA C 247 -7.37 33.82 35.83
N PHE C 248 -8.38 33.98 36.67
CA PHE C 248 -9.65 34.55 36.18
C PHE C 248 -9.73 36.08 36.21
N GLU C 249 -8.65 36.74 36.63
CA GLU C 249 -8.64 38.18 36.74
C GLU C 249 -7.56 38.90 35.93
N HIS C 250 -6.41 38.26 35.68
CA HIS C 250 -5.26 38.95 35.12
C HIS C 250 -5.39 39.20 33.64
N ASP C 251 -4.51 40.00 33.06
CA ASP C 251 -4.62 40.29 31.65
C ASP C 251 -3.34 39.88 30.96
N TRP C 252 -3.24 40.16 29.67
CA TRP C 252 -2.11 39.73 28.88
C TRP C 252 -0.75 40.26 29.38
N ASN C 253 -0.69 41.53 29.77
CA ASN C 253 0.56 42.11 30.26
C ASN C 253 1.08 41.45 31.52
N SER C 254 0.17 41.18 32.42
CA SER C 254 0.48 40.41 33.61
C SER C 254 0.92 38.98 33.25
N TYR C 255 0.23 38.38 32.31
CA TYR C 255 0.53 37.03 31.91
C TYR C 255 1.94 36.97 31.36
N ILE C 256 2.32 37.91 30.53
CA ILE C 256 3.64 37.86 29.91
C ILE C 256 4.77 38.29 30.84
N ALA C 257 4.45 39.07 31.86
CA ALA C 257 5.44 39.40 32.90
C ALA C 257 5.84 38.16 33.68
N LYS C 258 4.83 37.41 34.12
CA LYS C 258 5.06 36.12 34.84
C LYS C 258 5.79 35.10 33.97
N GLY C 259 5.34 35.06 32.72
CA GLY C 259 5.98 34.29 31.68
C GLY C 259 7.41 34.69 31.40
N HIS C 260 7.67 35.99 31.29
CA HIS C 260 9.03 36.44 31.06
C HIS C 260 9.93 36.05 32.24
N ASP C 261 9.39 36.08 33.45
CA ASP C 261 10.07 35.59 34.65
C ASP C 261 10.10 34.04 34.83
N GLN C 262 9.54 33.29 33.87
CA GLN C 262 9.52 31.84 33.84
C GLN C 262 8.91 31.23 35.08
N LYS C 263 7.78 31.78 35.49
CA LYS C 263 7.06 31.35 36.66
C LYS C 263 6.06 30.25 36.36
N PHE C 264 5.76 29.97 35.08
CA PHE C 264 4.72 29.01 34.72
C PHE C 264 5.30 27.62 34.52
N GLY C 265 4.58 26.61 35.04
CA GLY C 265 4.92 25.20 34.78
C GLY C 265 4.29 24.74 33.46
N VAL C 266 2.98 25.00 33.33
CA VAL C 266 2.23 24.72 32.13
C VAL C 266 1.34 25.92 31.87
N TYR C 267 1.35 26.39 30.63
CA TYR C 267 0.52 27.50 30.18
C TYR C 267 0.15 27.36 28.71
N PHE C 268 -0.81 28.19 28.29
CA PHE C 268 -1.32 28.24 26.95
C PHE C 268 -1.01 29.57 26.22
N THR C 269 -0.55 29.47 24.98
CA THR C 269 -0.47 30.67 24.09
C THR C 269 -0.22 30.20 22.63
N TRP C 270 -0.37 31.09 21.67
CA TRP C 270 -0.10 30.77 20.27
C TRP C 270 1.36 30.36 20.05
N ASP C 271 2.26 31.19 20.59
CA ASP C 271 3.68 30.96 20.39
C ASP C 271 4.38 31.36 21.71
N LYS C 272 5.11 30.41 22.29
CA LYS C 272 5.84 30.60 23.54
C LYS C 272 6.84 31.80 23.52
N ASN C 273 7.33 32.15 22.32
CA ASN C 273 8.21 33.27 22.16
C ASN C 273 7.59 34.62 22.64
N ASN C 274 6.26 34.75 22.62
CA ASN C 274 5.62 35.92 23.13
C ASN C 274 5.46 35.98 24.67
N VAL C 275 5.68 34.89 25.38
CA VAL C 275 5.34 34.81 26.81
C VAL C 275 6.60 34.43 27.57
N THR C 276 7.11 33.22 27.35
CA THR C 276 8.31 32.79 28.07
C THR C 276 9.59 33.05 27.29
N GLY C 277 9.44 33.44 26.04
CA GLY C 277 10.56 33.92 25.26
C GLY C 277 11.27 32.87 24.48
N SER C 278 12.41 33.28 23.98
CA SER C 278 13.08 32.56 22.94
C SER C 278 14.17 31.81 23.67
N ASN C 279 13.87 30.56 24.01
CA ASN C 279 14.74 29.71 24.79
C ASN C 279 14.15 28.33 24.77
N GLU C 280 14.91 27.38 25.29
CA GLU C 280 14.57 25.96 25.24
C GLU C 280 14.07 25.45 26.56
N SER C 281 13.82 26.33 27.52
CA SER C 281 13.24 25.92 28.80
C SER C 281 11.82 25.44 28.65
N TYR C 282 11.06 26.06 27.71
CA TYR C 282 9.68 25.61 27.45
C TYR C 282 9.61 24.83 26.12
N ASP C 283 8.66 23.91 26.05
CA ASP C 283 8.41 23.15 24.84
C ASP C 283 6.95 22.77 24.75
N VAL C 284 6.56 22.19 23.61
CA VAL C 284 5.19 21.75 23.42
C VAL C 284 4.87 20.65 24.40
N LEU C 285 3.73 20.76 25.09
CA LEU C 285 3.16 19.67 25.84
C LEU C 285 2.48 18.67 24.91
N PRO C 286 3.00 17.41 24.82
CA PRO C 286 2.35 16.45 23.88
C PRO C 286 0.94 16.16 24.24
N VAL C 287 0.19 15.73 23.24
CA VAL C 287 -1.19 15.33 23.41
C VAL C 287 -1.28 14.23 24.45
N LEU C 288 -2.15 14.45 25.44
CA LEU C 288 -2.30 13.58 26.60
C LEU C 288 -3.49 12.65 26.42
N ALA C 289 -3.39 11.44 26.97
CA ALA C 289 -4.52 10.52 27.03
C ALA C 289 -5.30 10.76 28.27
N GLY C 290 -6.62 10.81 28.16
CA GLY C 290 -7.49 10.87 29.33
C GLY C 290 -7.65 9.56 30.09
N PRO C 291 -8.46 9.58 31.16
CA PRO C 291 -8.58 8.45 32.07
C PRO C 291 -9.13 7.17 31.43
N SER C 292 -9.95 7.30 30.37
CA SER C 292 -10.49 6.13 29.59
C SER C 292 -9.79 5.90 28.28
N GLY C 293 -8.65 6.55 28.11
CA GLY C 293 -7.85 6.39 26.92
C GLY C 293 -8.24 7.32 25.79
N GLN C 294 -9.08 8.29 26.05
CA GLN C 294 -9.40 9.28 25.01
C GLN C 294 -8.14 10.00 24.67
N LYS C 295 -7.85 10.12 23.37
CA LYS C 295 -6.69 10.84 22.87
C LYS C 295 -7.02 11.54 21.54
N HIS C 296 -7.13 12.88 21.58
CA HIS C 296 -7.83 13.67 20.57
C HIS C 296 -7.36 15.11 20.59
N VAL C 297 -7.38 15.71 19.42
CA VAL C 297 -7.28 17.16 19.29
C VAL C 297 -8.50 17.61 18.54
N ALA C 298 -9.30 18.49 19.17
CA ALA C 298 -10.41 19.21 18.52
C ALA C 298 -9.85 20.19 17.53
N ARG C 299 -10.45 20.24 16.34
CA ARG C 299 -10.02 21.15 15.31
C ARG C 299 -10.75 22.39 15.60
N THR C 300 -10.06 23.52 15.44
CA THR C 300 -10.76 24.81 15.51
C THR C 300 -11.47 24.90 14.17
N ASN C 301 -12.34 25.88 14.03
CA ASN C 301 -12.86 26.21 12.71
C ASN C 301 -12.14 27.39 12.04
N GLY C 302 -10.93 27.69 12.47
CA GLY C 302 -10.19 28.79 11.86
C GLY C 302 -9.52 28.46 10.55
N MET C 303 -9.14 29.50 9.83
CA MET C 303 -8.48 29.33 8.54
C MET C 303 -7.78 30.61 8.18
N GLY C 304 -6.94 30.56 7.14
CA GLY C 304 -6.27 31.75 6.61
C GLY C 304 -7.13 32.70 5.75
N PHE C 305 -8.24 33.15 6.33
CA PHE C 305 -9.23 33.94 5.63
C PHE C 305 -10.10 34.67 6.66
N ALA C 306 -10.22 35.98 6.54
CA ALA C 306 -11.20 36.79 7.30
C ALA C 306 -11.99 37.57 6.25
N ARG C 307 -13.30 37.45 6.29
CA ARG C 307 -14.17 38.01 5.25
C ARG C 307 -14.09 39.52 5.11
N ASP C 308 -14.02 40.19 6.25
CA ASP C 308 -14.00 41.64 6.23
C ASP C 308 -12.76 42.21 6.92
N LYS C 309 -11.85 42.76 6.14
CA LYS C 309 -10.86 43.69 6.68
C LYS C 309 -10.96 45.06 6.09
N MET C 310 -12.05 45.29 5.35
CA MET C 310 -12.32 46.62 4.87
C MET C 310 -13.71 46.68 4.27
N VAL C 311 -14.47 47.70 4.62
CA VAL C 311 -15.73 47.98 3.98
C VAL C 311 -15.77 49.40 3.47
N ILE C 312 -16.60 49.65 2.48
CA ILE C 312 -16.73 50.97 1.89
C ILE C 312 -18.11 51.53 2.28
N THR C 313 -18.16 52.78 2.74
CA THR C 313 -19.41 53.30 3.16
C THR C 313 -20.22 53.93 2.05
N SER C 314 -21.51 54.11 2.35
CA SER C 314 -22.42 54.79 1.46
C SER C 314 -22.23 56.30 1.40
N VAL C 315 -21.43 56.91 2.26
CA VAL C 315 -21.11 58.35 2.10
C VAL C 315 -19.76 58.57 1.41
N ASN C 316 -19.13 57.49 0.96
CA ASN C 316 -17.86 57.58 0.26
C ASN C 316 -18.00 58.41 -1.03
N LYS C 317 -17.15 59.40 -1.10
CA LYS C 317 -17.08 60.45 -2.14
C LYS C 317 -16.52 59.99 -3.50
N ASN C 318 -15.58 59.02 -3.47
CA ASN C 318 -14.78 58.69 -4.64
C ASN C 318 -14.49 57.22 -4.59
N LEU C 319 -15.40 56.47 -5.19
CA LEU C 319 -15.36 55.01 -5.16
C LEU C 319 -14.23 54.43 -5.99
N GLU C 320 -14.02 55.05 -7.15
CA GLU C 320 -12.94 54.65 -7.98
C GLU C 320 -11.62 54.81 -7.24
N LEU C 321 -11.40 55.99 -6.66
CA LEU C 321 -10.15 56.25 -5.96
C LEU C 321 -9.97 55.30 -4.78
N THR C 322 -11.06 55.02 -4.09
CA THR C 322 -11.04 54.15 -2.95
C THR C 322 -10.68 52.71 -3.34
N ALA C 323 -11.29 52.25 -4.40
CA ALA C 323 -11.05 50.91 -4.92
C ALA C 323 -9.63 50.73 -5.39
N LYS C 324 -9.08 51.72 -6.09
CA LYS C 324 -7.70 51.68 -6.55
C LYS C 324 -6.77 51.66 -5.38
N TRP C 325 -7.01 52.50 -4.37
CA TRP C 325 -6.21 52.47 -3.14
C TRP C 325 -6.24 51.07 -2.54
N ILE C 326 -7.45 50.50 -2.40
CA ILE C 326 -7.60 49.17 -1.80
C ILE C 326 -6.87 48.15 -2.66
N ASP C 327 -6.98 48.24 -3.98
CA ASP C 327 -6.21 47.33 -4.82
C ASP C 327 -4.70 47.42 -4.65
N ALA C 328 -4.16 48.61 -4.43
CA ALA C 328 -2.73 48.69 -4.16
C ALA C 328 -2.29 47.79 -2.97
N GLN C 329 -3.21 47.54 -2.03
CA GLN C 329 -2.88 46.75 -0.82
C GLN C 329 -2.73 45.26 -1.14
N TYR C 330 -3.42 44.83 -2.21
CA TYR C 330 -3.30 43.49 -2.78
C TYR C 330 -2.11 43.27 -3.73
N ALA C 331 -1.26 44.28 -3.94
CA ALA C 331 -0.01 44.01 -4.68
C ALA C 331 0.84 43.11 -3.76
N PRO C 332 1.53 42.10 -4.31
CA PRO C 332 2.11 41.13 -3.41
C PRO C 332 3.10 41.66 -2.37
N LEU C 333 4.01 42.55 -2.76
CA LEU C 333 4.94 43.09 -1.79
C LEU C 333 4.26 43.97 -0.74
N GLN C 334 3.20 44.66 -1.15
CA GLN C 334 2.40 45.43 -0.24
C GLN C 334 1.67 44.54 0.78
N SER C 335 1.06 43.46 0.28
CA SER C 335 0.29 42.52 1.11
C SER C 335 1.19 41.96 2.20
N VAL C 336 2.43 41.64 1.83
CA VAL C 336 3.35 41.00 2.73
C VAL C 336 3.72 41.95 3.89
N GLN C 337 4.08 43.16 3.52
CA GLN C 337 4.41 44.18 4.47
C GLN C 337 3.22 44.61 5.38
N ASN C 338 2.09 44.92 4.76
CA ASN C 338 0.89 45.21 5.50
C ASN C 338 0.58 44.15 6.58
N ASN C 339 0.80 42.88 6.21
CA ASN C 339 0.56 41.79 7.08
C ASN C 339 1.58 41.72 8.24
N TRP C 340 2.86 41.88 7.93
CA TRP C 340 3.88 41.41 8.82
C TRP C 340 4.88 42.45 9.28
N GLY C 341 4.98 43.60 8.63
CA GLY C 341 5.99 44.59 8.95
C GLY C 341 6.78 45.07 7.75
N THR C 342 7.93 45.69 8.01
CA THR C 342 8.66 46.38 6.93
C THR C 342 10.17 46.33 7.09
N TYR C 343 10.86 47.11 6.25
CA TYR C 343 12.33 47.14 6.14
C TYR C 343 12.76 48.61 6.15
N GLY C 344 14.02 48.85 6.50
CA GLY C 344 14.62 50.13 6.24
C GLY C 344 14.50 51.22 7.25
N ASP C 345 13.97 50.92 8.42
CA ASP C 345 13.78 51.95 9.44
C ASP C 345 15.09 51.96 10.26
N ASP C 346 15.69 53.14 10.45
CA ASP C 346 16.90 53.23 11.26
C ASP C 346 16.57 53.51 12.72
N LYS C 347 15.31 53.84 13.02
CA LYS C 347 14.91 54.18 14.39
C LYS C 347 14.24 53.02 15.14
N GLN C 348 14.07 51.87 14.50
CA GLN C 348 13.36 50.77 15.12
C GLN C 348 13.77 49.51 14.39
N GLN C 349 13.73 48.38 15.09
CA GLN C 349 13.96 47.08 14.52
C GLN C 349 13.02 46.83 13.34
N ASN C 350 13.49 46.04 12.37
CA ASN C 350 12.75 45.75 11.14
C ASN C 350 12.48 44.30 11.02
N ILE C 351 11.29 43.98 10.56
CA ILE C 351 10.88 42.59 10.34
C ILE C 351 11.58 42.04 9.10
N PHE C 352 11.84 42.89 8.12
CA PHE C 352 12.34 42.49 6.82
C PHE C 352 13.57 43.31 6.42
N GLU C 353 14.33 42.77 5.46
CA GLU C 353 15.20 43.55 4.57
C GLU C 353 14.66 43.39 3.15
N LEU C 354 14.82 44.41 2.36
CA LEU C 354 14.34 44.38 1.00
C LEU C 354 15.61 44.14 0.24
N ASP C 355 15.65 43.03 -0.49
CA ASP C 355 16.76 42.78 -1.43
C ASP C 355 16.39 43.50 -2.70
N GLN C 356 17.02 44.68 -2.91
CA GLN C 356 16.66 45.61 -4.02
C GLN C 356 16.81 45.00 -5.46
N ALA C 357 17.64 43.95 -5.61
CA ALA C 357 17.83 43.27 -6.93
C ALA C 357 16.68 42.32 -7.38
N SER C 358 16.21 41.51 -6.44
CA SER C 358 15.12 40.59 -6.65
C SER C 358 13.78 41.27 -6.49
N ASN C 359 13.74 42.44 -5.84
CA ASN C 359 12.47 43.08 -5.41
C ASN C 359 11.66 42.13 -4.49
N SER C 360 12.39 41.63 -3.49
CA SER C 360 11.93 40.56 -2.59
C SER C 360 12.17 40.94 -1.16
N LEU C 361 11.27 40.47 -0.30
CA LEU C 361 11.40 40.57 1.15
C LEU C 361 12.06 39.35 1.76
N LYS C 362 12.96 39.58 2.70
CA LYS C 362 13.64 38.54 3.45
C LYS C 362 13.49 38.88 4.91
N HIS C 363 12.95 37.92 5.68
CA HIS C 363 12.73 38.09 7.11
C HIS C 363 14.07 38.16 7.83
N LEU C 364 14.24 39.13 8.72
CA LEU C 364 15.49 39.28 9.49
C LEU C 364 15.40 38.63 10.87
N PRO C 365 16.55 38.24 11.45
CA PRO C 365 16.51 37.61 12.79
C PRO C 365 15.93 38.58 13.80
N LEU C 366 15.08 38.08 14.69
CA LEU C 366 14.50 38.94 15.77
C LEU C 366 15.41 39.13 17.00
N ASN C 367 16.41 38.26 17.18
CA ASN C 367 17.42 38.38 18.24
C ASN C 367 16.83 38.71 19.63
N GLY C 368 15.84 37.91 20.02
CA GLY C 368 15.16 38.03 21.32
C GLY C 368 13.79 38.73 21.38
N THR C 369 13.57 39.70 20.50
CA THR C 369 12.31 40.42 20.36
C THR C 369 11.16 39.51 20.06
N ALA C 370 10.12 39.67 20.84
CA ALA C 370 8.96 38.85 20.63
C ALA C 370 8.33 39.22 19.25
N PRO C 371 7.98 38.19 18.44
CA PRO C 371 7.40 38.42 17.12
C PRO C 371 6.13 39.30 17.15
N ALA C 372 5.22 39.00 18.05
CA ALA C 372 3.99 39.74 18.17
C ALA C 372 4.30 41.22 18.51
N GLU C 373 5.31 41.49 19.33
CA GLU C 373 5.57 42.90 19.75
C GLU C 373 6.00 43.77 18.54
N LEU C 374 6.99 43.29 17.79
CA LEU C 374 7.54 44.15 16.76
C LEU C 374 6.53 44.22 15.62
N ARG C 375 5.85 43.08 15.40
CA ARG C 375 4.77 43.06 14.43
C ARG C 375 3.66 44.12 14.61
N GLN C 376 3.13 44.20 15.82
CA GLN C 376 2.01 45.08 16.04
C GLN C 376 2.39 46.55 15.99
N LYS C 377 3.68 46.83 16.20
CA LYS C 377 4.21 48.18 16.01
C LYS C 377 4.27 48.63 14.59
N THR C 378 4.49 47.70 13.68
CA THR C 378 4.86 48.08 12.31
C THR C 378 3.99 47.53 11.18
N GLU C 379 3.13 46.54 11.48
CA GLU C 379 2.12 46.09 10.51
C GLU C 379 1.08 47.13 10.35
N VAL C 380 0.29 46.95 9.29
CA VAL C 380 -0.87 47.82 9.00
C VAL C 380 -2.22 47.10 9.14
N GLY C 381 -2.24 45.79 8.94
CA GLY C 381 -3.46 45.01 8.85
C GLY C 381 -4.17 45.37 7.57
N GLY C 382 -5.49 45.26 7.59
CA GLY C 382 -6.30 45.56 6.44
C GLY C 382 -6.42 44.41 5.43
N PRO C 383 -7.02 44.73 4.29
CA PRO C 383 -7.25 43.77 3.23
C PRO C 383 -5.94 43.55 2.48
N LEU C 384 -5.63 42.27 2.30
CA LEU C 384 -4.33 41.84 1.76
C LEU C 384 -4.48 40.34 1.42
N ALA C 385 -3.58 39.84 0.60
CA ALA C 385 -3.53 38.40 0.32
C ALA C 385 -2.10 37.95 0.29
N ILE C 386 -1.78 36.90 1.01
CA ILE C 386 -0.48 36.24 0.89
C ILE C 386 -0.78 34.81 0.48
N LEU C 387 -0.30 34.46 -0.71
CA LEU C 387 -0.55 33.14 -1.36
C LEU C 387 0.68 32.26 -1.28
N ASP C 388 0.45 30.95 -1.22
CA ASP C 388 1.55 29.93 -1.23
C ASP C 388 2.65 30.20 -2.25
N SER C 389 2.26 30.62 -3.45
CA SER C 389 3.20 31.00 -4.51
C SER C 389 4.13 32.11 -4.21
N TYR C 390 3.79 32.95 -3.23
CA TYR C 390 4.68 34.06 -2.84
C TYR C 390 5.94 33.59 -2.12
N TYR C 391 5.86 32.45 -1.42
CA TYR C 391 6.99 32.08 -0.56
C TYR C 391 8.17 31.66 -1.47
N GLY C 392 9.34 32.20 -1.24
CA GLY C 392 10.50 31.98 -2.12
C GLY C 392 10.59 32.88 -3.35
N LYS C 393 9.59 33.74 -3.63
CA LYS C 393 9.57 34.66 -4.76
C LYS C 393 9.42 36.10 -4.29
N VAL C 394 8.27 36.41 -3.71
CA VAL C 394 7.97 37.73 -3.16
C VAL C 394 8.56 37.90 -1.78
N THR C 395 8.49 36.86 -0.97
CA THR C 395 8.89 36.92 0.42
C THR C 395 9.37 35.53 0.95
N THR C 396 10.25 35.53 1.95
CA THR C 396 10.46 34.34 2.73
C THR C 396 9.19 33.95 3.52
N MET C 397 9.01 32.66 3.75
CA MET C 397 8.04 32.23 4.78
C MET C 397 8.60 32.66 6.14
N PRO C 398 7.75 33.24 6.99
CA PRO C 398 8.27 33.50 8.32
C PRO C 398 8.69 32.19 9.06
N ASP C 399 9.84 32.25 9.74
CA ASP C 399 10.40 31.11 10.45
C ASP C 399 9.50 30.64 11.60
N ASP C 400 8.84 31.57 12.28
CA ASP C 400 7.97 31.20 13.37
C ASP C 400 6.72 30.49 12.86
N ALA C 401 6.23 30.92 11.69
CA ALA C 401 5.14 30.23 11.03
C ALA C 401 5.56 28.82 10.53
N LYS C 402 6.72 28.73 9.89
CA LYS C 402 7.23 27.46 9.42
C LYS C 402 7.34 26.47 10.61
N TRP C 403 7.94 26.96 11.70
CA TRP C 403 8.14 26.20 12.91
C TRP C 403 6.80 25.75 13.48
N ARG C 404 5.84 26.69 13.52
CA ARG C 404 4.54 26.36 14.10
C ARG C 404 3.80 25.30 13.29
N LEU C 405 3.89 25.45 11.97
CA LEU C 405 3.30 24.47 11.07
C LEU C 405 3.90 23.10 11.30
N ASP C 406 5.24 23.03 11.45
CA ASP C 406 5.89 21.74 11.85
C ASP C 406 5.42 21.18 13.19
N LEU C 407 5.26 22.06 14.20
CA LEU C 407 4.80 21.59 15.49
C LEU C 407 3.46 20.97 15.36
N ILE C 408 2.60 21.59 14.57
CA ILE C 408 1.25 21.08 14.40
C ILE C 408 1.25 19.70 13.70
N LYS C 409 2.05 19.56 12.65
CA LYS C 409 2.15 18.31 11.91
C LYS C 409 2.59 17.20 12.83
N GLU C 410 3.63 17.47 13.59
CA GLU C 410 4.27 16.52 14.47
C GLU C 410 3.46 16.11 15.67
N TYR C 411 2.91 17.06 16.39
CA TYR C 411 2.24 16.77 17.66
C TYR C 411 0.73 16.60 17.58
N TYR C 412 0.03 17.32 16.68
CA TYR C 412 -1.43 17.36 16.76
C TYR C 412 -2.19 16.64 15.64
N VAL C 413 -1.71 16.75 14.41
CA VAL C 413 -2.41 16.17 13.25
C VAL C 413 -2.73 14.70 13.46
N PRO C 414 -1.81 13.91 14.05
CA PRO C 414 -2.14 12.49 14.27
C PRO C 414 -3.34 12.22 15.10
N TYR C 415 -3.76 13.20 15.92
CA TYR C 415 -4.94 13.05 16.79
C TYR C 415 -6.13 13.86 16.41
N MET C 416 -6.07 14.47 15.24
CA MET C 416 -7.22 15.22 14.67
C MET C 416 -7.99 14.22 13.86
N SER C 417 -8.79 13.43 14.56
CA SER C 417 -9.57 12.34 13.97
C SER C 417 -10.87 12.77 13.30
N ASN C 418 -11.25 14.04 13.46
CA ASN C 418 -12.37 14.61 12.72
C ASN C 418 -11.95 14.93 11.34
N VAL C 419 -12.51 14.18 10.43
CA VAL C 419 -12.34 14.40 9.00
C VAL C 419 -12.64 15.88 8.60
N ASN C 420 -13.74 16.44 9.12
CA ASN C 420 -14.14 17.80 8.79
C ASN C 420 -14.17 18.72 9.96
N ASN C 421 -13.98 19.99 9.67
CA ASN C 421 -14.35 21.07 10.60
C ASN C 421 -15.50 21.89 10.01
N TYR C 422 -15.86 23.00 10.65
CA TYR C 422 -17.02 23.76 10.18
C TYR C 422 -16.57 24.80 9.14
N PRO C 423 -17.17 24.80 7.94
CA PRO C 423 -16.69 25.68 6.86
C PRO C 423 -17.13 27.10 7.07
N ARG C 424 -16.40 28.03 6.44
CA ARG C 424 -16.70 29.45 6.57
C ARG C 424 -17.90 29.86 5.70
N VAL C 425 -19.08 29.41 6.08
CA VAL C 425 -20.26 29.75 5.27
C VAL C 425 -20.69 31.19 5.44
N PHE C 426 -21.50 31.67 4.52
CA PHE C 426 -22.04 33.01 4.58
C PHE C 426 -23.56 32.92 4.65
N MET C 427 -24.11 33.02 5.85
CA MET C 427 -25.52 32.79 6.05
C MET C 427 -26.29 33.98 5.56
N THR C 428 -27.57 33.77 5.35
CA THR C 428 -28.47 34.89 5.00
C THR C 428 -28.62 35.77 6.19
N GLN C 429 -29.07 36.97 5.91
CA GLN C 429 -29.18 37.97 6.97
C GLN C 429 -30.15 37.53 8.04
N GLU C 430 -31.20 36.85 7.61
CA GLU C 430 -32.26 36.36 8.50
C GLU C 430 -31.68 35.37 9.52
N ASP C 431 -30.92 34.39 9.02
CA ASP C 431 -30.26 33.35 9.83
C ASP C 431 -29.18 33.96 10.74
N LEU C 432 -28.38 34.87 10.14
CA LEU C 432 -27.39 35.61 10.91
C LEU C 432 -28.03 36.34 12.09
N ASP C 433 -29.14 37.00 11.86
CA ASP C 433 -29.82 37.69 12.97
C ASP C 433 -30.40 36.74 14.04
N LYS C 434 -30.94 35.61 13.59
CA LYS C 434 -31.42 34.55 14.51
C LYS C 434 -30.29 34.06 15.39
N ILE C 435 -29.21 33.69 14.74
CA ILE C 435 -28.04 33.15 15.40
C ILE C 435 -27.46 34.18 16.39
N ALA C 436 -27.40 35.45 15.99
CA ALA C 436 -26.84 36.48 16.89
C ALA C 436 -27.69 36.72 18.19
N HIS C 437 -29.00 36.60 18.07
CA HIS C 437 -29.92 36.67 19.22
C HIS C 437 -29.62 35.53 20.20
N ILE C 438 -29.38 34.32 19.69
CA ILE C 438 -29.12 33.17 20.52
C ILE C 438 -27.76 33.29 21.20
N GLU C 439 -26.75 33.67 20.40
CA GLU C 439 -25.38 33.87 20.93
C GLU C 439 -25.28 34.98 21.95
N ALA C 440 -26.17 35.99 21.85
CA ALA C 440 -26.25 37.03 22.88
C ALA C 440 -26.51 36.46 24.30
N ASP C 441 -27.33 35.43 24.41
CA ASP C 441 -27.49 34.73 25.69
C ASP C 441 -26.38 33.71 25.92
N MET C 442 -26.04 32.94 24.88
CA MET C 442 -25.15 31.77 25.07
C MET C 442 -23.71 32.06 25.39
N ASN C 443 -23.13 33.07 24.74
CA ASN C 443 -21.68 33.18 24.67
C ASN C 443 -21.06 33.45 26.01
N ASP C 444 -21.53 34.52 26.64
CA ASP C 444 -21.10 34.82 28.01
C ASP C 444 -21.49 33.76 29.07
N TYR C 445 -22.73 33.26 28.97
CA TYR C 445 -23.29 32.27 29.88
C TYR C 445 -22.37 31.03 29.97
N ILE C 446 -21.96 30.54 28.81
CA ILE C 446 -21.09 29.37 28.75
C ILE C 446 -19.81 29.59 29.56
N TYR C 447 -19.12 30.68 29.28
CA TYR C 447 -17.87 30.95 29.97
C TYR C 447 -18.08 31.24 31.43
N ARG C 448 -19.17 31.92 31.74
CA ARG C 448 -19.45 32.30 33.11
C ARG C 448 -19.70 31.03 33.98
N LYS C 449 -20.54 30.12 33.50
CA LYS C 449 -20.79 28.89 34.27
C LYS C 449 -19.50 28.08 34.37
N ARG C 450 -18.68 28.10 33.29
CA ARG C 450 -17.48 27.28 33.26
C ARG C 450 -16.54 27.75 34.40
N ALA C 451 -16.42 29.06 34.50
CA ALA C 451 -15.60 29.68 35.56
C ALA C 451 -16.20 29.40 36.95
N GLU C 452 -17.52 29.61 37.09
CA GLU C 452 -18.22 29.33 38.36
C GLU C 452 -17.92 27.93 38.85
N TRP C 453 -18.03 26.96 37.94
CA TRP C 453 -17.79 25.54 38.30
C TRP C 453 -16.40 25.21 38.72
N ILE C 454 -15.43 25.88 38.10
CA ILE C 454 -14.04 25.69 38.46
C ILE C 454 -13.71 26.20 39.89
N VAL C 455 -14.31 27.33 40.28
CA VAL C 455 -14.05 27.93 41.58
C VAL C 455 -15.01 27.42 42.67
N ASN C 456 -16.18 26.89 42.28
CA ASN C 456 -17.23 26.42 43.23
C ASN C 456 -17.51 24.91 43.29
N GLY C 457 -17.06 24.14 42.31
CA GLY C 457 -17.22 22.70 42.33
C GLY C 457 -18.63 22.09 42.25
N ASN C 458 -19.62 22.83 41.83
CA ASN C 458 -20.99 22.28 41.84
C ASN C 458 -21.52 21.87 40.49
N ILE C 459 -20.66 21.55 39.54
CA ILE C 459 -21.14 21.23 38.21
C ILE C 459 -22.12 20.05 38.20
N ASP C 460 -21.84 18.96 38.96
CA ASP C 460 -22.71 17.73 38.91
C ASP C 460 -24.14 18.01 39.32
N THR C 461 -24.39 18.92 40.23
CA THR C 461 -25.76 19.28 40.55
C THR C 461 -26.37 20.42 39.71
N GLU C 462 -25.56 21.19 39.00
CA GLU C 462 -26.08 22.27 38.11
C GLU C 462 -26.12 21.91 36.62
N TRP C 463 -25.39 20.86 36.21
CA TRP C 463 -25.27 20.45 34.81
C TRP C 463 -26.61 20.38 34.02
N ASP C 464 -27.61 19.74 34.61
CA ASP C 464 -28.88 19.56 33.95
C ASP C 464 -29.62 20.87 33.70
N ASP C 465 -29.64 21.74 34.68
CA ASP C 465 -30.30 23.04 34.55
C ASP C 465 -29.63 23.95 33.53
N TYR C 466 -28.32 23.83 33.45
CA TYR C 466 -27.54 24.58 32.46
C TYR C 466 -27.92 24.13 31.06
N LYS C 467 -28.01 22.82 30.83
CA LYS C 467 -28.44 22.36 29.50
C LYS C 467 -29.87 22.82 29.18
N LYS C 468 -30.74 22.79 30.17
CA LYS C 468 -32.08 23.30 29.97
C LYS C 468 -32.05 24.80 29.69
N GLU C 469 -31.20 25.55 30.38
CA GLU C 469 -30.99 26.97 30.02
C GLU C 469 -30.59 27.15 28.56
N LEU C 470 -29.57 26.40 28.16
CA LEU C 470 -29.10 26.47 26.79
C LEU C 470 -30.26 26.24 25.83
N GLU C 471 -31.15 25.28 26.14
CA GLU C 471 -32.27 24.99 25.22
C GLU C 471 -33.27 26.14 25.25
N LYS C 472 -33.52 26.73 26.42
CA LYS C 472 -34.39 27.90 26.48
C LYS C 472 -33.83 29.06 25.67
N TYR C 473 -32.49 29.16 25.59
CA TYR C 473 -31.88 30.23 24.81
C TYR C 473 -31.95 29.96 23.34
N GLY C 474 -32.30 28.75 22.93
CA GLY C 474 -32.43 28.42 21.49
C GLY C 474 -31.44 27.46 20.90
N LEU C 475 -30.75 26.71 21.73
CA LEU C 475 -29.70 25.84 21.23
C LEU C 475 -30.14 24.90 20.12
N SER C 476 -31.30 24.27 20.24
CA SER C 476 -31.69 23.35 19.15
C SER C 476 -31.93 24.10 17.80
N ASP C 477 -32.58 25.27 17.82
CA ASP C 477 -32.67 26.13 16.60
C ASP C 477 -31.29 26.52 16.00
N TYR C 478 -30.38 26.90 16.91
CA TYR C 478 -29.02 27.24 16.59
C TYR C 478 -28.30 26.09 15.86
N LEU C 479 -28.33 24.87 16.44
CA LEU C 479 -27.77 23.68 15.76
C LEU C 479 -28.35 23.36 14.42
N ALA C 480 -29.66 23.45 14.32
CA ALA C 480 -30.37 23.19 13.07
C ALA C 480 -29.98 24.16 11.96
N ILE C 481 -29.81 25.42 12.32
CA ILE C 481 -29.29 26.42 11.35
C ILE C 481 -27.88 26.08 10.93
N LYS C 482 -27.01 25.82 11.89
CA LYS C 482 -25.61 25.48 11.57
C LYS C 482 -25.54 24.19 10.70
N GLN C 483 -26.38 23.20 11.06
CA GLN C 483 -26.48 21.95 10.29
C GLN C 483 -26.91 22.14 8.83
N LYS C 484 -27.96 22.92 8.62
CA LYS C 484 -28.47 23.28 7.31
C LYS C 484 -27.37 23.89 6.41
N TYR C 485 -26.56 24.83 6.93
CA TYR C 485 -25.51 25.42 6.11
C TYR C 485 -24.36 24.44 5.89
N TYR C 486 -24.05 23.61 6.88
CA TYR C 486 -23.04 22.58 6.72
C TYR C 486 -23.44 21.65 5.59
N ASP C 487 -24.68 21.19 5.65
CA ASP C 487 -25.21 20.26 4.59
C ASP C 487 -25.21 20.95 3.23
N GLN C 488 -25.60 22.22 3.19
CA GLN C 488 -25.59 22.98 1.93
C GLN C 488 -24.14 23.11 1.37
N TYR C 489 -23.20 23.36 2.25
CA TYR C 489 -21.82 23.46 1.84
C TYR C 489 -21.37 22.11 1.26
N GLN C 490 -21.62 21.04 1.97
CA GLN C 490 -21.24 19.71 1.48
C GLN C 490 -21.93 19.33 0.18
N ALA C 491 -23.21 19.61 0.05
CA ALA C 491 -23.97 19.35 -1.18
C ALA C 491 -23.31 19.97 -2.40
N ASN C 492 -22.66 21.11 -2.24
CA ASN C 492 -22.00 21.78 -3.36
C ASN C 492 -20.48 21.56 -3.58
N LYS C 493 -19.81 20.74 -2.76
CA LYS C 493 -18.34 20.57 -2.86
C LYS C 493 -18.02 19.49 -3.86
N THR D 4 9.52 -45.38 31.68
CA THR D 4 8.16 -45.07 31.11
C THR D 4 7.39 -44.08 32.02
N LEU D 5 6.69 -43.13 31.42
CA LEU D 5 5.75 -42.25 32.15
C LEU D 5 4.41 -42.16 31.37
N LYS D 6 3.31 -41.95 32.09
CA LYS D 6 1.99 -41.78 31.50
C LYS D 6 1.64 -40.28 31.59
N PHE D 7 1.53 -39.64 30.42
CA PHE D 7 1.14 -38.23 30.26
C PHE D 7 -0.18 -38.14 29.48
N MET D 8 -1.11 -37.36 30.02
CA MET D 8 -2.28 -36.87 29.32
C MET D 8 -1.76 -35.66 28.60
N THR D 9 -2.22 -35.48 27.37
CA THR D 9 -1.89 -34.30 26.61
C THR D 9 -3.09 -33.82 25.79
N ALA D 10 -2.91 -32.60 25.26
CA ALA D 10 -3.85 -31.90 24.37
C ALA D 10 -3.14 -31.65 23.06
N SER D 11 -3.77 -32.03 21.94
CA SER D 11 -3.14 -31.86 20.66
C SER D 11 -4.18 -31.55 19.61
N SER D 12 -3.73 -31.01 18.47
CA SER D 12 -4.61 -30.76 17.35
C SER D 12 -5.25 -32.02 16.73
N PRO D 13 -6.48 -31.87 16.23
CA PRO D 13 -7.06 -33.01 15.50
C PRO D 13 -6.37 -33.35 14.21
N LEU D 14 -5.54 -32.45 13.69
CA LEU D 14 -4.74 -32.73 12.49
C LEU D 14 -3.47 -33.47 12.81
N SER D 15 -3.10 -33.56 14.08
CA SER D 15 -1.90 -34.30 14.42
C SER D 15 -2.19 -35.79 14.70
N PRO D 16 -1.16 -36.66 14.65
CA PRO D 16 -1.38 -38.12 14.92
C PRO D 16 -2.06 -38.43 16.25
N LYS D 17 -2.97 -39.38 16.23
CA LYS D 17 -3.64 -39.84 17.46
C LYS D 17 -2.63 -40.23 18.53
N ASP D 18 -1.57 -40.91 18.13
CA ASP D 18 -0.47 -41.22 18.99
C ASP D 18 0.61 -40.15 18.84
N PRO D 19 0.79 -39.29 19.88
CA PRO D 19 1.87 -38.23 19.82
C PRO D 19 3.29 -38.75 19.44
N ASN D 20 3.59 -40.01 19.79
CA ASN D 20 4.89 -40.64 19.49
C ASN D 20 5.18 -40.88 18.02
N GLU D 21 4.18 -40.82 17.17
CA GLU D 21 4.43 -40.71 15.75
C GLU D 21 5.03 -39.37 15.32
N LYS D 22 4.94 -38.30 16.13
CA LYS D 22 5.69 -37.04 15.87
C LYS D 22 7.20 -37.21 15.95
N LEU D 23 7.91 -36.75 14.91
CA LEU D 23 9.36 -36.74 14.82
C LEU D 23 10.07 -36.15 16.03
N ILE D 24 9.58 -35.01 16.52
CA ILE D 24 10.07 -34.41 17.76
C ILE D 24 10.04 -35.44 18.89
N LEU D 25 8.92 -36.13 19.05
CA LEU D 25 8.78 -37.05 20.20
C LEU D 25 9.55 -38.38 20.04
N GLN D 26 9.69 -38.83 18.80
CA GLN D 26 10.64 -39.90 18.45
C GLN D 26 12.07 -39.50 18.87
N ARG D 27 12.56 -38.35 18.40
CA ARG D 27 13.90 -37.89 18.75
C ARG D 27 14.08 -37.69 20.26
N LEU D 28 13.04 -37.17 20.88
CA LEU D 28 13.08 -36.94 22.30
C LEU D 28 13.25 -38.23 23.11
N GLU D 29 12.58 -39.30 22.70
CA GLU D 29 12.70 -40.60 23.37
C GLU D 29 14.12 -41.15 23.25
N LYS D 30 14.70 -41.09 22.04
CA LYS D 30 16.13 -41.42 21.84
C LYS D 30 16.97 -40.62 22.81
N GLU D 31 16.76 -39.31 22.88
CA GLU D 31 17.63 -38.45 23.66
C GLU D 31 17.52 -38.68 25.14
N THR D 32 16.30 -38.83 25.66
CA THR D 32 16.09 -38.88 27.11
C THR D 32 16.08 -40.30 27.64
N GLY D 33 15.97 -41.26 26.74
CA GLY D 33 15.73 -42.65 27.12
C GLY D 33 14.32 -42.98 27.60
N VAL D 34 13.44 -41.96 27.79
CA VAL D 34 12.12 -42.16 28.34
C VAL D 34 11.08 -42.35 27.22
N HIS D 35 10.27 -43.40 27.38
CA HIS D 35 9.08 -43.60 26.57
C HIS D 35 7.87 -43.01 27.29
N ILE D 36 7.08 -42.19 26.58
CA ILE D 36 5.84 -41.68 27.13
C ILE D 36 4.69 -42.49 26.50
N ASP D 37 3.80 -42.96 27.34
CA ASP D 37 2.50 -43.46 26.94
C ASP D 37 1.50 -42.31 27.13
N TRP D 38 0.81 -41.94 26.05
CA TRP D 38 0.04 -40.69 26.05
C TRP D 38 -1.43 -40.94 26.14
N THR D 39 -2.16 -40.18 26.96
CA THR D 39 -3.60 -40.09 26.73
C THR D 39 -3.80 -38.76 26.04
N ASN D 40 -4.04 -38.81 24.73
CA ASN D 40 -3.99 -37.64 23.85
C ASN D 40 -5.41 -37.25 23.53
N TYR D 41 -5.87 -36.17 24.11
CA TYR D 41 -7.19 -35.69 23.79
C TYR D 41 -7.09 -34.62 22.70
N GLN D 42 -7.74 -34.85 21.55
CA GLN D 42 -7.75 -33.92 20.40
C GLN D 42 -8.99 -33.03 20.27
N SER D 43 -9.94 -33.14 21.16
CA SER D 43 -11.08 -32.21 21.18
C SER D 43 -11.62 -32.27 22.57
N ASP D 44 -12.23 -31.18 23.02
CA ASP D 44 -12.78 -31.09 24.36
C ASP D 44 -11.84 -31.59 25.48
N PHE D 45 -10.58 -31.24 25.35
CA PHE D 45 -9.55 -31.65 26.27
C PHE D 45 -9.89 -31.33 27.71
N ALA D 46 -10.35 -30.10 27.99
CA ALA D 46 -10.65 -29.71 29.37
C ALA D 46 -11.66 -30.65 30.01
N GLU D 47 -12.79 -30.87 29.34
CA GLU D 47 -13.90 -31.73 29.86
C GLU D 47 -13.45 -33.19 30.12
N LYS D 48 -12.66 -33.74 29.20
CA LYS D 48 -12.20 -35.10 29.29
C LYS D 48 -11.12 -35.22 30.39
N ARG D 49 -10.23 -34.23 30.45
CA ARG D 49 -9.27 -34.12 31.57
C ARG D 49 -10.01 -34.08 32.86
N ASN D 50 -11.04 -33.26 32.96
CA ASN D 50 -11.77 -33.12 34.18
C ASN D 50 -12.50 -34.40 34.58
N LEU D 51 -13.03 -35.13 33.58
CA LEU D 51 -13.56 -36.47 33.84
C LEU D 51 -12.50 -37.40 34.42
N ASP D 52 -11.30 -37.37 33.86
CA ASP D 52 -10.22 -38.25 34.34
C ASP D 52 -9.84 -37.92 35.80
N ILE D 53 -9.82 -36.63 36.11
CA ILE D 53 -9.53 -36.14 37.46
C ILE D 53 -10.64 -36.49 38.45
N SER D 54 -11.90 -36.24 38.08
CA SER D 54 -13.04 -36.57 38.98
C SER D 54 -13.17 -38.05 39.27
N SER D 55 -12.79 -38.87 38.30
CA SER D 55 -12.88 -40.33 38.40
C SER D 55 -11.68 -40.96 39.15
N GLY D 56 -10.62 -40.17 39.39
CA GLY D 56 -9.44 -40.67 40.07
C GLY D 56 -8.48 -41.36 39.12
N ASP D 57 -8.75 -41.29 37.84
CA ASP D 57 -7.90 -41.90 36.84
C ASP D 57 -6.79 -40.94 36.37
N LEU D 58 -5.79 -40.69 37.23
CA LEU D 58 -4.77 -39.68 36.95
C LEU D 58 -3.58 -40.26 36.19
N PRO D 59 -2.99 -39.48 35.30
CA PRO D 59 -1.70 -39.82 34.79
C PRO D 59 -0.56 -39.41 35.77
N ASP D 60 0.68 -39.57 35.32
CA ASP D 60 1.84 -39.12 36.07
C ASP D 60 1.95 -37.60 35.98
N ALA D 61 1.54 -37.04 34.84
CA ALA D 61 1.48 -35.60 34.64
C ALA D 61 0.55 -35.26 33.51
N ILE D 62 0.05 -34.00 33.55
CA ILE D 62 -0.83 -33.45 32.48
C ILE D 62 -0.01 -32.45 31.69
N HIS D 63 0.33 -32.85 30.46
CA HIS D 63 1.17 -32.12 29.52
C HIS D 63 0.33 -31.23 28.64
N ASN D 64 0.79 -29.99 28.44
CA ASN D 64 0.12 -29.01 27.59
C ASN D 64 -1.26 -28.70 28.14
N ASP D 65 -1.32 -28.55 29.46
CA ASP D 65 -2.56 -28.48 30.20
C ASP D 65 -3.44 -27.24 30.02
N GLY D 66 -2.86 -26.05 30.18
CA GLY D 66 -3.60 -24.80 30.17
C GLY D 66 -4.73 -24.70 31.17
N ALA D 67 -4.59 -25.25 32.38
CA ALA D 67 -5.68 -25.11 33.35
C ALA D 67 -5.86 -23.64 33.79
N SER D 68 -7.09 -23.29 34.13
CA SER D 68 -7.37 -22.01 34.80
C SER D 68 -6.72 -21.99 36.18
N ASP D 69 -6.59 -20.78 36.75
CA ASP D 69 -6.03 -20.59 38.09
C ASP D 69 -6.92 -21.26 39.11
N VAL D 70 -8.23 -21.13 38.96
CA VAL D 70 -9.17 -21.73 39.94
C VAL D 70 -9.07 -23.27 39.96
N ASP D 71 -8.94 -23.88 38.77
CA ASP D 71 -8.80 -25.35 38.68
C ASP D 71 -7.47 -25.80 39.31
N LEU D 72 -6.44 -25.07 38.96
CA LEU D 72 -5.12 -25.33 39.45
C LEU D 72 -5.05 -25.27 40.99
N MET D 73 -5.65 -24.26 41.57
CA MET D 73 -5.65 -24.12 43.02
C MET D 73 -6.60 -25.10 43.71
N ASN D 74 -7.74 -25.42 43.09
CA ASN D 74 -8.58 -26.52 43.59
C ASN D 74 -7.82 -27.83 43.61
N TRP D 75 -7.10 -28.13 42.53
CA TRP D 75 -6.32 -29.36 42.47
C TRP D 75 -5.21 -29.43 43.55
N ALA D 76 -4.58 -28.29 43.78
CA ALA D 76 -3.52 -28.18 44.77
C ALA D 76 -4.08 -28.37 46.17
N LYS D 77 -5.18 -27.70 46.49
CA LYS D 77 -5.81 -27.80 47.81
C LYS D 77 -6.29 -29.21 48.13
N LYS D 78 -6.81 -29.88 47.11
CA LYS D 78 -7.28 -31.25 47.26
C LYS D 78 -6.20 -32.29 47.04
N GLY D 79 -4.98 -31.86 46.74
CA GLY D 79 -3.91 -32.79 46.53
C GLY D 79 -3.96 -33.61 45.26
N VAL D 80 -4.72 -33.18 44.22
CA VAL D 80 -4.59 -33.79 42.91
C VAL D 80 -3.18 -33.59 42.28
N ILE D 81 -2.59 -32.42 42.51
CA ILE D 81 -1.27 -32.11 41.97
C ILE D 81 -0.39 -31.63 43.11
N ILE D 82 0.91 -31.58 42.89
CA ILE D 82 1.86 -31.31 43.96
C ILE D 82 2.62 -30.02 43.67
N PRO D 83 3.09 -29.35 44.73
CA PRO D 83 4.12 -28.31 44.60
C PRO D 83 5.29 -28.83 43.80
N VAL D 84 5.91 -27.99 42.97
CA VAL D 84 7.08 -28.40 42.21
C VAL D 84 8.36 -27.59 42.44
N GLU D 85 8.30 -26.54 43.28
CA GLU D 85 9.44 -25.58 43.41
C GLU D 85 10.78 -26.29 43.78
N ASP D 86 10.70 -27.31 44.64
CA ASP D 86 11.86 -28.12 45.03
C ASP D 86 12.38 -29.03 43.91
N LEU D 87 11.50 -29.51 43.05
CA LEU D 87 11.94 -30.28 41.90
C LEU D 87 12.70 -29.44 40.92
N ILE D 88 12.37 -28.15 40.85
CA ILE D 88 13.05 -27.21 39.97
C ILE D 88 14.51 -27.09 40.45
N ASP D 89 14.69 -26.66 41.70
CA ASP D 89 16.03 -26.56 42.36
C ASP D 89 16.90 -27.78 42.16
N LYS D 90 16.39 -28.92 42.59
CA LYS D 90 17.17 -30.14 42.64
C LYS D 90 17.46 -30.70 41.24
N TYR D 91 16.50 -30.63 40.31
CA TYR D 91 16.59 -31.45 39.11
C TYR D 91 16.59 -30.72 37.77
N MET D 92 16.34 -29.42 37.77
CA MET D 92 16.03 -28.73 36.50
C MET D 92 16.96 -27.58 36.23
N PRO D 93 18.21 -27.87 35.77
CA PRO D 93 19.17 -26.77 35.52
C PRO D 93 18.75 -25.80 34.40
N ASN D 94 18.20 -26.32 33.29
CA ASN D 94 17.67 -25.51 32.19
C ASN D 94 16.63 -24.53 32.69
N LEU D 95 15.59 -25.02 33.35
CA LEU D 95 14.55 -24.15 33.90
C LEU D 95 15.11 -23.17 34.94
N LYS D 96 15.93 -23.67 35.87
CA LYS D 96 16.60 -22.77 36.86
C LYS D 96 17.41 -21.65 36.23
N LYS D 97 18.20 -21.97 35.21
CA LYS D 97 18.94 -20.95 34.47
C LYS D 97 18.05 -19.86 33.86
N ILE D 98 16.88 -20.24 33.34
CA ILE D 98 15.94 -19.28 32.76
C ILE D 98 15.37 -18.39 33.85
N LEU D 99 14.95 -19.02 34.93
CA LEU D 99 14.38 -18.31 36.08
C LEU D 99 15.40 -17.45 36.83
N ASP D 100 16.64 -17.90 36.87
CA ASP D 100 17.74 -17.08 37.42
C ASP D 100 17.96 -15.82 36.55
N GLU D 101 18.05 -15.99 35.24
CA GLU D 101 18.18 -14.85 34.31
C GLU D 101 16.95 -13.94 34.19
N LYS D 102 15.75 -14.48 34.34
CA LYS D 102 14.52 -13.67 34.31
C LYS D 102 13.63 -14.02 35.49
N PRO D 103 13.99 -13.51 36.69
CA PRO D 103 13.27 -13.84 37.93
C PRO D 103 11.80 -13.46 37.99
N GLU D 104 11.38 -12.49 37.21
CA GLU D 104 9.96 -12.08 37.20
C GLU D 104 8.98 -13.21 36.77
N TYR D 105 9.48 -14.14 35.95
CA TYR D 105 8.71 -15.34 35.56
C TYR D 105 8.50 -16.26 36.77
N LYS D 106 9.55 -16.50 37.57
CA LYS D 106 9.36 -17.17 38.88
C LYS D 106 8.25 -16.52 39.75
N ALA D 107 8.18 -15.20 39.73
CA ALA D 107 7.15 -14.46 40.45
C ALA D 107 5.78 -14.75 39.88
N LEU D 108 5.71 -14.85 38.56
CA LEU D 108 4.43 -15.20 37.88
C LEU D 108 4.00 -16.67 38.05
N MET D 109 4.97 -17.54 38.32
CA MET D 109 4.77 -18.95 38.67
C MET D 109 4.33 -19.27 40.10
N THR D 110 4.27 -18.28 40.99
CA THR D 110 4.18 -18.54 42.42
C THR D 110 2.79 -18.19 42.90
N ALA D 111 2.13 -19.17 43.52
CA ALA D 111 0.85 -18.92 44.15
C ALA D 111 1.00 -18.06 45.41
N PRO D 112 -0.10 -17.43 45.88
CA PRO D 112 0.02 -16.65 47.11
C PRO D 112 0.28 -17.46 48.36
N ASP D 113 0.17 -18.79 48.32
CA ASP D 113 0.67 -19.62 49.40
C ASP D 113 2.19 -19.90 49.35
N GLY D 114 2.91 -19.39 48.36
CA GLY D 114 4.34 -19.55 48.29
C GLY D 114 4.81 -20.71 47.45
N HIS D 115 3.91 -21.56 46.94
CA HIS D 115 4.31 -22.74 46.20
C HIS D 115 4.19 -22.53 44.69
N ILE D 116 5.02 -23.23 43.94
CA ILE D 116 4.83 -23.36 42.49
C ILE D 116 4.08 -24.67 42.14
N TYR D 117 3.01 -24.56 41.35
CA TYR D 117 2.20 -25.72 40.97
C TYR D 117 2.19 -26.11 39.49
N SER D 118 2.95 -25.42 38.66
CA SER D 118 2.94 -25.74 37.24
C SER D 118 4.11 -25.18 36.51
N PHE D 119 4.37 -25.72 35.34
CA PHE D 119 5.47 -25.31 34.51
C PHE D 119 4.94 -24.50 33.33
N PRO D 120 5.53 -23.30 33.07
CA PRO D 120 4.88 -22.38 32.17
C PRO D 120 5.35 -22.50 30.78
N TRP D 121 4.56 -21.90 29.90
CA TRP D 121 4.95 -21.61 28.56
C TRP D 121 5.38 -20.16 28.53
N ILE D 122 6.52 -19.91 27.91
CA ILE D 122 7.08 -18.59 27.84
C ILE D 122 7.49 -18.32 26.44
N GLU D 123 6.99 -17.21 25.88
CA GLU D 123 7.21 -16.88 24.48
C GLU D 123 7.32 -15.39 24.34
N GLU D 124 8.56 -14.94 24.08
CA GLU D 124 8.89 -13.50 24.04
C GLU D 124 8.82 -12.99 22.60
N LEU D 125 7.77 -12.20 22.34
CA LEU D 125 7.49 -11.60 21.02
C LEU D 125 6.86 -10.25 21.28
N GLY D 126 7.74 -9.27 21.47
CA GLY D 126 7.39 -7.89 21.78
C GLY D 126 7.09 -7.71 23.23
N ASP D 127 7.10 -6.44 23.62
CA ASP D 127 6.96 -6.06 25.02
C ASP D 127 5.98 -4.87 25.14
N GLY D 128 5.18 -4.84 26.20
CA GLY D 128 4.21 -3.81 26.46
C GLY D 128 3.16 -3.73 25.36
N LYS D 129 3.02 -2.53 24.81
CA LYS D 129 2.09 -2.29 23.72
C LYS D 129 2.49 -3.05 22.43
N GLU D 130 3.77 -3.29 22.22
CA GLU D 130 4.24 -4.00 21.03
C GLU D 130 4.13 -5.53 21.09
N SER D 131 3.72 -6.08 22.22
CA SER D 131 3.44 -7.53 22.34
C SER D 131 2.54 -7.97 21.18
N ILE D 132 2.98 -9.02 20.51
CA ILE D 132 2.15 -9.76 19.55
C ILE D 132 0.74 -10.07 20.06
N HIS D 133 0.56 -10.12 21.38
CA HIS D 133 -0.75 -10.39 21.99
C HIS D 133 -1.66 -9.21 22.17
N SER D 134 -1.16 -7.98 22.01
CA SER D 134 -1.98 -6.77 22.30
C SER D 134 -3.27 -6.74 21.58
N VAL D 135 -3.24 -7.26 20.36
CA VAL D 135 -4.44 -7.40 19.56
C VAL D 135 -4.52 -8.84 19.06
N ASN D 136 -5.63 -9.53 19.32
CA ASN D 136 -5.82 -10.91 18.75
C ASN D 136 -6.69 -10.93 17.47
N ASP D 137 -7.91 -10.36 17.55
CA ASP D 137 -8.87 -10.36 16.46
C ASP D 137 -8.71 -9.19 15.51
N MET D 138 -7.65 -9.24 14.71
CA MET D 138 -7.31 -8.16 13.80
C MET D 138 -8.33 -8.16 12.68
N ALA D 139 -8.68 -6.96 12.20
CA ALA D 139 -9.65 -6.85 11.09
C ALA D 139 -8.86 -6.75 9.74
N TRP D 140 -9.31 -7.49 8.71
CA TRP D 140 -8.71 -7.52 7.37
C TRP D 140 -9.75 -7.10 6.37
N ILE D 141 -9.30 -6.51 5.26
CA ILE D 141 -10.23 -5.97 4.27
C ILE D 141 -9.74 -6.31 2.87
N ASN D 142 -10.67 -6.61 1.98
CA ASN D 142 -10.34 -6.90 0.61
C ASN D 142 -10.04 -5.60 -0.17
N LYS D 143 -8.73 -5.31 -0.24
CA LYS D 143 -8.17 -4.23 -1.08
C LYS D 143 -8.44 -4.34 -2.54
N ASP D 144 -8.44 -5.56 -3.09
CA ASP D 144 -8.80 -5.72 -4.52
C ASP D 144 -10.19 -5.21 -4.79
N TRP D 145 -11.12 -5.48 -3.87
CA TRP D 145 -12.52 -4.99 -4.00
C TRP D 145 -12.56 -3.47 -3.99
N LEU D 146 -11.74 -2.86 -3.12
CA LEU D 146 -11.69 -1.41 -2.98
C LEU D 146 -11.20 -0.79 -4.29
N LYS D 147 -10.14 -1.37 -4.85
CA LYS D 147 -9.57 -0.91 -6.12
C LYS D 147 -10.56 -1.06 -7.31
N LYS D 148 -11.23 -2.20 -7.38
CA LYS D 148 -12.18 -2.43 -8.45
C LYS D 148 -13.39 -1.47 -8.41
N LEU D 149 -13.86 -1.16 -7.20
CA LEU D 149 -14.97 -0.23 -7.05
C LEU D 149 -14.55 1.23 -7.03
N GLY D 150 -13.26 1.53 -7.12
CA GLY D 150 -12.74 2.92 -7.00
C GLY D 150 -12.89 3.56 -5.63
N LEU D 151 -12.76 2.78 -4.56
CA LEU D 151 -12.99 3.27 -3.22
C LEU D 151 -11.65 3.37 -2.49
N GLU D 152 -11.52 4.42 -1.68
CA GLU D 152 -10.41 4.55 -0.75
C GLU D 152 -10.63 3.66 0.49
N MET D 153 -9.53 3.31 1.15
CA MET D 153 -9.60 2.67 2.43
C MET D 153 -10.51 3.50 3.35
N PRO D 154 -11.53 2.89 3.97
CA PRO D 154 -12.31 3.66 4.93
C PRO D 154 -11.46 4.15 6.11
N LYS D 155 -11.80 5.33 6.62
CA LYS D 155 -11.12 5.90 7.77
C LYS D 155 -12.03 6.10 8.94
N THR D 156 -13.34 6.07 8.73
CA THR D 156 -14.28 6.23 9.80
C THR D 156 -15.23 5.08 9.83
N THR D 157 -15.93 4.93 10.94
CA THR D 157 -17.02 3.95 11.01
C THR D 157 -18.11 4.21 9.92
N ASP D 158 -18.39 5.50 9.63
CA ASP D 158 -19.33 5.85 8.54
C ASP D 158 -18.80 5.43 7.16
N ASP D 159 -17.51 5.60 6.92
CA ASP D 159 -16.91 5.17 5.65
C ASP D 159 -16.99 3.64 5.53
N LEU D 160 -16.84 2.96 6.68
CA LEU D 160 -16.91 1.51 6.70
C LEU D 160 -18.26 1.04 6.20
N ILE D 161 -19.34 1.63 6.70
CA ILE D 161 -20.67 1.20 6.31
C ILE D 161 -20.82 1.39 4.80
N LYS D 162 -20.34 2.51 4.31
CA LYS D 162 -20.42 2.83 2.92
C LYS D 162 -19.69 1.84 2.09
N VAL D 163 -18.51 1.44 2.54
CA VAL D 163 -17.67 0.48 1.80
C VAL D 163 -18.36 -0.91 1.77
N LEU D 164 -18.91 -1.32 2.90
CA LEU D 164 -19.63 -2.59 3.00
C LEU D 164 -20.85 -2.67 2.08
N GLU D 165 -21.60 -1.58 1.99
CA GLU D 165 -22.74 -1.45 1.06
C GLU D 165 -22.29 -1.61 -0.37
N ALA D 166 -21.15 -0.99 -0.73
CA ALA D 166 -20.58 -1.18 -2.07
C ALA D 166 -20.17 -2.61 -2.34
N PHE D 167 -19.58 -3.25 -1.33
CA PHE D 167 -19.21 -4.66 -1.42
C PHE D 167 -20.49 -5.53 -1.65
N LYS D 168 -21.55 -5.22 -0.91
CA LYS D 168 -22.79 -5.96 -1.04
C LYS D 168 -23.39 -5.86 -2.43
N ASN D 169 -23.38 -4.66 -3.01
CA ASN D 169 -24.19 -4.41 -4.18
C ASN D 169 -23.42 -4.22 -5.44
N GLY D 170 -22.13 -3.92 -5.36
CA GLY D 170 -21.38 -3.52 -6.53
C GLY D 170 -20.69 -4.66 -7.22
N ASP D 171 -20.95 -5.91 -6.84
CA ASP D 171 -20.27 -7.05 -7.53
C ASP D 171 -18.77 -6.83 -7.79
N PRO D 172 -17.99 -6.48 -6.75
CA PRO D 172 -16.56 -6.28 -6.95
C PRO D 172 -15.75 -7.50 -7.50
N ASN D 173 -16.14 -8.74 -7.21
CA ASN D 173 -15.48 -9.90 -7.83
C ASN D 173 -15.81 -10.03 -9.36
N GLY D 174 -16.78 -9.26 -9.85
CA GLY D 174 -17.12 -9.18 -11.28
C GLY D 174 -17.81 -10.40 -11.90
N ASN D 175 -18.49 -11.23 -11.11
CA ASN D 175 -19.04 -12.50 -11.62
C ASN D 175 -20.58 -12.47 -11.84
N GLY D 176 -21.15 -11.28 -11.83
CA GLY D 176 -22.56 -11.06 -12.12
C GLY D 176 -23.50 -11.56 -11.04
N GLU D 177 -22.96 -11.93 -9.89
CA GLU D 177 -23.76 -12.45 -8.79
C GLU D 177 -23.40 -11.80 -7.43
N ALA D 178 -24.39 -11.80 -6.54
CA ALA D 178 -24.28 -11.23 -5.21
C ALA D 178 -23.78 -12.29 -4.20
N ASP D 179 -22.56 -12.75 -4.45
CA ASP D 179 -21.93 -13.74 -3.61
C ASP D 179 -21.04 -13.08 -2.53
N GLU D 180 -20.82 -11.78 -2.69
CA GLU D 180 -19.96 -11.03 -1.76
C GLU D 180 -20.60 -11.06 -0.36
N ILE D 181 -19.80 -11.47 0.62
CA ILE D 181 -20.20 -11.42 2.04
C ILE D 181 -19.47 -10.19 2.62
N PRO D 182 -20.15 -9.06 2.82
CA PRO D 182 -19.38 -7.87 3.17
C PRO D 182 -18.60 -7.96 4.50
N PHE D 183 -19.22 -8.53 5.54
CA PHE D 183 -18.67 -8.48 6.90
C PHE D 183 -18.87 -9.84 7.55
N SER D 184 -17.79 -10.46 8.04
CA SER D 184 -17.86 -11.72 8.76
C SER D 184 -16.93 -11.84 9.95
N PHE D 185 -17.23 -12.83 10.77
CA PHE D 185 -16.63 -13.06 12.10
C PHE D 185 -17.12 -14.41 12.62
N ILE D 186 -16.41 -14.96 13.60
CA ILE D 186 -16.96 -16.02 14.43
C ILE D 186 -17.16 -15.42 15.79
N SER D 187 -18.38 -15.43 16.27
CA SER D 187 -18.77 -14.67 17.42
C SER D 187 -18.40 -15.35 18.74
N GLY D 188 -17.86 -14.57 19.68
CA GLY D 188 -17.52 -14.99 21.04
C GLY D 188 -16.13 -14.49 21.41
N ASN D 189 -15.41 -15.28 22.19
CA ASN D 189 -14.01 -15.06 22.45
C ASN D 189 -13.21 -15.40 21.22
N GLY D 190 -11.99 -14.90 21.15
CA GLY D 190 -11.00 -15.44 20.27
C GLY D 190 -10.77 -14.59 19.06
N ASN D 191 -9.96 -15.10 18.15
CA ASN D 191 -9.33 -14.33 17.10
C ASN D 191 -10.23 -13.92 15.98
N GLU D 192 -11.43 -14.47 15.90
CA GLU D 192 -12.31 -14.21 14.75
C GLU D 192 -13.52 -13.38 15.13
N ASP D 193 -13.60 -12.96 16.37
CA ASP D 193 -14.66 -12.08 16.83
C ASP D 193 -14.49 -10.64 16.31
N PHE D 194 -15.60 -9.92 16.31
CA PHE D 194 -15.71 -8.55 15.89
C PHE D 194 -15.36 -7.46 16.95
N LYS D 195 -15.10 -7.84 18.20
CA LYS D 195 -15.06 -6.85 19.29
C LYS D 195 -13.94 -5.77 19.13
N PHE D 196 -12.93 -6.10 18.35
CA PHE D 196 -11.89 -5.15 18.00
C PHE D 196 -12.46 -3.78 17.57
N LEU D 197 -13.60 -3.80 16.88
CA LEU D 197 -14.17 -2.56 16.38
C LEU D 197 -14.90 -1.73 17.43
N PHE D 198 -15.20 -2.30 18.58
CA PHE D 198 -15.89 -1.54 19.62
C PHE D 198 -15.08 -0.31 20.05
N ALA D 199 -13.74 -0.39 19.97
CA ALA D 199 -12.91 0.72 20.41
C ALA D 199 -13.07 2.00 19.55
N ALA D 200 -13.67 1.88 18.37
CA ALA D 200 -14.09 3.01 17.59
C ALA D 200 -15.18 3.83 18.21
N PHE D 201 -15.80 3.37 19.30
CA PHE D 201 -16.70 4.16 20.06
C PHE D 201 -16.11 4.52 21.39
N GLY D 202 -14.81 4.37 21.52
CA GLY D 202 -14.09 4.56 22.74
C GLY D 202 -14.11 3.37 23.70
N ILE D 203 -12.96 3.18 24.35
CA ILE D 203 -12.71 2.14 25.39
C ILE D 203 -12.63 0.76 24.74
N GLY D 204 -13.70 0.34 24.09
CA GLY D 204 -13.75 -0.94 23.40
C GLY D 204 -13.95 -2.11 24.36
N ASP D 205 -13.38 -3.25 23.95
CA ASP D 205 -13.69 -4.53 24.60
C ASP D 205 -12.52 -5.48 24.40
N ASN D 206 -12.45 -6.48 25.28
CA ASN D 206 -11.57 -7.64 25.06
C ASN D 206 -12.24 -8.88 25.62
N ASP D 207 -11.58 -10.03 25.53
CA ASP D 207 -12.20 -11.29 25.95
C ASP D 207 -12.44 -11.38 27.47
N ASP D 208 -11.71 -10.62 28.27
CA ASP D 208 -11.92 -10.54 29.68
C ASP D 208 -12.99 -9.51 30.01
N HIS D 209 -13.38 -8.68 29.03
CA HIS D 209 -14.19 -7.49 29.24
C HIS D 209 -13.63 -6.57 30.34
N LEU D 210 -12.31 -6.45 30.36
CA LEU D 210 -11.58 -5.77 31.41
C LEU D 210 -10.43 -5.00 30.83
N VAL D 211 -10.46 -3.69 31.00
CA VAL D 211 -9.32 -2.84 30.69
C VAL D 211 -8.91 -2.08 31.94
N VAL D 212 -7.78 -1.40 31.86
CA VAL D 212 -7.26 -0.61 32.97
C VAL D 212 -7.09 0.84 32.53
N GLY D 213 -7.93 1.68 33.11
CA GLY D 213 -7.90 3.09 32.91
C GLY D 213 -6.61 3.76 33.32
N ASN D 214 -6.31 4.85 32.63
CA ASN D 214 -5.17 5.69 32.96
C ASN D 214 -5.28 6.38 34.32
N ASP D 215 -6.48 6.42 34.88
CA ASP D 215 -6.67 6.73 36.33
C ASP D 215 -6.42 5.56 37.34
N GLY D 216 -5.99 4.39 36.83
CA GLY D 216 -5.87 3.20 37.63
C GLY D 216 -7.15 2.54 38.10
N LYS D 217 -8.31 2.93 37.57
CA LYS D 217 -9.55 2.17 37.75
C LYS D 217 -9.63 1.02 36.72
N VAL D 218 -9.85 -0.18 37.25
CA VAL D 218 -10.17 -1.32 36.42
C VAL D 218 -11.57 -1.08 35.91
N ASP D 219 -11.73 -1.25 34.59
CA ASP D 219 -13.04 -1.09 33.95
C ASP D 219 -13.60 -2.40 33.31
N PHE D 220 -14.78 -2.76 33.75
CA PHE D 220 -15.55 -3.80 33.10
C PHE D 220 -16.22 -3.17 31.86
N THR D 221 -15.84 -3.64 30.67
CA THR D 221 -16.16 -2.93 29.41
C THR D 221 -17.57 -3.18 29.00
N ALA D 222 -18.14 -4.32 29.43
CA ALA D 222 -19.43 -4.77 28.93
C ALA D 222 -20.64 -4.16 29.57
N ASP D 223 -20.45 -3.19 30.45
CA ASP D 223 -21.52 -2.39 30.92
C ASP D 223 -21.33 -0.93 30.56
N ASN D 224 -20.41 -0.65 29.64
CA ASN D 224 -20.21 0.75 29.20
C ASN D 224 -21.18 1.26 28.12
N ASP D 225 -21.55 2.53 28.18
CA ASP D 225 -22.31 3.12 27.06
C ASP D 225 -21.55 2.97 25.74
N ASN D 226 -20.24 3.02 25.81
CA ASN D 226 -19.45 2.81 24.64
C ASN D 226 -19.64 1.39 24.03
N TYR D 227 -19.79 0.40 24.90
CA TYR D 227 -19.98 -0.97 24.46
C TYR D 227 -21.34 -1.06 23.77
N LYS D 228 -22.34 -0.48 24.42
CA LYS D 228 -23.71 -0.37 23.84
C LYS D 228 -23.71 0.22 22.43
N GLU D 229 -22.96 1.30 22.24
CA GLU D 229 -22.85 1.92 20.93
C GLU D 229 -22.17 0.92 19.97
N GLY D 230 -21.20 0.18 20.48
CA GLY D 230 -20.50 -0.87 19.72
C GLY D 230 -21.51 -1.86 19.17
N VAL D 231 -22.40 -2.36 20.03
CA VAL D 231 -23.40 -3.35 19.66
C VAL D 231 -24.36 -2.74 18.67
N LYS D 232 -24.78 -1.51 18.93
CA LYS D 232 -25.72 -0.81 18.03
C LYS D 232 -25.14 -0.66 16.62
N PHE D 233 -23.82 -0.43 16.53
CA PHE D 233 -23.16 -0.39 15.23
C PHE D 233 -23.26 -1.74 14.48
N ILE D 234 -22.99 -2.83 15.18
CA ILE D 234 -23.09 -4.19 14.54
C ILE D 234 -24.52 -4.53 14.12
N ARG D 235 -25.46 -4.14 14.98
CA ARG D 235 -26.86 -4.18 14.65
C ARG D 235 -27.20 -3.44 13.35
N GLN D 236 -26.66 -2.26 13.16
CA GLN D 236 -26.90 -1.58 11.87
C GLN D 236 -26.44 -2.41 10.67
N LEU D 237 -25.27 -3.02 10.80
CA LEU D 237 -24.74 -3.85 9.76
C LEU D 237 -25.69 -5.02 9.50
N GLN D 238 -26.22 -5.59 10.58
CA GLN D 238 -27.20 -6.67 10.48
C GLN D 238 -28.45 -6.23 9.69
N GLU D 239 -29.08 -5.15 10.14
CA GLU D 239 -30.29 -4.52 9.54
C GLU D 239 -30.06 -4.17 8.10
N LYS D 240 -28.83 -3.81 7.75
CA LYS D 240 -28.50 -3.49 6.36
C LYS D 240 -28.20 -4.69 5.47
N GLY D 241 -28.23 -5.90 6.02
CA GLY D 241 -27.91 -7.13 5.30
C GLY D 241 -26.43 -7.22 4.93
N LEU D 242 -25.55 -6.70 5.81
CA LEU D 242 -24.13 -6.63 5.47
C LEU D 242 -23.35 -7.72 6.13
N ILE D 243 -23.97 -8.40 7.10
CA ILE D 243 -23.29 -9.46 7.90
C ILE D 243 -23.61 -10.78 7.25
N ASP D 244 -22.55 -11.55 7.03
CA ASP D 244 -22.62 -12.97 6.79
C ASP D 244 -23.83 -13.58 7.48
N LYS D 245 -24.74 -14.09 6.67
CA LYS D 245 -26.00 -14.66 7.16
C LYS D 245 -25.73 -15.87 8.05
N GLU D 246 -24.57 -16.51 7.91
CA GLU D 246 -24.14 -17.66 8.74
C GLU D 246 -23.30 -17.34 9.96
N ALA D 247 -23.04 -16.05 10.23
CA ALA D 247 -21.99 -15.66 11.17
C ALA D 247 -22.19 -16.13 12.63
N PHE D 248 -23.41 -16.27 13.08
CA PHE D 248 -23.67 -16.75 14.42
C PHE D 248 -23.77 -18.29 14.54
N GLU D 249 -23.64 -19.04 13.45
CA GLU D 249 -23.78 -20.51 13.52
C GLU D 249 -22.61 -21.28 12.92
N HIS D 250 -21.83 -20.67 12.03
CA HIS D 250 -20.77 -21.40 11.36
C HIS D 250 -19.61 -21.59 12.28
N ASP D 251 -18.69 -22.41 11.82
CA ASP D 251 -17.52 -22.77 12.56
C ASP D 251 -16.33 -22.45 11.70
N TRP D 252 -15.15 -22.75 12.23
CA TRP D 252 -13.90 -22.37 11.63
C TRP D 252 -13.69 -22.92 10.25
N ASN D 253 -14.12 -24.16 10.00
CA ASN D 253 -13.93 -24.79 8.72
C ASN D 253 -14.70 -24.07 7.65
N SER D 254 -15.96 -23.75 7.97
CA SER D 254 -16.80 -23.00 7.04
C SER D 254 -16.20 -21.60 6.77
N TYR D 255 -15.79 -20.93 7.84
CA TYR D 255 -15.14 -19.59 7.71
C TYR D 255 -13.95 -19.62 6.74
N ILE D 256 -13.03 -20.58 6.92
CA ILE D 256 -11.83 -20.65 6.04
C ILE D 256 -12.10 -21.11 4.64
N ALA D 257 -13.16 -21.89 4.48
CA ALA D 257 -13.59 -22.28 3.14
C ALA D 257 -14.11 -21.04 2.37
N LYS D 258 -14.92 -20.25 3.04
CA LYS D 258 -15.37 -18.99 2.44
C LYS D 258 -14.23 -18.05 2.24
N GLY D 259 -13.35 -17.97 3.24
CA GLY D 259 -12.13 -17.15 3.07
C GLY D 259 -11.22 -17.59 1.91
N HIS D 260 -10.98 -18.90 1.78
CA HIS D 260 -10.24 -19.44 0.66
C HIS D 260 -10.84 -19.07 -0.67
N ASP D 261 -12.16 -19.08 -0.76
CA ASP D 261 -12.82 -18.54 -1.99
C ASP D 261 -12.93 -17.03 -2.03
N GLN D 262 -12.35 -16.30 -1.06
CA GLN D 262 -12.29 -14.85 -1.10
C GLN D 262 -13.68 -14.24 -1.17
N LYS D 263 -14.56 -14.71 -0.31
CA LYS D 263 -15.90 -14.18 -0.32
C LYS D 263 -16.08 -13.03 0.66
N PHE D 264 -15.07 -12.73 1.49
CA PHE D 264 -15.24 -11.75 2.54
C PHE D 264 -14.78 -10.38 2.10
N GLY D 265 -15.53 -9.34 2.45
CA GLY D 265 -15.07 -7.96 2.31
C GLY D 265 -14.16 -7.60 3.48
N VAL D 266 -14.71 -7.71 4.68
CA VAL D 266 -14.03 -7.44 5.92
C VAL D 266 -14.25 -8.65 6.88
N TYR D 267 -13.17 -9.09 7.50
CA TYR D 267 -13.30 -10.18 8.47
C TYR D 267 -12.21 -10.15 9.52
N PHE D 268 -12.34 -10.97 10.57
CA PHE D 268 -11.44 -10.93 11.70
C PHE D 268 -10.74 -12.25 11.85
N THR D 269 -9.41 -12.21 11.97
CA THR D 269 -8.64 -13.39 12.33
C THR D 269 -7.27 -12.92 12.87
N TRP D 270 -6.51 -13.87 13.41
CA TRP D 270 -5.14 -13.59 13.90
C TRP D 270 -4.17 -13.25 12.76
N ASP D 271 -4.20 -14.05 11.72
CA ASP D 271 -3.31 -13.91 10.58
C ASP D 271 -4.13 -14.32 9.32
N LYS D 272 -4.35 -13.35 8.44
CA LYS D 272 -5.06 -13.54 7.16
C LYS D 272 -4.58 -14.76 6.36
N ASN D 273 -3.33 -15.15 6.56
CA ASN D 273 -2.79 -16.32 5.88
C ASN D 273 -3.46 -17.62 6.21
N ASN D 274 -4.10 -17.71 7.37
CA ASN D 274 -4.90 -18.91 7.73
C ASN D 274 -6.30 -18.92 7.13
N VAL D 275 -6.78 -17.79 6.62
CA VAL D 275 -8.17 -17.65 6.20
C VAL D 275 -8.29 -17.35 4.69
N THR D 276 -7.76 -16.20 4.25
CA THR D 276 -7.82 -15.79 2.86
C THR D 276 -6.59 -16.16 2.10
N GLY D 277 -5.55 -16.54 2.81
CA GLY D 277 -4.42 -17.21 2.24
C GLY D 277 -3.30 -16.24 2.05
N SER D 278 -2.36 -16.66 1.24
CA SER D 278 -1.09 -15.98 1.12
C SER D 278 -1.06 -15.22 -0.19
N ASN D 279 -1.67 -14.03 -0.15
CA ASN D 279 -1.83 -13.16 -1.29
C ASN D 279 -1.90 -11.75 -0.77
N GLU D 280 -1.95 -10.80 -1.70
CA GLU D 280 -2.07 -9.38 -1.41
C GLU D 280 -3.49 -8.81 -1.65
N SER D 281 -4.51 -9.64 -1.82
CA SER D 281 -5.90 -9.11 -1.93
C SER D 281 -6.43 -8.57 -0.62
N TYR D 282 -5.93 -9.13 0.48
CA TYR D 282 -6.34 -8.70 1.80
C TYR D 282 -5.18 -7.99 2.49
N ASP D 283 -5.51 -6.95 3.21
CA ASP D 283 -4.61 -6.27 4.09
C ASP D 283 -5.33 -5.82 5.36
N VAL D 284 -4.56 -5.28 6.28
CA VAL D 284 -5.08 -4.75 7.55
C VAL D 284 -6.06 -3.62 7.35
N LEU D 285 -7.17 -3.66 8.05
CA LEU D 285 -8.06 -2.53 8.10
C LEU D 285 -7.48 -1.57 9.11
N PRO D 286 -7.06 -0.37 8.68
CA PRO D 286 -6.50 0.53 9.71
C PRO D 286 -7.56 0.96 10.70
N VAL D 287 -7.07 1.40 11.83
CA VAL D 287 -7.95 1.78 12.94
C VAL D 287 -8.85 2.88 12.45
N LEU D 288 -10.14 2.79 12.73
CA LEU D 288 -11.11 3.74 12.23
C LEU D 288 -11.49 4.75 13.29
N ALA D 289 -11.80 5.98 12.87
CA ALA D 289 -12.42 6.95 13.77
C ALA D 289 -13.93 6.76 13.83
N GLY D 290 -14.45 6.80 15.04
CA GLY D 290 -15.87 6.78 15.31
C GLY D 290 -16.54 8.07 14.99
N PRO D 291 -17.87 8.14 15.21
CA PRO D 291 -18.64 9.33 14.81
C PRO D 291 -18.26 10.60 15.53
N SER D 292 -17.76 10.46 16.77
CA SER D 292 -17.23 11.55 17.60
C SER D 292 -15.73 11.76 17.60
N GLY D 293 -15.03 11.10 16.69
CA GLY D 293 -13.59 11.18 16.55
C GLY D 293 -12.85 10.20 17.44
N GLN D 294 -13.56 9.36 18.19
CA GLN D 294 -12.85 8.44 19.04
C GLN D 294 -12.05 7.52 18.15
N LYS D 295 -10.81 7.25 18.57
CA LYS D 295 -9.88 6.53 17.73
C LYS D 295 -8.93 5.80 18.68
N HIS D 296 -9.14 4.47 18.82
CA HIS D 296 -8.65 3.76 19.98
C HIS D 296 -8.49 2.27 19.64
N VAL D 297 -7.51 1.64 20.27
CA VAL D 297 -7.36 0.19 20.27
C VAL D 297 -7.33 -0.24 21.71
N ALA D 298 -8.30 -1.06 22.08
CA ALA D 298 -8.30 -1.66 23.42
C ALA D 298 -7.20 -2.70 23.44
N ARG D 299 -6.45 -2.73 24.53
CA ARG D 299 -5.42 -3.73 24.72
C ARG D 299 -6.07 -4.96 25.34
N THR D 300 -5.71 -6.11 24.82
CA THR D 300 -6.04 -7.34 25.52
C THR D 300 -5.14 -7.43 26.72
N ASN D 301 -5.47 -8.37 27.59
CA ASN D 301 -4.63 -8.72 28.73
C ASN D 301 -3.68 -9.95 28.51
N GLY D 302 -3.41 -10.28 27.24
CA GLY D 302 -2.62 -11.44 26.86
C GLY D 302 -1.18 -11.08 26.86
N MET D 303 -0.37 -12.09 27.03
CA MET D 303 1.06 -11.95 27.02
C MET D 303 1.67 -13.30 26.66
N GLY D 304 2.99 -13.30 26.41
CA GLY D 304 3.70 -14.53 26.07
C GLY D 304 4.04 -15.35 27.31
N PHE D 305 3.02 -15.64 28.12
CA PHE D 305 3.19 -16.43 29.31
C PHE D 305 1.89 -17.17 29.62
N ALA D 306 2.01 -18.45 29.89
CA ALA D 306 0.89 -19.23 30.40
C ALA D 306 1.39 -20.02 31.58
N ARG D 307 0.72 -19.87 32.68
CA ARG D 307 1.21 -20.36 33.96
C ARG D 307 1.40 -21.87 33.91
N ASP D 308 0.44 -22.54 33.28
CA ASP D 308 0.40 -23.99 33.30
C ASP D 308 0.30 -24.62 31.95
N LYS D 309 1.41 -25.17 31.45
CA LYS D 309 1.39 -26.12 30.39
C LYS D 309 1.94 -27.44 30.84
N MET D 310 2.04 -27.66 32.15
CA MET D 310 2.32 -28.97 32.68
C MET D 310 2.13 -28.97 34.17
N VAL D 311 1.33 -29.94 34.64
CA VAL D 311 1.27 -30.22 36.07
C VAL D 311 1.66 -31.70 36.34
N ILE D 312 2.18 -31.93 37.57
CA ILE D 312 2.57 -33.23 38.09
C ILE D 312 1.57 -33.65 39.12
N THR D 313 1.06 -34.87 38.95
CA THR D 313 -0.02 -35.38 39.80
C THR D 313 0.54 -35.98 41.09
N SER D 314 -0.34 -36.06 42.08
CA SER D 314 -0.03 -36.74 43.33
C SER D 314 0.24 -38.24 43.20
N VAL D 315 0.03 -38.86 42.04
CA VAL D 315 0.25 -40.30 41.88
C VAL D 315 1.51 -40.54 41.11
N ASN D 316 2.24 -39.48 40.77
CA ASN D 316 3.44 -39.65 39.98
C ASN D 316 4.41 -40.62 40.68
N LYS D 317 4.99 -41.48 39.87
CA LYS D 317 5.79 -42.62 40.32
C LYS D 317 7.14 -42.18 40.84
N ASN D 318 7.68 -41.20 40.13
CA ASN D 318 9.10 -41.02 39.97
C ASN D 318 9.31 -39.56 39.64
N LEU D 319 9.26 -38.76 40.67
CA LEU D 319 9.35 -37.32 40.54
C LEU D 319 10.65 -36.81 39.87
N GLU D 320 11.79 -37.45 40.15
CA GLU D 320 13.09 -37.01 39.59
C GLU D 320 13.11 -37.27 38.08
N LEU D 321 12.55 -38.41 37.66
CA LEU D 321 12.55 -38.80 36.24
C LEU D 321 11.68 -37.81 35.49
N THR D 322 10.54 -37.47 36.12
CA THR D 322 9.58 -36.53 35.57
C THR D 322 10.18 -35.14 35.42
N ALA D 323 10.74 -34.63 36.50
CA ALA D 323 11.44 -33.34 36.51
C ALA D 323 12.53 -33.17 35.43
N LYS D 324 13.31 -34.22 35.17
CA LYS D 324 14.43 -34.15 34.23
C LYS D 324 13.93 -34.21 32.80
N TRP D 325 12.85 -34.99 32.59
CA TRP D 325 12.22 -34.99 31.29
C TRP D 325 11.60 -33.55 31.04
N ILE D 326 10.99 -32.91 32.03
CA ILE D 326 10.43 -31.60 31.83
C ILE D 326 11.56 -30.61 31.50
N ASP D 327 12.68 -30.76 32.22
CA ASP D 327 13.80 -29.87 32.02
C ASP D 327 14.37 -29.97 30.63
N ALA D 328 14.36 -31.16 30.04
CA ALA D 328 14.77 -31.33 28.65
C ALA D 328 13.95 -30.48 27.63
N GLN D 329 12.72 -30.13 28.00
CA GLN D 329 11.83 -29.33 27.13
C GLN D 329 12.23 -27.86 27.24
N TYR D 330 12.84 -27.50 28.37
CA TYR D 330 13.43 -26.17 28.51
C TYR D 330 14.83 -25.96 27.93
N ALA D 331 15.47 -26.99 27.36
CA ALA D 331 16.68 -26.76 26.57
C ALA D 331 16.29 -25.89 25.41
N PRO D 332 17.00 -24.77 25.19
CA PRO D 332 16.75 -23.88 24.07
C PRO D 332 16.33 -24.43 22.72
N LEU D 333 17.12 -25.29 22.05
CA LEU D 333 16.65 -25.92 20.77
C LEU D 333 15.35 -26.76 20.91
N GLN D 334 15.14 -27.39 22.08
CA GLN D 334 13.94 -28.21 22.35
C GLN D 334 12.67 -27.35 22.47
N SER D 335 12.78 -26.30 23.29
CA SER D 335 11.72 -25.35 23.47
C SER D 335 11.24 -24.77 22.15
N VAL D 336 12.18 -24.44 21.25
CA VAL D 336 11.82 -23.74 20.00
C VAL D 336 11.05 -24.71 19.10
N GLN D 337 11.55 -25.94 19.05
CA GLN D 337 10.93 -26.97 18.23
C GLN D 337 9.56 -27.40 18.83
N ASN D 338 9.51 -27.63 20.13
CA ASN D 338 8.25 -28.00 20.78
C ASN D 338 7.14 -26.99 20.48
N ASN D 339 7.53 -25.71 20.43
CA ASN D 339 6.60 -24.60 20.18
C ASN D 339 6.15 -24.49 18.74
N TRP D 340 7.08 -24.68 17.82
CA TRP D 340 6.88 -24.30 16.42
C TRP D 340 6.94 -25.37 15.34
N GLY D 341 7.64 -26.47 15.58
CA GLY D 341 7.87 -27.51 14.57
C GLY D 341 9.29 -28.02 14.55
N THR D 342 9.65 -28.72 13.47
CA THR D 342 10.97 -29.34 13.43
C THR D 342 11.55 -29.36 12.04
N TYR D 343 12.64 -30.14 11.89
CA TYR D 343 13.46 -30.19 10.69
C TYR D 343 13.67 -31.63 10.29
N GLY D 344 14.19 -31.81 9.07
CA GLY D 344 14.60 -33.11 8.58
C GLY D 344 13.60 -34.25 8.49
N ASP D 345 12.30 -34.00 8.38
CA ASP D 345 11.35 -35.04 8.02
C ASP D 345 11.42 -35.28 6.49
N ASP D 346 11.57 -36.52 6.03
CA ASP D 346 11.45 -36.82 4.59
C ASP D 346 9.99 -36.96 4.15
N LYS D 347 9.10 -37.28 5.08
CA LYS D 347 7.70 -37.59 4.74
C LYS D 347 6.75 -36.38 4.83
N GLN D 348 7.24 -35.20 5.17
CA GLN D 348 6.33 -34.08 5.41
C GLN D 348 7.11 -32.80 5.42
N GLN D 349 6.47 -31.73 5.00
CA GLN D 349 7.11 -30.42 5.03
C GLN D 349 7.70 -30.10 6.42
N ASN D 350 8.81 -29.36 6.46
CA ASN D 350 9.43 -28.96 7.73
C ASN D 350 9.31 -27.46 8.03
N ILE D 351 8.99 -27.09 9.25
CA ILE D 351 9.05 -25.67 9.67
C ILE D 351 10.51 -25.13 9.67
N PHE D 352 11.47 -25.99 10.02
CA PHE D 352 12.86 -25.59 10.23
C PHE D 352 13.84 -26.37 9.38
N GLU D 353 15.03 -25.78 9.20
CA GLU D 353 16.23 -26.55 8.91
C GLU D 353 17.17 -26.37 10.08
N LEU D 354 17.99 -27.39 10.30
CA LEU D 354 19.01 -27.33 11.35
C LEU D 354 20.31 -26.98 10.64
N ASP D 355 20.92 -25.86 11.01
CA ASP D 355 22.28 -25.54 10.54
C ASP D 355 23.25 -26.13 11.56
N GLN D 356 23.76 -27.33 11.30
CA GLN D 356 24.60 -28.00 12.33
C GLN D 356 25.94 -27.31 12.56
N ALA D 357 26.40 -26.50 11.60
CA ALA D 357 27.54 -25.61 11.79
C ALA D 357 27.31 -24.64 12.97
N SER D 358 26.21 -23.88 12.93
CA SER D 358 25.88 -23.00 14.04
C SER D 358 25.11 -23.72 15.15
N ASN D 359 24.66 -24.96 14.89
CA ASN D 359 23.77 -25.68 15.84
C ASN D 359 22.50 -24.83 16.19
N SER D 360 21.85 -24.34 15.15
CA SER D 360 20.77 -23.40 15.29
C SER D 360 19.70 -23.70 14.25
N LEU D 361 18.52 -23.18 14.52
CA LEU D 361 17.35 -23.48 13.75
C LEU D 361 17.10 -22.30 12.85
N LYS D 362 16.75 -22.60 11.60
CA LYS D 362 16.41 -21.59 10.61
C LYS D 362 15.00 -21.90 10.05
N HIS D 363 14.10 -20.93 10.13
CA HIS D 363 12.75 -21.10 9.53
C HIS D 363 12.81 -21.26 8.01
N LEU D 364 12.12 -22.26 7.49
CA LEU D 364 12.06 -22.53 6.06
C LEU D 364 10.86 -21.83 5.46
N PRO D 365 10.93 -21.50 4.17
CA PRO D 365 9.76 -20.80 3.65
C PRO D 365 8.63 -21.81 3.46
N LEU D 366 7.41 -21.37 3.73
CA LEU D 366 6.24 -22.27 3.67
C LEU D 366 5.48 -22.20 2.36
N ASN D 367 6.00 -21.45 1.38
CA ASN D 367 5.32 -21.22 0.10
C ASN D 367 3.78 -21.35 0.21
N GLY D 368 3.18 -22.42 -0.28
CA GLY D 368 1.74 -22.60 -0.13
C GLY D 368 1.19 -22.68 1.30
N THR D 369 1.81 -23.53 2.13
CA THR D 369 1.23 -24.03 3.36
C THR D 369 0.92 -22.94 4.33
N ALA D 370 -0.26 -23.01 4.92
CA ALA D 370 -0.63 -22.10 6.02
C ALA D 370 0.26 -22.35 7.24
N PRO D 371 0.62 -21.27 7.97
CA PRO D 371 1.55 -21.41 9.10
C PRO D 371 1.01 -22.34 10.16
N ALA D 372 -0.19 -22.06 10.63
CA ALA D 372 -0.86 -22.82 11.67
C ALA D 372 -1.13 -24.27 11.29
N GLU D 373 -1.23 -24.58 9.99
CA GLU D 373 -1.61 -25.93 9.59
C GLU D 373 -0.45 -26.87 9.83
N LEU D 374 0.73 -26.52 9.31
CA LEU D 374 1.93 -27.38 9.47
C LEU D 374 2.36 -27.43 10.92
N ARG D 375 2.27 -26.28 11.55
CA ARG D 375 2.61 -26.11 12.93
C ARG D 375 1.82 -27.10 13.80
N GLN D 376 0.50 -27.15 13.64
CA GLN D 376 -0.31 -27.93 14.57
C GLN D 376 -0.12 -29.40 14.34
N LYS D 377 0.32 -29.78 13.14
CA LYS D 377 0.74 -31.15 12.87
C LYS D 377 2.09 -31.54 13.54
N THR D 378 3.01 -30.57 13.72
CA THR D 378 4.42 -30.93 14.07
C THR D 378 4.91 -30.37 15.41
N GLU D 379 4.25 -29.34 15.95
CA GLU D 379 4.54 -28.86 17.29
C GLU D 379 4.15 -29.91 18.37
N VAL D 380 4.62 -29.69 19.59
CA VAL D 380 4.22 -30.47 20.75
C VAL D 380 3.44 -29.70 21.79
N GLY D 381 3.59 -28.38 21.82
CA GLY D 381 3.14 -27.61 22.97
C GLY D 381 3.94 -27.97 24.22
N GLY D 382 3.28 -27.86 25.36
CA GLY D 382 3.83 -28.17 26.65
C GLY D 382 4.63 -27.01 27.25
N PRO D 383 5.31 -27.28 28.39
CA PRO D 383 6.16 -26.30 29.01
C PRO D 383 7.43 -26.07 28.17
N LEU D 384 7.75 -24.80 27.98
CA LEU D 384 8.89 -24.39 27.21
C LEU D 384 9.19 -22.90 27.41
N ALA D 385 10.33 -22.47 26.88
CA ALA D 385 10.73 -21.05 26.97
C ALA D 385 11.44 -20.64 25.75
N ILE D 386 10.97 -19.51 25.20
CA ILE D 386 11.65 -18.87 24.12
C ILE D 386 11.81 -17.43 24.56
N LEU D 387 13.07 -16.99 24.55
CA LEU D 387 13.40 -15.67 25.11
C LEU D 387 13.97 -14.81 24.00
N ASP D 388 13.85 -13.48 24.12
CA ASP D 388 14.51 -12.49 23.15
C ASP D 388 15.85 -12.91 22.62
N SER D 389 16.68 -13.39 23.54
CA SER D 389 18.07 -13.72 23.34
C SER D 389 18.27 -14.86 22.36
N TYR D 390 17.23 -15.68 22.16
CA TYR D 390 17.39 -16.83 21.30
C TYR D 390 17.36 -16.40 19.87
N TYR D 391 16.70 -15.28 19.56
CA TYR D 391 16.58 -14.88 18.12
C TYR D 391 17.91 -14.39 17.66
N GLY D 392 18.44 -14.98 16.62
CA GLY D 392 19.75 -14.68 16.13
C GLY D 392 20.80 -15.64 16.65
N LYS D 393 20.45 -16.50 17.61
CA LYS D 393 21.44 -17.37 18.26
C LYS D 393 20.94 -18.78 18.12
N VAL D 394 19.87 -19.09 18.86
CA VAL D 394 19.26 -20.44 18.91
C VAL D 394 18.37 -20.69 17.68
N THR D 395 17.62 -19.65 17.28
CA THR D 395 16.70 -19.79 16.16
C THR D 395 16.46 -18.48 15.50
N THR D 396 16.08 -18.54 14.20
CA THR D 396 15.39 -17.38 13.57
C THR D 396 14.07 -17.00 14.26
N MET D 397 13.75 -15.72 14.23
CA MET D 397 12.41 -15.27 14.56
C MET D 397 11.52 -15.67 13.37
N PRO D 398 10.28 -16.17 13.64
CA PRO D 398 9.45 -16.58 12.48
C PRO D 398 9.05 -15.37 11.64
N ASP D 399 9.07 -15.50 10.32
CA ASP D 399 8.66 -14.39 9.47
C ASP D 399 7.26 -13.90 9.75
N ASP D 400 6.33 -14.80 9.99
CA ASP D 400 4.95 -14.36 10.24
C ASP D 400 4.80 -13.64 11.57
N ALA D 401 5.58 -14.05 12.56
CA ALA D 401 5.57 -13.37 13.86
C ALA D 401 6.16 -11.98 13.72
N LYS D 402 7.28 -11.89 12.99
CA LYS D 402 7.94 -10.59 12.79
C LYS D 402 7.01 -9.63 12.01
N TRP D 403 6.46 -10.12 10.90
CA TRP D 403 5.45 -9.41 10.14
C TRP D 403 4.29 -8.90 11.03
N ARG D 404 3.82 -9.72 11.96
CA ARG D 404 2.67 -9.34 12.78
C ARG D 404 3.02 -8.25 13.77
N LEU D 405 4.19 -8.38 14.36
CA LEU D 405 4.70 -7.35 15.30
C LEU D 405 4.85 -6.01 14.54
N ASP D 406 5.33 -6.05 13.28
CA ASP D 406 5.46 -4.82 12.46
C ASP D 406 4.11 -4.20 12.25
N LEU D 407 3.10 -5.02 11.97
CA LEU D 407 1.75 -4.53 11.71
C LEU D 407 1.19 -3.93 12.96
N ILE D 408 1.44 -4.59 14.08
CA ILE D 408 0.86 -4.08 15.32
C ILE D 408 1.50 -2.72 15.68
N LYS D 409 2.80 -2.62 15.44
CA LYS D 409 3.53 -1.37 15.68
C LYS D 409 3.03 -0.23 14.75
N GLU D 410 2.91 -0.54 13.46
CA GLU D 410 2.54 0.44 12.46
C GLU D 410 1.10 0.94 12.58
N TYR D 411 0.16 0.06 12.86
CA TYR D 411 -1.26 0.38 12.85
C TYR D 411 -1.89 0.58 14.19
N TYR D 412 -1.46 -0.16 15.22
CA TYR D 412 -2.26 -0.20 16.45
C TYR D 412 -1.65 0.55 17.65
N VAL D 413 -0.35 0.37 17.87
CA VAL D 413 0.36 1.01 19.03
C VAL D 413 0.08 2.52 19.12
N PRO D 414 0.10 3.24 17.98
CA PRO D 414 -0.22 4.67 18.10
C PRO D 414 -1.58 5.00 18.69
N TYR D 415 -2.52 4.06 18.74
CA TYR D 415 -3.84 4.31 19.33
C TYR D 415 -4.15 3.46 20.59
N MET D 416 -3.15 2.73 21.09
CA MET D 416 -3.24 2.03 22.35
C MET D 416 -2.83 3.04 23.40
N SER D 417 -3.80 3.80 23.83
CA SER D 417 -3.56 4.95 24.70
C SER D 417 -3.71 4.62 26.19
N ASN D 418 -4.06 3.37 26.52
CA ASN D 418 -4.03 2.89 27.87
C ASN D 418 -2.62 2.49 28.21
N VAL D 419 -2.02 3.18 29.16
CA VAL D 419 -0.64 2.93 29.59
C VAL D 419 -0.48 1.46 30.14
N ASN D 420 -1.47 0.99 30.90
CA ASN D 420 -1.52 -0.38 31.41
C ASN D 420 -2.64 -1.27 30.83
N ASN D 421 -2.38 -2.58 30.89
CA ASN D 421 -3.41 -3.62 30.80
C ASN D 421 -3.48 -4.35 32.12
N TYR D 422 -4.39 -5.34 32.25
CA TYR D 422 -4.53 -6.05 33.51
C TYR D 422 -3.36 -7.04 33.68
N PRO D 423 -2.64 -6.97 34.82
CA PRO D 423 -1.46 -7.83 35.01
C PRO D 423 -1.79 -9.31 35.28
N ARG D 424 -0.88 -10.22 34.95
CA ARG D 424 -1.12 -11.63 35.19
C ARG D 424 -0.93 -11.92 36.69
N VAL D 425 -1.98 -11.73 37.48
CA VAL D 425 -1.90 -12.00 38.90
C VAL D 425 -2.27 -13.45 39.23
N PHE D 426 -1.91 -13.87 40.45
CA PHE D 426 -2.28 -15.17 40.97
C PHE D 426 -3.14 -14.95 42.20
N MET D 427 -4.45 -14.98 42.05
CA MET D 427 -5.30 -14.73 43.21
C MET D 427 -5.28 -15.90 44.21
N THR D 428 -5.82 -15.62 45.39
CA THR D 428 -6.02 -16.65 46.40
C THR D 428 -7.11 -17.59 45.95
N GLN D 429 -7.03 -18.81 46.45
CA GLN D 429 -8.02 -19.84 46.17
C GLN D 429 -9.45 -19.39 46.42
N GLU D 430 -9.68 -18.71 47.53
CA GLU D 430 -11.03 -18.17 47.87
C GLU D 430 -11.62 -17.07 46.95
N ASP D 431 -10.77 -16.14 46.51
CA ASP D 431 -11.17 -15.14 45.49
C ASP D 431 -11.42 -15.82 44.14
N LEU D 432 -10.49 -16.71 43.77
CA LEU D 432 -10.65 -17.57 42.61
C LEU D 432 -11.98 -18.22 42.61
N ASP D 433 -12.37 -18.85 43.72
CA ASP D 433 -13.66 -19.56 43.75
C ASP D 433 -14.85 -18.62 43.74
N LYS D 434 -14.74 -17.47 44.42
CA LYS D 434 -15.82 -16.46 44.32
C LYS D 434 -16.03 -15.97 42.85
N ILE D 435 -14.93 -15.57 42.23
CA ILE D 435 -14.93 -15.14 40.82
C ILE D 435 -15.51 -16.21 39.88
N ALA D 436 -15.14 -17.46 40.12
CA ALA D 436 -15.56 -18.55 39.26
C ALA D 436 -17.05 -18.74 39.37
N HIS D 437 -17.62 -18.56 40.56
CA HIS D 437 -19.08 -18.57 40.73
C HIS D 437 -19.79 -17.46 39.95
N ILE D 438 -19.20 -16.28 40.00
CA ILE D 438 -19.80 -15.13 39.37
C ILE D 438 -19.74 -15.37 37.87
N GLU D 439 -18.58 -15.79 37.43
CA GLU D 439 -18.34 -16.01 36.00
C GLU D 439 -19.16 -17.15 35.40
N ALA D 440 -19.47 -18.17 36.19
CA ALA D 440 -20.43 -19.22 35.74
C ALA D 440 -21.77 -18.59 35.24
N ASP D 441 -22.27 -17.54 35.91
CA ASP D 441 -23.46 -16.86 35.41
C ASP D 441 -23.11 -15.85 34.32
N MET D 442 -21.98 -15.15 34.45
CA MET D 442 -21.80 -13.92 33.72
C MET D 442 -21.37 -14.18 32.29
N ASN D 443 -20.45 -15.10 32.14
CA ASN D 443 -19.69 -15.11 30.91
C ASN D 443 -20.52 -15.42 29.67
N ASP D 444 -21.35 -16.47 29.70
CA ASP D 444 -22.22 -16.77 28.55
C ASP D 444 -23.34 -15.75 28.37
N TYR D 445 -23.86 -15.24 29.49
CA TYR D 445 -24.91 -14.23 29.45
C TYR D 445 -24.48 -13.00 28.63
N ILE D 446 -23.23 -12.59 28.81
CA ILE D 446 -22.76 -11.43 28.08
C ILE D 446 -22.85 -11.60 26.57
N TYR D 447 -22.31 -12.70 26.08
CA TYR D 447 -22.35 -13.02 24.66
C TYR D 447 -23.75 -13.31 24.15
N ARG D 448 -24.61 -13.88 25.00
CA ARG D 448 -25.95 -14.21 24.54
C ARG D 448 -26.69 -12.92 24.27
N LYS D 449 -26.58 -11.97 25.20
CA LYS D 449 -27.26 -10.72 25.05
C LYS D 449 -26.75 -9.96 23.85
N ARG D 450 -25.44 -9.92 23.68
CA ARG D 450 -24.83 -9.24 22.52
C ARG D 450 -25.41 -9.75 21.16
N ALA D 451 -25.52 -11.07 21.01
CA ALA D 451 -26.08 -11.73 19.82
C ALA D 451 -27.54 -11.46 19.67
N GLU D 452 -28.25 -11.55 20.79
CA GLU D 452 -29.65 -11.28 20.76
C GLU D 452 -29.89 -9.88 20.21
N TRP D 453 -29.13 -8.91 20.70
CA TRP D 453 -29.35 -7.53 20.34
C TRP D 453 -29.03 -7.25 18.87
N ILE D 454 -28.00 -7.91 18.38
CA ILE D 454 -27.63 -7.77 16.97
C ILE D 454 -28.70 -8.37 16.06
N VAL D 455 -29.28 -9.50 16.48
CA VAL D 455 -30.32 -10.16 15.70
C VAL D 455 -31.70 -9.50 15.84
N ASN D 456 -32.10 -9.05 17.04
CA ASN D 456 -33.46 -8.51 17.29
C ASN D 456 -33.54 -7.02 17.39
N GLY D 457 -32.43 -6.34 17.62
CA GLY D 457 -32.44 -4.86 17.69
C GLY D 457 -33.11 -4.12 18.86
N ASN D 458 -33.21 -4.75 20.01
CA ASN D 458 -33.91 -4.16 21.18
C ASN D 458 -32.99 -3.72 22.32
N ILE D 459 -31.70 -3.53 22.04
CA ILE D 459 -30.76 -3.12 23.09
C ILE D 459 -31.23 -1.89 23.93
N ASP D 460 -31.84 -0.89 23.29
CA ASP D 460 -32.27 0.29 24.04
C ASP D 460 -33.28 -0.03 25.17
N THR D 461 -34.21 -0.93 24.87
CA THR D 461 -35.22 -1.34 25.83
C THR D 461 -34.69 -2.24 26.94
N GLU D 462 -33.62 -2.99 26.66
CA GLU D 462 -33.15 -4.01 27.56
C GLU D 462 -31.85 -3.69 28.24
N TRP D 463 -31.17 -2.61 27.81
CA TRP D 463 -29.88 -2.27 28.36
C TRP D 463 -29.85 -2.13 29.87
N ASP D 464 -30.78 -1.36 30.43
CA ASP D 464 -30.81 -1.21 31.92
C ASP D 464 -31.05 -2.51 32.68
N ASP D 465 -32.04 -3.29 32.26
CA ASP D 465 -32.27 -4.60 32.87
C ASP D 465 -31.05 -5.53 32.78
N TYR D 466 -30.33 -5.46 31.64
CA TYR D 466 -29.16 -6.24 31.47
C TYR D 466 -28.13 -5.88 32.51
N LYS D 467 -27.96 -4.59 32.79
CA LYS D 467 -26.97 -4.18 33.80
C LYS D 467 -27.48 -4.57 35.22
N LYS D 468 -28.78 -4.51 35.44
CA LYS D 468 -29.35 -4.97 36.72
C LYS D 468 -29.07 -6.49 36.95
N GLU D 469 -29.24 -7.25 35.87
CA GLU D 469 -28.95 -8.67 35.85
C GLU D 469 -27.45 -8.94 36.18
N LEU D 470 -26.59 -8.21 35.55
CA LEU D 470 -25.16 -8.41 35.80
C LEU D 470 -24.83 -8.19 37.30
N GLU D 471 -25.47 -7.18 37.89
CA GLU D 471 -25.27 -6.85 39.29
C GLU D 471 -25.79 -7.98 40.22
N LYS D 472 -26.92 -8.56 39.83
CA LYS D 472 -27.43 -9.72 40.51
C LYS D 472 -26.44 -10.88 40.47
N TYR D 473 -25.71 -11.04 39.35
CA TYR D 473 -24.67 -12.07 39.24
C TYR D 473 -23.43 -11.77 40.05
N GLY D 474 -23.28 -10.52 40.44
CA GLY D 474 -22.25 -10.09 41.37
C GLY D 474 -21.19 -9.25 40.73
N LEU D 475 -21.56 -8.52 39.71
CA LEU D 475 -20.57 -7.74 39.00
C LEU D 475 -19.74 -6.80 39.88
N SER D 476 -20.36 -6.10 40.82
CA SER D 476 -19.59 -5.14 41.68
C SER D 476 -18.57 -5.85 42.57
N ASP D 477 -18.93 -7.02 43.14
CA ASP D 477 -17.98 -7.92 43.84
C ASP D 477 -16.79 -8.33 42.95
N TYR D 478 -17.12 -8.77 41.73
CA TYR D 478 -16.12 -9.18 40.72
C TYR D 478 -15.13 -8.04 40.48
N LEU D 479 -15.65 -6.86 40.15
CA LEU D 479 -14.78 -5.69 39.87
C LEU D 479 -13.90 -5.28 41.11
N ALA D 480 -14.49 -5.34 42.30
CA ALA D 480 -13.75 -5.00 43.52
C ALA D 480 -12.61 -6.00 43.69
N ILE D 481 -12.89 -7.28 43.48
CA ILE D 481 -11.79 -8.23 43.58
C ILE D 481 -10.68 -7.93 42.58
N LYS D 482 -11.03 -7.61 41.34
CA LYS D 482 -10.03 -7.32 40.29
C LYS D 482 -9.23 -6.05 40.58
N GLN D 483 -9.93 -5.05 41.10
CA GLN D 483 -9.34 -3.76 41.53
C GLN D 483 -8.32 -4.00 42.66
N LYS D 484 -8.76 -4.78 43.65
CA LYS D 484 -7.90 -5.17 44.79
C LYS D 484 -6.57 -5.74 44.33
N TYR D 485 -6.60 -6.73 43.43
CA TYR D 485 -5.36 -7.29 42.94
C TYR D 485 -4.59 -6.36 42.07
N TYR D 486 -5.28 -5.47 41.34
CA TYR D 486 -4.54 -4.51 40.47
C TYR D 486 -3.74 -3.55 41.38
N ASP D 487 -4.37 -3.07 42.44
CA ASP D 487 -3.76 -2.08 43.36
C ASP D 487 -2.53 -2.71 44.00
N GLN D 488 -2.68 -3.98 44.40
CA GLN D 488 -1.59 -4.68 45.06
C GLN D 488 -0.40 -4.81 44.16
N TYR D 489 -0.69 -5.21 42.92
CA TYR D 489 0.34 -5.36 41.91
C TYR D 489 1.12 -4.01 41.77
N GLN D 490 0.42 -2.88 41.71
CA GLN D 490 1.08 -1.56 41.58
C GLN D 490 1.96 -1.13 42.80
C1 GLC E . -15.13 -26.58 -31.20
C2 GLC E . -15.68 -25.43 -32.00
C3 GLC E . -16.68 -25.95 -33.01
C4 GLC E . -15.98 -26.95 -33.93
C5 GLC E . -15.39 -28.08 -33.09
C6 GLC E . -14.55 -29.06 -33.92
O2 GLC E . -16.34 -24.54 -31.08
O3 GLC E . -17.21 -24.95 -33.87
O4 GLC E . -16.98 -27.43 -34.86
O5 GLC E . -14.57 -27.58 -32.01
O6 GLC E . -14.01 -28.45 -35.08
C1 FRU E . -15.41 -26.74 -28.22
C2 FRU E . -15.93 -27.77 -29.24
C3 FRU E . -17.21 -28.53 -28.78
C4 FRU E . -16.98 -29.95 -29.31
C5 FRU E . -15.44 -30.04 -29.18
C6 FRU E . -14.79 -31.10 -30.05
O1 FRU E . -15.19 -27.42 -26.97
O2 FRU E . -16.19 -27.22 -30.50
O3 FRU E . -18.47 -27.98 -29.22
O4 FRU E . -17.72 -30.99 -28.59
O5 FRU E . -14.89 -28.72 -29.46
O6 FRU E . -14.96 -30.67 -31.37
C1 FRU E . -14.19 -25.56 -25.75
C2 FRU E . -14.07 -27.01 -26.22
C3 FRU E . -13.92 -27.96 -25.07
C4 FRU E . -13.08 -29.07 -25.66
C5 FRU E . -12.13 -28.32 -26.58
C6 FRU E . -11.85 -29.16 -27.83
O1 FRU E . -15.38 -25.26 -25.02
O3 FRU E . -15.23 -28.40 -24.76
O4 FRU E . -12.34 -29.76 -24.67
O5 FRU E . -12.82 -27.13 -26.94
O6 FRU E . -11.24 -28.34 -28.82
C1 FRU E . -15.10 -22.84 -24.78
C2 FRU E . -15.28 -24.18 -24.09
C3 FRU E . -16.49 -24.26 -23.18
C4 FRU E . -16.06 -25.31 -22.21
C5 FRU E . -14.62 -24.90 -22.00
C6 FRU E . -13.69 -26.03 -21.58
O1 FRU E . -16.20 -22.56 -25.61
O3 FRU E . -17.68 -24.67 -23.86
O4 FRU E . -16.82 -25.33 -20.99
O5 FRU E . -14.19 -24.35 -23.24
O6 FRU E . -12.37 -25.52 -21.44
C1 GLC F . 25.20 7.56 -2.45
C2 GLC F . 26.33 6.77 -3.06
C3 GLC F . 27.65 7.39 -2.64
C4 GLC F . 27.65 8.79 -3.14
C5 GLC F . 26.52 9.56 -2.48
C6 GLC F . 26.44 10.98 -3.00
O2 GLC F . 26.32 5.48 -2.54
O3 GLC F . 28.75 6.71 -3.19
O4 GLC F . 28.92 9.32 -2.79
O5 GLC F . 25.30 8.93 -2.82
O6 GLC F . 26.41 10.91 -4.42
C1 FRU F . 23.35 6.11 -0.51
C2 FRU F . 24.14 7.38 -0.27
C3 FRU F . 24.44 7.56 1.23
C4 FRU F . 24.43 9.06 1.36
C5 FRU F . 23.26 9.41 0.42
C6 FRU F . 23.14 10.82 -0.11
O1 FRU F . 22.14 6.05 0.26
O2 FRU F . 25.34 7.42 -1.03
O3 FRU F . 25.67 6.94 1.56
O4 FRU F . 24.15 9.53 2.69
O5 FRU F . 23.41 8.53 -0.68
O6 FRU F . 24.31 11.08 -0.80
C1 FRU F . 21.06 4.24 -0.76
C2 FRU F . 20.92 5.69 -0.41
C3 FRU F . 19.76 5.98 0.53
C4 FRU F . 19.38 7.37 0.16
C5 FRU F . 19.61 7.41 -1.35
C6 FRU F . 20.12 8.76 -1.84
O1 FRU F . 21.28 3.49 0.43
O3 FRU F . 20.17 5.83 1.88
O4 FRU F . 18.05 7.76 0.45
O5 FRU F . 20.60 6.42 -1.60
O6 FRU F . 20.42 8.61 -3.23
C1 FRU F . 21.53 1.32 -0.71
C2 FRU F . 20.89 2.14 0.40
C3 FRU F . 21.03 1.59 1.84
C4 FRU F . 19.76 2.09 2.55
C5 FRU F . 18.76 1.92 1.40
C6 FRU F . 17.58 2.89 1.46
O1 FRU F . 22.91 1.10 -0.43
O3 FRU F . 22.25 1.95 2.48
O4 FRU F . 19.35 1.34 3.71
O5 FRU F . 19.48 2.04 0.16
O6 FRU F . 16.66 2.62 0.36
C1 GLC G . -4.21 38.65 16.13
C2 GLC G . -5.51 38.61 15.37
C3 GLC G . -6.00 40.02 15.15
C4 GLC G . -6.27 40.67 16.45
C5 GLC G . -5.03 40.66 17.30
C6 GLC G . -5.51 41.14 18.69
O2 GLC G . -5.29 38.09 14.11
O3 GLC G . -7.21 40.15 14.48
O4 GLC G . -6.49 42.03 16.22
O5 GLC G . -4.39 39.37 17.35
O6 GLC G . -4.33 41.20 19.48
C1 FRU G . -1.72 37.65 14.75
C2 FRU G . -1.91 39.05 15.36
C3 FRU G . -1.09 40.11 14.64
C4 FRU G . -0.77 41.12 15.72
C5 FRU G . -0.62 40.26 16.92
C6 FRU G . -1.09 41.07 18.14
O1 FRU G . -0.35 37.33 14.85
O2 FRU G . -3.27 39.40 15.33
O3 FRU G . -1.65 40.67 13.44
O4 FRU G . 0.41 41.92 15.54
O5 FRU G . -1.47 39.14 16.72
O6 FRU G . -0.90 40.18 19.22
C1 FRU G . -0.56 34.99 14.18
C2 FRU G . -0.01 35.97 15.23
C3 FRU G . 1.48 35.85 15.41
C4 FRU G . 1.70 36.34 16.80
C5 FRU G . 0.54 35.74 17.52
C6 FRU G . 0.08 36.63 18.70
O1 FRU G . -0.01 35.22 12.88
O3 FRU G . 2.17 36.66 14.47
O4 FRU G . 2.93 35.92 17.37
O5 FRU G . -0.51 35.61 16.54
O6 FRU G . -1.16 36.12 19.14
C1 FRU G . -1.35 33.48 11.72
C2 FRU G . 0.05 34.06 12.03
C3 FRU G . 0.89 34.45 10.82
C4 FRU G . 2.28 34.29 11.37
C5 FRU G . 2.14 32.99 12.17
C6 FRU G . 3.20 32.86 13.30
O1 FRU G . -2.24 34.40 11.09
O3 FRU G . 0.73 35.81 10.42
O4 FRU G . 3.28 34.28 10.34
O5 FRU G . 0.81 33.02 12.68
O6 FRU G . 2.95 31.71 14.18
C1 GLC H . -3.44 -21.51 19.73
C2 GLC H . -3.39 -21.43 21.24
C3 GLC H . -3.50 -22.83 21.82
C4 GLC H . -4.75 -23.49 21.29
C5 GLC H . -4.71 -23.51 19.74
C6 GLC H . -5.93 -24.17 19.11
O2 GLC H . -2.12 -20.88 21.58
O3 GLC H . -3.54 -22.81 23.23
O4 GLC H . -4.79 -24.83 21.78
O5 GLC H . -4.59 -22.16 19.27
O6 GLC H . -7.06 -23.59 19.73
C1 FRU H . -1.15 -20.55 18.20
C2 FRU H . -1.70 -21.99 18.12
C3 FRU H . -0.64 -23.02 17.77
C4 FRU H . -1.35 -24.10 16.98
C5 FRU H . -2.39 -23.24 16.27
C6 FRU H . -3.68 -24.00 16.07
O1 FRU H . -0.60 -20.18 16.93
O2 FRU H . -2.34 -22.33 19.31
O3 FRU H . 0.06 -23.52 18.92
O4 FRU H . -0.53 -24.83 16.03
O5 FRU H . -2.64 -22.08 17.10
O6 FRU H . -4.41 -23.20 15.14
C1 FRU H . -0.08 -17.84 17.50
C2 FRU H . -0.75 -18.83 16.53
C3 FRU H . -0.14 -18.79 15.14
C4 FRU H . -1.33 -19.16 14.29
C5 FRU H . -2.51 -18.59 15.06
C6 FRU H . -3.68 -19.59 14.89
O1 FRU H . 1.33 -18.08 17.61
O3 FRU H . 0.97 -19.71 14.91
O4 FRU H . -1.33 -18.69 12.93
O5 FRU H . -2.15 -18.43 16.46
O6 FRU H . -4.74 -18.87 15.50
C1 FRU H . 1.71 -16.33 19.31
C2 FRU H . 2.12 -16.90 17.96
C3 FRU H . 3.59 -17.36 17.87
C4 FRU H . 3.88 -17.23 16.39
C5 FRU H . 3.11 -15.94 16.00
C6 FRU H . 2.61 -15.82 14.58
O1 FRU H . 1.93 -17.20 20.43
O3 FRU H . 3.73 -18.67 18.36
O4 FRU H . 5.27 -17.18 16.08
O5 FRU H . 2.01 -15.89 16.91
O6 FRU H . 1.77 -14.65 14.45
CA CA I . 12.65 -43.25 -24.66
CA CA J . 2.57 -5.42 -38.64
C1 GOL K . -20.03 -26.16 -36.30
O1 GOL K . -19.75 -25.75 -34.96
C2 GOL K . -19.63 -25.03 -37.22
O2 GOL K . -20.56 -23.94 -37.10
C3 GOL K . -19.63 -25.56 -38.63
O3 GOL K . -19.56 -24.42 -39.47
CA CA L . -1.33 24.88 -10.75
CA CA M . 22.74 -3.50 -28.89
C1 GOL N . 31.96 8.39 -2.11
O1 GOL N . 30.93 7.44 -1.80
C2 GOL N . 32.77 7.86 -3.27
O2 GOL N . 33.44 6.68 -2.80
C3 GOL N . 33.82 8.84 -3.82
O3 GOL N . 34.44 8.21 -4.95
CL CL O . 7.79 -7.67 -22.94
CA CA P . 10.91 28.27 43.46
CA CA Q . -23.42 18.21 22.05
C1 GOL R . -8.24 43.95 14.13
O1 GOL R . -7.44 42.92 13.56
C2 GOL R . -9.71 43.57 14.08
O2 GOL R . -10.08 43.57 12.70
C3 GOL R . -10.57 44.60 14.80
O3 GOL R . -11.96 44.30 14.61
CA CA S . -19.91 -11.15 -7.15
CA CA T . -17.65 -0.27 33.07
C1 GOL U . -5.81 -26.20 26.41
O1 GOL U . -6.27 -26.68 27.67
C2 GOL U . -4.40 -26.65 26.07
O2 GOL U . -3.49 -25.98 26.95
C3 GOL U . -4.03 -26.48 24.58
O3 GOL U . -3.04 -25.45 24.30
#